data_7HM6
# 
_entry.id   7HM6 
# 
_audit_conform.dict_name       mmcif_pdbx.dic 
_audit_conform.dict_version    5.399 
_audit_conform.dict_location   http://mmcif.pdb.org/dictionaries/ascii/mmcif_pdbx.dic 
# 
loop_
_database_2.database_id 
_database_2.database_code 
_database_2.pdbx_database_accession 
_database_2.pdbx_DOI 
PDB   7HM6         pdb_00007hm6 10.2210/pdb7hm6/pdb 
WWPDB D_1001407648 ?            ?                   
# 
_pdbx_audit_revision_history.ordinal             1 
_pdbx_audit_revision_history.data_content_type   'Structure model' 
_pdbx_audit_revision_history.major_revision      1 
_pdbx_audit_revision_history.minor_revision      0 
_pdbx_audit_revision_history.revision_date       2024-11-27 
# 
_pdbx_audit_revision_details.ordinal             1 
_pdbx_audit_revision_details.revision_ordinal    1 
_pdbx_audit_revision_details.data_content_type   'Structure model' 
_pdbx_audit_revision_details.provider            repository 
_pdbx_audit_revision_details.type                'Initial release' 
_pdbx_audit_revision_details.description         ? 
_pdbx_audit_revision_details.details             ? 
# 
_pdbx_database_status.entry_id                        7HM6 
_pdbx_database_status.status_code                     REL 
_pdbx_database_status.status_code_sf                  REL 
_pdbx_database_status.status_code_mr                  ? 
_pdbx_database_status.status_code_cs                  ? 
_pdbx_database_status.recvd_initial_deposition_date   2024-11-04 
_pdbx_database_status.status_code_nmr_data            ? 
_pdbx_database_status.deposit_site                    RCSB 
_pdbx_database_status.process_site                    RCSB 
_pdbx_database_status.SG_entry                        ? 
_pdbx_database_status.pdb_format_compatible           N 
_pdbx_database_status.methods_development_category    ? 
# 
_pdbx_contact_author.id                 1 
_pdbx_contact_author.email              knapp@pharmchem.uni-frankfurt.de 
_pdbx_contact_author.name_first         Stefan 
_pdbx_contact_author.name_last          Knapp 
_pdbx_contact_author.role               'principal investigator/group leader' 
_pdbx_contact_author.identifier_ORCID   0000-0001-5995-6494 
_pdbx_contact_author.name_mi            ? 
# 
loop_
_audit_author.name 
_audit_author.pdbx_ordinal 
'Kim, Y.'                              1 
'Marples, P.'                          2 
'Fearon, D.'                           3 
'von Delft, F.'                        4 
'Knapp, S.'                            5 
'Kraemer, A.'                          6 
'Structural Genomics Consortium (SGC)' 7 
# 
_citation.id                        primary 
_citation.title                     'PanDDA analysis group deposition' 
_citation.journal_abbrev            'To Be Published' 
_citation.journal_volume            ? 
_citation.page_first                ? 
_citation.page_last                 ? 
_citation.year                      ? 
_citation.journal_id_ASTM           ? 
_citation.country                   ? 
_citation.journal_id_ISSN           ? 
_citation.journal_id_CSD            0353 
_citation.book_publisher            ? 
_citation.pdbx_database_id_PubMed   ? 
_citation.pdbx_database_id_DOI      ? 
# 
loop_
_citation_author.citation_id 
_citation_author.name 
_citation_author.identifier_ORCID 
_citation_author.ordinal 
primary 'Kim, Y.'                              ? 1 
primary 'Marples, P.'                          ? 2 
primary 'Fearon, D.'                           ? 3 
primary 'von Delft, F.'                        ? 4 
primary 'Knapp, S.'                            ? 5 
primary 'Kraemer, A.'                          ? 6 
primary 'Structural Genomics Consortium (SGC)' ? 7 
# 
loop_
_entity.id 
_entity.type 
_entity.src_method 
_entity.pdbx_description 
_entity.formula_weight 
_entity.pdbx_number_of_molecules 
_entity.pdbx_ec 
_entity.pdbx_mutation 
_entity.pdbx_fragment 
_entity.details 
1 polymer     man 'E3 ubiquitin-protein ligase TRIM21'    21596.361 1  2.3.2.27 ? ? ? 
2 non-polymer syn 1,2-ETHANEDIOL                          62.068    2  ?        ? ? ? 
3 non-polymer syn '5-fluoro-N-(oxan-4-yl)pyridin-2-amine' 196.221   1  ?        ? ? ? 
4 non-polymer syn 'SULFATE ION'                           96.063    1  ?        ? ? ? 
5 water       nat water                                   18.015    38 ?        ? ? ? 
# 
_entity_name_com.entity_id   1 
_entity_name_com.name        
;52 kDa Ro protein,52 kDa ribonucleoprotein autoantigen Ro/SS-A,Ro(SS-A),Sjoegren syndrome type A antigen,SS-A,Tripartite motif-containing protein 21
;
# 
_entity_poly.entity_id                      1 
_entity_poly.type                           'polypeptide(L)' 
_entity_poly.nstd_linkage                   no 
_entity_poly.nstd_monomer                   no 
_entity_poly.pdbx_seq_one_letter_code       
;MHHHHHHMVHITLDRNTANSWLIISKDRRQVRMGDTHQNVSDNKERFSNYPMVLGAQRFSSGKMYWEVDVTQKEAWDLGV
CRDSVQRKGQFSLSPENGFWTIWLWQDSYEAGTSPQTTLHIQVPPCQIGIFVDYEAGVVSFYNITDHGSLIYTFSECVFA
GPLRPFFNVGFNYSGGNAAPLKLCPLKM
;
_entity_poly.pdbx_seq_one_letter_code_can   
;MHHHHHHMVHITLDRNTANSWLIISKDRRQVRMGDTHQNVSDNKERFSNYPMVLGAQRFSSGKMYWEVDVTQKEAWDLGV
CRDSVQRKGQFSLSPENGFWTIWLWQDSYEAGTSPQTTLHIQVPPCQIGIFVDYEAGVVSFYNITDHGSLIYTFSECVFA
GPLRPFFNVGFNYSGGNAAPLKLCPLKM
;
_entity_poly.pdbx_strand_id                 B 
_entity_poly.pdbx_target_identifier         ? 
# 
loop_
_pdbx_entity_nonpoly.entity_id 
_pdbx_entity_nonpoly.name 
_pdbx_entity_nonpoly.comp_id 
2 1,2-ETHANEDIOL                          EDO   
3 '5-fluoro-N-(oxan-4-yl)pyridin-2-amine' A1BDJ 
4 'SULFATE ION'                           SO4   
5 water                                   HOH   
# 
loop_
_entity_poly_seq.entity_id 
_entity_poly_seq.num 
_entity_poly_seq.mon_id 
_entity_poly_seq.hetero 
1 1   MET n 
1 2   HIS n 
1 3   HIS n 
1 4   HIS n 
1 5   HIS n 
1 6   HIS n 
1 7   HIS n 
1 8   MET n 
1 9   VAL n 
1 10  HIS n 
1 11  ILE n 
1 12  THR n 
1 13  LEU n 
1 14  ASP n 
1 15  ARG n 
1 16  ASN n 
1 17  THR n 
1 18  ALA n 
1 19  ASN n 
1 20  SER n 
1 21  TRP n 
1 22  LEU n 
1 23  ILE n 
1 24  ILE n 
1 25  SER n 
1 26  LYS n 
1 27  ASP n 
1 28  ARG n 
1 29  ARG n 
1 30  GLN n 
1 31  VAL n 
1 32  ARG n 
1 33  MET n 
1 34  GLY n 
1 35  ASP n 
1 36  THR n 
1 37  HIS n 
1 38  GLN n 
1 39  ASN n 
1 40  VAL n 
1 41  SER n 
1 42  ASP n 
1 43  ASN n 
1 44  LYS n 
1 45  GLU n 
1 46  ARG n 
1 47  PHE n 
1 48  SER n 
1 49  ASN n 
1 50  TYR n 
1 51  PRO n 
1 52  MET n 
1 53  VAL n 
1 54  LEU n 
1 55  GLY n 
1 56  ALA n 
1 57  GLN n 
1 58  ARG n 
1 59  PHE n 
1 60  SER n 
1 61  SER n 
1 62  GLY n 
1 63  LYS n 
1 64  MET n 
1 65  TYR n 
1 66  TRP n 
1 67  GLU n 
1 68  VAL n 
1 69  ASP n 
1 70  VAL n 
1 71  THR n 
1 72  GLN n 
1 73  LYS n 
1 74  GLU n 
1 75  ALA n 
1 76  TRP n 
1 77  ASP n 
1 78  LEU n 
1 79  GLY n 
1 80  VAL n 
1 81  CYS n 
1 82  ARG n 
1 83  ASP n 
1 84  SER n 
1 85  VAL n 
1 86  GLN n 
1 87  ARG n 
1 88  LYS n 
1 89  GLY n 
1 90  GLN n 
1 91  PHE n 
1 92  SER n 
1 93  LEU n 
1 94  SER n 
1 95  PRO n 
1 96  GLU n 
1 97  ASN n 
1 98  GLY n 
1 99  PHE n 
1 100 TRP n 
1 101 THR n 
1 102 ILE n 
1 103 TRP n 
1 104 LEU n 
1 105 TRP n 
1 106 GLN n 
1 107 ASP n 
1 108 SER n 
1 109 TYR n 
1 110 GLU n 
1 111 ALA n 
1 112 GLY n 
1 113 THR n 
1 114 SER n 
1 115 PRO n 
1 116 GLN n 
1 117 THR n 
1 118 THR n 
1 119 LEU n 
1 120 HIS n 
1 121 ILE n 
1 122 GLN n 
1 123 VAL n 
1 124 PRO n 
1 125 PRO n 
1 126 CYS n 
1 127 GLN n 
1 128 ILE n 
1 129 GLY n 
1 130 ILE n 
1 131 PHE n 
1 132 VAL n 
1 133 ASP n 
1 134 TYR n 
1 135 GLU n 
1 136 ALA n 
1 137 GLY n 
1 138 VAL n 
1 139 VAL n 
1 140 SER n 
1 141 PHE n 
1 142 TYR n 
1 143 ASN n 
1 144 ILE n 
1 145 THR n 
1 146 ASP n 
1 147 HIS n 
1 148 GLY n 
1 149 SER n 
1 150 LEU n 
1 151 ILE n 
1 152 TYR n 
1 153 THR n 
1 154 PHE n 
1 155 SER n 
1 156 GLU n 
1 157 CYS n 
1 158 VAL n 
1 159 PHE n 
1 160 ALA n 
1 161 GLY n 
1 162 PRO n 
1 163 LEU n 
1 164 ARG n 
1 165 PRO n 
1 166 PHE n 
1 167 PHE n 
1 168 ASN n 
1 169 VAL n 
1 170 GLY n 
1 171 PHE n 
1 172 ASN n 
1 173 TYR n 
1 174 SER n 
1 175 GLY n 
1 176 GLY n 
1 177 ASN n 
1 178 ALA n 
1 179 ALA n 
1 180 PRO n 
1 181 LEU n 
1 182 LYS n 
1 183 LEU n 
1 184 CYS n 
1 185 PRO n 
1 186 LEU n 
1 187 LYS n 
1 188 MET n 
# 
_entity_src_gen.entity_id                          1 
_entity_src_gen.pdbx_src_id                        1 
_entity_src_gen.pdbx_alt_source_flag               sample 
_entity_src_gen.pdbx_seq_type                      'Biological sequence' 
_entity_src_gen.pdbx_beg_seq_num                   1 
_entity_src_gen.pdbx_end_seq_num                   188 
_entity_src_gen.gene_src_common_name               'house mouse' 
_entity_src_gen.gene_src_genus                     ? 
_entity_src_gen.pdbx_gene_src_gene                 'Trim21, Ro52, Ssa1' 
_entity_src_gen.gene_src_species                   ? 
_entity_src_gen.gene_src_strain                    ? 
_entity_src_gen.gene_src_tissue                    ? 
_entity_src_gen.gene_src_tissue_fraction           ? 
_entity_src_gen.gene_src_details                   ? 
_entity_src_gen.pdbx_gene_src_fragment             ? 
_entity_src_gen.pdbx_gene_src_scientific_name      'Mus musculus' 
_entity_src_gen.pdbx_gene_src_ncbi_taxonomy_id     10090 
_entity_src_gen.pdbx_gene_src_variant              ? 
_entity_src_gen.pdbx_gene_src_cell_line            ? 
_entity_src_gen.pdbx_gene_src_atcc                 ? 
_entity_src_gen.pdbx_gene_src_organ                ? 
_entity_src_gen.pdbx_gene_src_organelle            ? 
_entity_src_gen.pdbx_gene_src_cell                 ? 
_entity_src_gen.pdbx_gene_src_cellular_location    ? 
_entity_src_gen.host_org_common_name               ? 
_entity_src_gen.pdbx_host_org_scientific_name      'Escherichia coli' 
_entity_src_gen.pdbx_host_org_ncbi_taxonomy_id     562 
_entity_src_gen.host_org_genus                     ? 
_entity_src_gen.pdbx_host_org_gene                 ? 
_entity_src_gen.pdbx_host_org_organ                ? 
_entity_src_gen.host_org_species                   ? 
_entity_src_gen.pdbx_host_org_tissue               ? 
_entity_src_gen.pdbx_host_org_tissue_fraction      ? 
_entity_src_gen.pdbx_host_org_strain               ? 
_entity_src_gen.pdbx_host_org_variant              ? 
_entity_src_gen.pdbx_host_org_cell_line            ? 
_entity_src_gen.pdbx_host_org_atcc                 ? 
_entity_src_gen.pdbx_host_org_culture_collection   ? 
_entity_src_gen.pdbx_host_org_cell                 ? 
_entity_src_gen.pdbx_host_org_organelle            ? 
_entity_src_gen.pdbx_host_org_cellular_location    ? 
_entity_src_gen.pdbx_host_org_vector_type          ? 
_entity_src_gen.pdbx_host_org_vector               ? 
_entity_src_gen.host_org_details                   ? 
_entity_src_gen.expression_system_id               ? 
_entity_src_gen.plasmid_name                       ? 
_entity_src_gen.plasmid_details                    ? 
_entity_src_gen.pdbx_description                   ? 
# 
loop_
_chem_comp.id 
_chem_comp.type 
_chem_comp.mon_nstd_flag 
_chem_comp.name 
_chem_comp.pdbx_synonyms 
_chem_comp.formula 
_chem_comp.formula_weight 
A1BDJ non-polymer         . '5-fluoro-N-(oxan-4-yl)pyridin-2-amine' ?                 'C10 H13 F N2 O' 196.221 
ALA   'L-peptide linking' y ALANINE                                 ?                 'C3 H7 N O2'     89.093  
ARG   'L-peptide linking' y ARGININE                                ?                 'C6 H15 N4 O2 1' 175.209 
ASN   'L-peptide linking' y ASPARAGINE                              ?                 'C4 H8 N2 O3'    132.118 
ASP   'L-peptide linking' y 'ASPARTIC ACID'                         ?                 'C4 H7 N O4'     133.103 
CYS   'L-peptide linking' y CYSTEINE                                ?                 'C3 H7 N O2 S'   121.158 
EDO   non-polymer         . 1,2-ETHANEDIOL                          'ETHYLENE GLYCOL' 'C2 H6 O2'       62.068  
GLN   'L-peptide linking' y GLUTAMINE                               ?                 'C5 H10 N2 O3'   146.144 
GLU   'L-peptide linking' y 'GLUTAMIC ACID'                         ?                 'C5 H9 N O4'     147.129 
GLY   'peptide linking'   y GLYCINE                                 ?                 'C2 H5 N O2'     75.067  
HIS   'L-peptide linking' y HISTIDINE                               ?                 'C6 H10 N3 O2 1' 156.162 
HOH   non-polymer         . WATER                                   ?                 'H2 O'           18.015  
ILE   'L-peptide linking' y ISOLEUCINE                              ?                 'C6 H13 N O2'    131.173 
LEU   'L-peptide linking' y LEUCINE                                 ?                 'C6 H13 N O2'    131.173 
LYS   'L-peptide linking' y LYSINE                                  ?                 'C6 H15 N2 O2 1' 147.195 
MET   'L-peptide linking' y METHIONINE                              ?                 'C5 H11 N O2 S'  149.211 
PHE   'L-peptide linking' y PHENYLALANINE                           ?                 'C9 H11 N O2'    165.189 
PRO   'L-peptide linking' y PROLINE                                 ?                 'C5 H9 N O2'     115.130 
SER   'L-peptide linking' y SERINE                                  ?                 'C3 H7 N O3'     105.093 
SO4   non-polymer         . 'SULFATE ION'                           ?                 'O4 S -2'        96.063  
THR   'L-peptide linking' y THREONINE                               ?                 'C4 H9 N O3'     119.119 
TRP   'L-peptide linking' y TRYPTOPHAN                              ?                 'C11 H12 N2 O2'  204.225 
TYR   'L-peptide linking' y TYROSINE                                ?                 'C9 H11 N O3'    181.189 
VAL   'L-peptide linking' y VALINE                                  ?                 'C5 H11 N O2'    117.146 
# 
loop_
_pdbx_poly_seq_scheme.asym_id 
_pdbx_poly_seq_scheme.entity_id 
_pdbx_poly_seq_scheme.seq_id 
_pdbx_poly_seq_scheme.mon_id 
_pdbx_poly_seq_scheme.ndb_seq_num 
_pdbx_poly_seq_scheme.pdb_seq_num 
_pdbx_poly_seq_scheme.auth_seq_num 
_pdbx_poly_seq_scheme.pdb_mon_id 
_pdbx_poly_seq_scheme.auth_mon_id 
_pdbx_poly_seq_scheme.pdb_strand_id 
_pdbx_poly_seq_scheme.pdb_ins_code 
_pdbx_poly_seq_scheme.hetero 
A 1 1   MET 1   7   ?   ?   ?   B . n 
A 1 2   HIS 2   8   8   HIS HIS B . n 
A 1 3   HIS 3   9   9   HIS HIS B . n 
A 1 4   HIS 4   10  10  HIS HIS B . n 
A 1 5   HIS 5   11  11  HIS HIS B . n 
A 1 6   HIS 6   12  12  HIS HIS B . n 
A 1 7   HIS 7   13  13  HIS HIS B . n 
A 1 8   MET 8   14  14  MET MET B . n 
A 1 9   VAL 9   15  15  VAL VAL B . n 
A 1 10  HIS 10  16  16  HIS HIS B . n 
A 1 11  ILE 11  17  17  ILE ILE B . n 
A 1 12  THR 12  18  18  THR THR B . n 
A 1 13  LEU 13  19  19  LEU LEU B . n 
A 1 14  ASP 14  20  20  ASP ASP B . n 
A 1 15  ARG 15  21  21  ARG ARG B . n 
A 1 16  ASN 16  22  22  ASN ASN B . n 
A 1 17  THR 17  23  23  THR THR B . n 
A 1 18  ALA 18  24  24  ALA ALA B . n 
A 1 19  ASN 19  25  25  ASN ASN B . n 
A 1 20  SER 20  26  26  SER SER B . n 
A 1 21  TRP 21  27  27  TRP TRP B . n 
A 1 22  LEU 22  28  28  LEU LEU B . n 
A 1 23  ILE 23  29  29  ILE ILE B . n 
A 1 24  ILE 24  30  30  ILE ILE B . n 
A 1 25  SER 25  31  31  SER SER B . n 
A 1 26  LYS 26  32  32  LYS LYS B . n 
A 1 27  ASP 27  33  33  ASP ASP B . n 
A 1 28  ARG 28  34  34  ARG ARG B . n 
A 1 29  ARG 29  35  35  ARG ARG B . n 
A 1 30  GLN 30  36  36  GLN GLN B . n 
A 1 31  VAL 31  37  37  VAL VAL B . n 
A 1 32  ARG 32  38  38  ARG ARG B . n 
A 1 33  MET 33  39  39  MET MET B . n 
A 1 34  GLY 34  40  40  GLY GLY B . n 
A 1 35  ASP 35  41  41  ASP ASP B . n 
A 1 36  THR 36  42  42  THR THR B . n 
A 1 37  HIS 37  43  43  HIS HIS B . n 
A 1 38  GLN 38  44  44  GLN GLN B . n 
A 1 39  ASN 39  45  45  ASN ASN B . n 
A 1 40  VAL 40  46  46  VAL VAL B . n 
A 1 41  SER 41  47  47  SER SER B . n 
A 1 42  ASP 42  48  48  ASP ASP B . n 
A 1 43  ASN 43  49  49  ASN ASN B . n 
A 1 44  LYS 44  50  50  LYS LYS B . n 
A 1 45  GLU 45  51  51  GLU GLU B . n 
A 1 46  ARG 46  52  52  ARG ARG B . n 
A 1 47  PHE 47  53  53  PHE PHE B . n 
A 1 48  SER 48  54  54  SER SER B . n 
A 1 49  ASN 49  55  55  ASN ASN B . n 
A 1 50  TYR 50  56  56  TYR TYR B . n 
A 1 51  PRO 51  57  57  PRO PRO B . n 
A 1 52  MET 52  58  58  MET MET B . n 
A 1 53  VAL 53  59  59  VAL VAL B . n 
A 1 54  LEU 54  60  60  LEU LEU B . n 
A 1 55  GLY 55  61  61  GLY GLY B . n 
A 1 56  ALA 56  62  62  ALA ALA B . n 
A 1 57  GLN 57  63  63  GLN GLN B . n 
A 1 58  ARG 58  64  64  ARG ARG B . n 
A 1 59  PHE 59  65  65  PHE PHE B . n 
A 1 60  SER 60  66  66  SER SER B . n 
A 1 61  SER 61  67  67  SER SER B . n 
A 1 62  GLY 62  68  68  GLY GLY B . n 
A 1 63  LYS 63  69  69  LYS LYS B . n 
A 1 64  MET 64  70  70  MET MET B . n 
A 1 65  TYR 65  71  71  TYR TYR B . n 
A 1 66  TRP 66  72  72  TRP TRP B . n 
A 1 67  GLU 67  73  73  GLU GLU B . n 
A 1 68  VAL 68  74  74  VAL VAL B . n 
A 1 69  ASP 69  75  75  ASP ASP B . n 
A 1 70  VAL 70  76  76  VAL VAL B . n 
A 1 71  THR 71  77  77  THR THR B . n 
A 1 72  GLN 72  78  78  GLN GLN B . n 
A 1 73  LYS 73  79  79  LYS LYS B . n 
A 1 74  GLU 74  80  80  GLU GLU B . n 
A 1 75  ALA 75  81  81  ALA ALA B . n 
A 1 76  TRP 76  82  82  TRP TRP B . n 
A 1 77  ASP 77  83  83  ASP ASP B . n 
A 1 78  LEU 78  84  84  LEU LEU B . n 
A 1 79  GLY 79  85  85  GLY GLY B . n 
A 1 80  VAL 80  86  86  VAL VAL B . n 
A 1 81  CYS 81  87  87  CYS CYS B . n 
A 1 82  ARG 82  88  88  ARG ARG B . n 
A 1 83  ASP 83  89  89  ASP ASP B . n 
A 1 84  SER 84  90  90  SER SER B . n 
A 1 85  VAL 85  91  91  VAL VAL B . n 
A 1 86  GLN 86  92  92  GLN GLN B . n 
A 1 87  ARG 87  93  93  ARG ARG B . n 
A 1 88  LYS 88  94  94  LYS LYS B . n 
A 1 89  GLY 89  95  95  GLY GLY B . n 
A 1 90  GLN 90  96  96  GLN GLN B . n 
A 1 91  PHE 91  97  97  PHE PHE B . n 
A 1 92  SER 92  98  98  SER SER B . n 
A 1 93  LEU 93  99  99  LEU LEU B . n 
A 1 94  SER 94  100 100 SER SER B . n 
A 1 95  PRO 95  101 101 PRO PRO B . n 
A 1 96  GLU 96  102 102 GLU GLU B . n 
A 1 97  ASN 97  103 103 ASN ASN B . n 
A 1 98  GLY 98  104 104 GLY GLY B . n 
A 1 99  PHE 99  105 105 PHE PHE B . n 
A 1 100 TRP 100 106 106 TRP TRP B . n 
A 1 101 THR 101 107 107 THR THR B . n 
A 1 102 ILE 102 108 108 ILE ILE B . n 
A 1 103 TRP 103 109 109 TRP TRP B . n 
A 1 104 LEU 104 110 110 LEU LEU B . n 
A 1 105 TRP 105 111 111 TRP TRP B . n 
A 1 106 GLN 106 112 112 GLN GLN B . n 
A 1 107 ASP 107 113 113 ASP ASP B . n 
A 1 108 SER 108 114 114 SER SER B . n 
A 1 109 TYR 109 115 115 TYR TYR B . n 
A 1 110 GLU 110 116 116 GLU GLU B . n 
A 1 111 ALA 111 117 117 ALA ALA B . n 
A 1 112 GLY 112 118 118 GLY GLY B . n 
A 1 113 THR 113 119 119 THR THR B . n 
A 1 114 SER 114 120 120 SER SER B . n 
A 1 115 PRO 115 121 121 PRO PRO B . n 
A 1 116 GLN 116 122 122 GLN GLN B . n 
A 1 117 THR 117 123 123 THR THR B . n 
A 1 118 THR 118 124 124 THR THR B . n 
A 1 119 LEU 119 125 125 LEU LEU B . n 
A 1 120 HIS 120 126 126 HIS HIS B . n 
A 1 121 ILE 121 127 127 ILE ILE B . n 
A 1 122 GLN 122 128 128 GLN GLN B . n 
A 1 123 VAL 123 129 129 VAL VAL B . n 
A 1 124 PRO 124 130 130 PRO PRO B . n 
A 1 125 PRO 125 131 131 PRO PRO B . n 
A 1 126 CYS 126 132 132 CYS CYS B . n 
A 1 127 GLN 127 133 133 GLN GLN B . n 
A 1 128 ILE 128 134 134 ILE ILE B . n 
A 1 129 GLY 129 135 135 GLY GLY B . n 
A 1 130 ILE 130 136 136 ILE ILE B . n 
A 1 131 PHE 131 137 137 PHE PHE B . n 
A 1 132 VAL 132 138 138 VAL VAL B . n 
A 1 133 ASP 133 139 139 ASP ASP B . n 
A 1 134 TYR 134 140 140 TYR TYR B . n 
A 1 135 GLU 135 141 141 GLU GLU B . n 
A 1 136 ALA 136 142 142 ALA ALA B . n 
A 1 137 GLY 137 143 143 GLY GLY B . n 
A 1 138 VAL 138 144 144 VAL VAL B . n 
A 1 139 VAL 139 145 145 VAL VAL B . n 
A 1 140 SER 140 146 146 SER SER B . n 
A 1 141 PHE 141 147 147 PHE PHE B . n 
A 1 142 TYR 142 148 148 TYR TYR B . n 
A 1 143 ASN 143 149 149 ASN ASN B . n 
A 1 144 ILE 144 150 150 ILE ILE B . n 
A 1 145 THR 145 151 151 THR THR B . n 
A 1 146 ASP 146 152 152 ASP ASP B . n 
A 1 147 HIS 147 153 153 HIS HIS B . n 
A 1 148 GLY 148 154 154 GLY GLY B . n 
A 1 149 SER 149 155 155 SER SER B . n 
A 1 150 LEU 150 156 156 LEU LEU B . n 
A 1 151 ILE 151 157 157 ILE ILE B . n 
A 1 152 TYR 152 158 158 TYR TYR B . n 
A 1 153 THR 153 159 159 THR THR B . n 
A 1 154 PHE 154 160 160 PHE PHE B . n 
A 1 155 SER 155 161 161 SER SER B . n 
A 1 156 GLU 156 162 162 GLU GLU B . n 
A 1 157 CYS 157 163 163 CYS CYS B . n 
A 1 158 VAL 158 164 164 VAL VAL B . n 
A 1 159 PHE 159 165 165 PHE PHE B . n 
A 1 160 ALA 160 166 166 ALA ALA B . n 
A 1 161 GLY 161 167 167 GLY GLY B . n 
A 1 162 PRO 162 168 168 PRO PRO B . n 
A 1 163 LEU 163 169 169 LEU LEU B . n 
A 1 164 ARG 164 170 170 ARG ARG B . n 
A 1 165 PRO 165 171 171 PRO PRO B . n 
A 1 166 PHE 166 172 172 PHE PHE B . n 
A 1 167 PHE 167 173 173 PHE PHE B . n 
A 1 168 ASN 168 174 174 ASN ASN B . n 
A 1 169 VAL 169 175 175 VAL VAL B . n 
A 1 170 GLY 170 176 176 GLY GLY B . n 
A 1 171 PHE 171 177 177 PHE PHE B . n 
A 1 172 ASN 172 178 178 ASN ASN B . n 
A 1 173 TYR 173 179 179 TYR TYR B . n 
A 1 174 SER 174 180 180 SER SER B . n 
A 1 175 GLY 175 181 181 GLY GLY B . n 
A 1 176 GLY 176 182 182 GLY GLY B . n 
A 1 177 ASN 177 183 183 ASN ASN B . n 
A 1 178 ALA 178 184 184 ALA ALA B . n 
A 1 179 ALA 179 185 185 ALA ALA B . n 
A 1 180 PRO 180 186 186 PRO PRO B . n 
A 1 181 LEU 181 187 187 LEU LEU B . n 
A 1 182 LYS 182 188 188 LYS LYS B . n 
A 1 183 LEU 183 189 189 LEU LEU B . n 
A 1 184 CYS 184 190 190 CYS CYS B . n 
A 1 185 PRO 185 191 191 PRO PRO B . n 
A 1 186 LEU 186 192 192 LEU LEU B . n 
A 1 187 LYS 187 193 ?   ?   ?   B . n 
A 1 188 MET 188 194 ?   ?   ?   B . n 
# 
_pdbx_entity_instance_feature.ordinal        1 
_pdbx_entity_instance_feature.comp_id        A1BDJ 
_pdbx_entity_instance_feature.asym_id        ? 
_pdbx_entity_instance_feature.seq_num        ? 
_pdbx_entity_instance_feature.auth_comp_id   A1BDJ 
_pdbx_entity_instance_feature.auth_asym_id   ? 
_pdbx_entity_instance_feature.auth_seq_num   ? 
_pdbx_entity_instance_feature.feature_type   'SUBJECT OF INVESTIGATION' 
_pdbx_entity_instance_feature.details        ? 
# 
loop_
_pdbx_nonpoly_scheme.asym_id 
_pdbx_nonpoly_scheme.entity_id 
_pdbx_nonpoly_scheme.mon_id 
_pdbx_nonpoly_scheme.ndb_seq_num 
_pdbx_nonpoly_scheme.pdb_seq_num 
_pdbx_nonpoly_scheme.auth_seq_num 
_pdbx_nonpoly_scheme.pdb_mon_id 
_pdbx_nonpoly_scheme.auth_mon_id 
_pdbx_nonpoly_scheme.pdb_strand_id 
_pdbx_nonpoly_scheme.pdb_ins_code 
B 2 EDO   1  201 202 EDO   EDO B . 
C 3 A1BDJ 1  202 302 A1BDJ LIG B . 
D 2 EDO   1  203 305 EDO   EDO B . 
E 4 SO4   1  204 1   SO4   SO4 B . 
F 5 HOH   1  301 12  HOH   HOH B . 
F 5 HOH   2  302 26  HOH   HOH B . 
F 5 HOH   3  303 129 HOH   HOH B . 
F 5 HOH   4  304 27  HOH   HOH B . 
F 5 HOH   5  305 40  HOH   HOH B . 
F 5 HOH   6  306 11  HOH   HOH B . 
F 5 HOH   7  307 22  HOH   HOH B . 
F 5 HOH   8  308 19  HOH   HOH B . 
F 5 HOH   9  309 66  HOH   HOH B . 
F 5 HOH   10 310 86  HOH   HOH B . 
F 5 HOH   11 311 20  HOH   HOH B . 
F 5 HOH   12 312 43  HOH   HOH B . 
F 5 HOH   13 313 62  HOH   HOH B . 
F 5 HOH   14 314 71  HOH   HOH B . 
F 5 HOH   15 315 304 HOH   HOH B . 
F 5 HOH   16 316 281 HOH   HOH B . 
F 5 HOH   17 317 156 HOH   HOH B . 
F 5 HOH   18 318 85  HOH   HOH B . 
F 5 HOH   19 319 267 HOH   HOH B . 
F 5 HOH   20 320 8   HOH   HOH B . 
F 5 HOH   21 321 3   HOH   HOH B . 
F 5 HOH   22 322 264 HOH   HOH B . 
F 5 HOH   23 323 23  HOH   HOH B . 
F 5 HOH   24 324 8   HOH   HOH B . 
F 5 HOH   25 325 30  HOH   HOH B . 
F 5 HOH   26 326 257 HOH   HOH B . 
F 5 HOH   27 327 20  HOH   HOH B . 
F 5 HOH   28 328 69  HOH   HOH B . 
F 5 HOH   29 329 53  HOH   HOH B . 
F 5 HOH   30 330 44  HOH   HOH B . 
F 5 HOH   31 331 22  HOH   HOH B . 
F 5 HOH   32 332 5   HOH   HOH B . 
F 5 HOH   33 333 19  HOH   HOH B . 
F 5 HOH   34 334 18  HOH   HOH B . 
F 5 HOH   35 335 115 HOH   HOH B . 
F 5 HOH   36 336 21  HOH   HOH B . 
F 5 HOH   37 337 23  HOH   HOH B . 
F 5 HOH   38 338 104 HOH   HOH B . 
# 
loop_
_pdbx_unobs_or_zero_occ_atoms.id 
_pdbx_unobs_or_zero_occ_atoms.PDB_model_num 
_pdbx_unobs_or_zero_occ_atoms.polymer_flag 
_pdbx_unobs_or_zero_occ_atoms.occupancy_flag 
_pdbx_unobs_or_zero_occ_atoms.auth_asym_id 
_pdbx_unobs_or_zero_occ_atoms.auth_comp_id 
_pdbx_unobs_or_zero_occ_atoms.auth_seq_id 
_pdbx_unobs_or_zero_occ_atoms.PDB_ins_code 
_pdbx_unobs_or_zero_occ_atoms.auth_atom_id 
_pdbx_unobs_or_zero_occ_atoms.label_alt_id 
_pdbx_unobs_or_zero_occ_atoms.label_asym_id 
_pdbx_unobs_or_zero_occ_atoms.label_comp_id 
_pdbx_unobs_or_zero_occ_atoms.label_seq_id 
_pdbx_unobs_or_zero_occ_atoms.label_atom_id 
1 1 Y 1 B LEU 192 ? CG  ? A LEU 186 CG  
2 1 Y 1 B LEU 192 ? CD1 ? A LEU 186 CD1 
3 1 Y 1 B LEU 192 ? CD2 ? A LEU 186 CD2 
# 
loop_
_software.pdbx_ordinal 
_software.name 
_software.version 
_software.date 
_software.type 
_software.contact_author 
_software.contact_author_email 
_software.classification 
_software.location 
_software.language 
_software.citation_id 
1 REFMAC      5.8.0267 ?               program 'Garib N. Murshudov' garib@ysbl.york.ac.uk    refinement        
http://www.ccp4.ac.uk/dist/html/refmac5.html        Fortran_77 ? 
2 Aimless     0.7.7    23/04/21        program 'Phil Evans'         ?                        'data scaling'    
http://www.mrc-lmb.cam.ac.uk/harry/pre/aimless.html ?          ? 
3 PDB_EXTRACT 3.23     'SEP. 23, 2016' package PDB                  deposit@deposit.rcsb.org 'data extraction' 
http://sw-tools.pdb.org/apps/PDB_EXTRACT/           C++        ? 
4 XDS         .        ?               program ?                    ?                        'data reduction'  ? ?          ? 
5 REFMAC      .        ?               program ?                    ?                        phasing           ? ?          ? 
# 
_cell.entry_id           7HM6 
_cell.length_a           95.620 
_cell.length_b           95.620 
_cell.length_c           45.845 
_cell.angle_alpha        90.000 
_cell.angle_beta         90.000 
_cell.angle_gamma        90.000 
_cell.Z_PDB              8 
_cell.pdbx_unique_axis   ? 
# 
_symmetry.entry_id                         7HM6 
_symmetry.space_group_name_H-M             'I 4' 
_symmetry.pdbx_full_space_group_name_H-M   ? 
_symmetry.cell_setting                     ? 
_symmetry.Int_Tables_number                79 
# 
_exptl.crystals_number   1 
_exptl.entry_id          7HM6 
_exptl.method            'X-RAY DIFFRACTION' 
# 
_exptl_crystal.id                    1 
_exptl_crystal.pdbx_mosaicity        0.000 
_exptl_crystal.pdbx_mosaicity_esd    ? 
_exptl_crystal.density_Matthews      2.43 
_exptl_crystal.density_diffrn        ? 
_exptl_crystal.density_meas          ? 
_exptl_crystal.density_meas_temp     ? 
_exptl_crystal.density_percent_sol   49.30 
_exptl_crystal.size_max              ? 
_exptl_crystal.size_mid              ? 
_exptl_crystal.size_min              ? 
_exptl_crystal.size_rad              ? 
_exptl_crystal.description           ? 
# 
_exptl_crystal_grow.crystal_id      1 
_exptl_crystal_grow.method          'VAPOR DIFFUSION, SITTING DROP' 
_exptl_crystal_grow.pH              8 
_exptl_crystal_grow.temp            293 
_exptl_crystal_grow.pdbx_details    '4 % PEG 400, 2 M AmmSO4, 0.1 M HEPES pH 8' 
_exptl_crystal_grow.temp_details    ? 
_exptl_crystal_grow.pdbx_pH_range   ? 
# 
_diffrn.id                     1 
_diffrn.ambient_temp           100 
_diffrn.crystal_id             1 
_diffrn.ambient_temp_details   ? 
# 
_diffrn_detector.detector               PIXEL 
_diffrn_detector.type                   'DECTRIS EIGER2 XE 9M' 
_diffrn_detector.pdbx_collection_date   2024-05-23 
_diffrn_detector.diffrn_id              1 
_diffrn_detector.details                ? 
# 
_diffrn_radiation.diffrn_id                        1 
_diffrn_radiation.wavelength_id                    1 
_diffrn_radiation.pdbx_diffrn_protocol             'SINGLE WAVELENGTH' 
_diffrn_radiation.pdbx_monochromatic_or_laue_m_l   ? 
_diffrn_radiation.monochromator                    ? 
_diffrn_radiation.pdbx_scattering_type             x-ray 
# 
_diffrn_radiation_wavelength.id           1 
_diffrn_radiation_wavelength.wavelength   0.92124 
_diffrn_radiation_wavelength.wt           1.0 
# 
_diffrn_source.diffrn_id                   1 
_diffrn_source.source                      SYNCHROTRON 
_diffrn_source.type                        'DIAMOND BEAMLINE I04-1' 
_diffrn_source.pdbx_wavelength_list        0.92124 
_diffrn_source.pdbx_synchrotron_site       Diamond 
_diffrn_source.pdbx_synchrotron_beamline   I04-1 
_diffrn_source.pdbx_wavelength             ? 
# 
_reflns.entry_id                     7HM6 
_reflns.pdbx_diffrn_id               1 
_reflns.pdbx_ordinal                 1 
_reflns.observed_criterion_sigma_I   ? 
_reflns.observed_criterion_sigma_F   ? 
_reflns.d_resolution_low             67.600 
_reflns.d_resolution_high            1.330 
_reflns.number_obs                   47652 
_reflns.number_all                   ? 
_reflns.percent_possible_obs         100.000 
_reflns.pdbx_Rmerge_I_obs            0.111 
_reflns.pdbx_Rsym_value              ? 
_reflns.pdbx_netI_over_sigmaI        13.000 
_reflns.B_iso_Wilson_estimate        ? 
_reflns.pdbx_redundancy              11.600 
_reflns.pdbx_Rrim_I_all              0.115 
_reflns.pdbx_Rpim_I_all              0.033 
_reflns.pdbx_CC_half                 0.999 
_reflns.pdbx_netI_over_av_sigmaI     ? 
_reflns.pdbx_number_measured_all     553879 
_reflns.pdbx_scaling_rejects         0 
_reflns.pdbx_chi_squared             ? 
_reflns.Rmerge_F_all                 ? 
_reflns.Rmerge_F_obs                 ? 
_reflns.observed_criterion_F_max     ? 
_reflns.observed_criterion_F_min     ? 
_reflns.observed_criterion_I_max     ? 
_reflns.observed_criterion_I_min     ? 
_reflns.pdbx_d_res_high_opt          ? 
_reflns.pdbx_d_res_low_opt           ? 
_reflns.details                      ? 
# 
loop_
_reflns_shell.pdbx_diffrn_id 
_reflns_shell.pdbx_ordinal 
_reflns_shell.d_res_high 
_reflns_shell.d_res_low 
_reflns_shell.number_measured_obs 
_reflns_shell.number_measured_all 
_reflns_shell.number_unique_obs 
_reflns_shell.pdbx_rejects 
_reflns_shell.Rmerge_I_obs 
_reflns_shell.meanI_over_sigI_obs 
_reflns_shell.pdbx_Rsym_value 
_reflns_shell.pdbx_chi_squared 
_reflns_shell.pdbx_redundancy 
_reflns_shell.percent_possible_obs 
_reflns_shell.pdbx_netI_over_sigmaI_obs 
_reflns_shell.number_possible 
_reflns_shell.number_unique_all 
_reflns_shell.Rmerge_F_all 
_reflns_shell.Rmerge_F_obs 
_reflns_shell.Rmerge_I_all 
_reflns_shell.meanI_over_sigI_all 
_reflns_shell.percent_possible_all 
_reflns_shell.pdbx_Rrim_I_all 
_reflns_shell.pdbx_Rpim_I_all 
_reflns_shell.pdbx_CC_half 
1 1 1.330 1.350  ? 11574 2380 ? 1.725 ? ? ? 4.900  ? 0.600  ? ? ? ? ? ? 99.400 1.937 0.861 0.311 
1 2 7.290 67.600 ? 3829  317  ? 0.061 ? ? ? 12.100 ? 60.200 ? ? ? ? ? ? 99.900 0.064 0.019 0.995 
# 
_refine.entry_id                                 7HM6 
_refine.pdbx_refine_id                           'X-RAY DIFFRACTION' 
_refine.ls_d_res_high                            1.3300 
_refine.ls_d_res_low                             67.6100 
_refine.pdbx_ls_sigma_F                          0.000 
_refine.pdbx_data_cutoff_high_absF               ? 
_refine.pdbx_data_cutoff_low_absF                ? 
_refine.ls_percent_reflns_obs                    99.7400 
_refine.ls_number_reflns_obs                     45263 
_refine.ls_number_reflns_all                     ? 
_refine.pdbx_ls_cross_valid_method               THROUGHOUT 
_refine.ls_matrix_type                           ? 
_refine.pdbx_R_Free_selection_details            RANDOM 
_refine.details                                  
'HYDROGENS HAVE BEEN ADDED IN THE RIDING POSITIONS U VALUES      : REFINED INDIVIDUALLY' 
_refine.ls_R_factor_all                          ? 
_refine.ls_R_factor_obs                          0.1779 
_refine.ls_R_factor_R_work                       0.1769 
_refine.ls_wR_factor_R_work                      ? 
_refine.ls_R_factor_R_free                       0.1970 
_refine.ls_wR_factor_R_free                      ? 
_refine.ls_percent_reflns_R_free                 4.8000 
_refine.ls_number_reflns_R_free                  2286 
_refine.ls_number_reflns_R_work                  ? 
_refine.ls_R_factor_R_free_error                 ? 
_refine.B_iso_mean                               16.7820 
_refine.solvent_model_param_bsol                 ? 
_refine.solvent_model_param_ksol                 ? 
_refine.pdbx_isotropic_thermal_model             ? 
_refine.aniso_B[1][1]                            0.2000 
_refine.aniso_B[2][2]                            0.2000 
_refine.aniso_B[3][3]                            -0.4000 
_refine.aniso_B[1][2]                            -0.0000 
_refine.aniso_B[1][3]                            -0.0000 
_refine.aniso_B[2][3]                            0.0000 
_refine.correlation_coeff_Fo_to_Fc               0.9680 
_refine.correlation_coeff_Fo_to_Fc_free          0.9600 
_refine.overall_SU_R_Cruickshank_DPI             ? 
_refine.pdbx_overall_SU_R_free_Cruickshank_DPI   ? 
_refine.pdbx_overall_SU_R_Blow_DPI               ? 
_refine.pdbx_overall_SU_R_free_Blow_DPI          ? 
_refine.overall_SU_R_free                        ? 
_refine.pdbx_overall_ESU_R                       0.0560 
_refine.pdbx_overall_ESU_R_Free                  0.0570 
_refine.overall_SU_ML                            0.0470 
_refine.overall_SU_B                             1.2170 
_refine.solvent_model_details                    MASK 
_refine.pdbx_solvent_vdw_probe_radii             1.2000 
_refine.pdbx_solvent_ion_probe_radii             0.8000 
_refine.pdbx_solvent_shrinkage_radii             0.8000 
_refine.ls_number_parameters                     ? 
_refine.ls_number_restraints                     ? 
_refine.pdbx_starting_model                      ? 
_refine.pdbx_method_to_determine_struct          'FOURIER SYNTHESIS' 
_refine.pdbx_stereochemistry_target_values       'MAXIMUM LIKELIHOOD' 
_refine.pdbx_stereochem_target_val_spec_case     ? 
_refine.overall_FOM_work_R_set                   ? 
_refine.B_iso_max                                77.340 
_refine.B_iso_min                                8.420 
_refine.pdbx_overall_phase_error                 ? 
_refine.occupancy_max                            ? 
_refine.occupancy_min                            ? 
_refine.pdbx_diffrn_id                           1 
_refine.pdbx_TLS_residual_ADP_flag               ? 
_refine.pdbx_ls_sigma_I                          ? 
_refine.pdbx_data_cutoff_high_rms_absF           ? 
_refine.ls_R_factor_R_free_error_details         ? 
# 
_refine_hist.cycle_id                         final 
_refine_hist.pdbx_refine_id                   'X-RAY DIFFRACTION' 
_refine_hist.d_res_high                       1.3300 
_refine_hist.d_res_low                        67.6100 
_refine_hist.pdbx_number_atoms_ligand         27 
_refine_hist.number_atoms_solvent             38 
_refine_hist.number_atoms_total               1558 
_refine_hist.pdbx_number_residues_total       185 
_refine_hist.pdbx_B_iso_mean_ligand           37.76 
_refine_hist.pdbx_B_iso_mean_solvent          25.98 
_refine_hist.pdbx_number_atoms_protein        1493 
_refine_hist.pdbx_number_atoms_nucleic_acid   0 
# 
loop_
_refine_ls_restr.pdbx_refine_id 
_refine_ls_restr.type 
_refine_ls_restr.number 
_refine_ls_restr.dev_ideal 
_refine_ls_restr.dev_ideal_target 
_refine_ls_restr.weight 
_refine_ls_restr.pdbx_restraint_function 
'X-RAY DIFFRACTION' r_bond_refined_d       2143 0.011  0.014  ? ? 
'X-RAY DIFFRACTION' r_bond_other_d         1630 0.001  0.015  ? ? 
'X-RAY DIFFRACTION' r_angle_refined_deg    2549 1.793  1.637  ? ? 
'X-RAY DIFFRACTION' r_angle_other_deg      3768 1.452  1.579  ? ? 
'X-RAY DIFFRACTION' r_dihedral_angle_1_deg 241  7.125  5.000  ? ? 
'X-RAY DIFFRACTION' r_dihedral_angle_2_deg 110  29.550 21.455 ? ? 
'X-RAY DIFFRACTION' r_dihedral_angle_3_deg 291  12.493 15.000 ? ? 
'X-RAY DIFFRACTION' r_dihedral_angle_4_deg 15   23.520 15.000 ? ? 
'X-RAY DIFFRACTION' r_chiral_restr         222  0.089  0.200  ? ? 
'X-RAY DIFFRACTION' r_gen_planes_refined   2282 0.011  0.020  ? ? 
'X-RAY DIFFRACTION' r_gen_planes_other     506  0.002  0.020  ? ? 
'X-RAY DIFFRACTION' r_mcbond_it            1077 1.294  1.574  ? ? 
'X-RAY DIFFRACTION' r_mcbond_other         965  1.353  1.430  ? ? 
'X-RAY DIFFRACTION' r_mcangle_it           1153 2.165  2.150  ? ? 
# 
_refine_ls_shell.d_res_high                       1.3300 
_refine_ls_shell.d_res_low                        1.3650 
_refine_ls_shell.pdbx_total_number_of_bins_used   20 
_refine_ls_shell.percent_reflns_obs               96.7800 
_refine_ls_shell.number_reflns_R_work             3249 
_refine_ls_shell.R_factor_all                     ? 
_refine_ls_shell.R_factor_R_work                  0.3390 
_refine_ls_shell.R_factor_R_free                  0.3360 
_refine_ls_shell.percent_reflns_R_free            ? 
_refine_ls_shell.number_reflns_R_free             149 
_refine_ls_shell.R_factor_R_free_error            ? 
_refine_ls_shell.number_reflns_all                3398 
_refine_ls_shell.number_reflns_obs                ? 
_refine_ls_shell.pdbx_refine_id                   'X-RAY DIFFRACTION' 
# 
_struct.entry_id                  7HM6 
_struct.title                     'PanDDA analysis group deposition -- Crystal Structure of TRIM21 in complex with Z1172243962' 
_struct.pdbx_model_details        ? 
_struct.pdbx_CASP_flag            ? 
_struct.pdbx_model_type_details   ? 
# 
_struct_keywords.entry_id        7HM6 
_struct_keywords.text            'SGC - Diamond I04-1 fragment screening, PanDDA, XChemExplorer, TRIM21, LIGASE' 
_struct_keywords.pdbx_keywords   LIGASE 
# 
loop_
_struct_asym.id 
_struct_asym.pdbx_blank_PDB_chainid_flag 
_struct_asym.pdbx_modified 
_struct_asym.entity_id 
_struct_asym.details 
A N N 1 ? 
B N N 2 ? 
C N N 3 ? 
D N N 2 ? 
E N N 4 ? 
F N N 5 ? 
# 
_struct_ref.id                         1 
_struct_ref.db_name                    UNP 
_struct_ref.db_code                    RO52_MOUSE 
_struct_ref.pdbx_db_accession          Q62191 
_struct_ref.pdbx_db_isoform            ? 
_struct_ref.entity_id                  1 
_struct_ref.pdbx_seq_one_letter_code   
;VHITLDRNTANSWLIISKDRRQVRMGDTHQNVSDNKERFSNYPMVLGAQRFSSGKMYWEVDVTQKEAWDLGVCRDSVQRK
GQFSLSPENGFWTIWLWQDSYEAGTSPQTTLHIQVPPCQIGIFVDYEAGVVSFYNITDHGSLIYTFSECVFAGPLRPFFN
VGFNYSGGNAAPLKLCPLKM
;
_struct_ref.pdbx_align_begin           291 
# 
_struct_ref_seq.align_id                      1 
_struct_ref_seq.ref_id                        1 
_struct_ref_seq.pdbx_PDB_id_code              7HM6 
_struct_ref_seq.pdbx_strand_id                B 
_struct_ref_seq.seq_align_beg                 9 
_struct_ref_seq.pdbx_seq_align_beg_ins_code   ? 
_struct_ref_seq.seq_align_end                 188 
_struct_ref_seq.pdbx_seq_align_end_ins_code   ? 
_struct_ref_seq.pdbx_db_accession             Q62191 
_struct_ref_seq.db_align_beg                  291 
_struct_ref_seq.pdbx_db_align_beg_ins_code    ? 
_struct_ref_seq.db_align_end                  470 
_struct_ref_seq.pdbx_db_align_end_ins_code    ? 
_struct_ref_seq.pdbx_auth_seq_align_beg       15 
_struct_ref_seq.pdbx_auth_seq_align_end       194 
# 
loop_
_struct_ref_seq_dif.align_id 
_struct_ref_seq_dif.pdbx_pdb_id_code 
_struct_ref_seq_dif.mon_id 
_struct_ref_seq_dif.pdbx_pdb_strand_id 
_struct_ref_seq_dif.seq_num 
_struct_ref_seq_dif.pdbx_pdb_ins_code 
_struct_ref_seq_dif.pdbx_seq_db_name 
_struct_ref_seq_dif.pdbx_seq_db_accession_code 
_struct_ref_seq_dif.db_mon_id 
_struct_ref_seq_dif.pdbx_seq_db_seq_num 
_struct_ref_seq_dif.details 
_struct_ref_seq_dif.pdbx_auth_seq_num 
_struct_ref_seq_dif.pdbx_ordinal 
1 7HM6 MET B 1 ? UNP Q62191 ? ? 'initiating methionine' 7  1 
1 7HM6 HIS B 2 ? UNP Q62191 ? ? 'expression tag'        8  2 
1 7HM6 HIS B 3 ? UNP Q62191 ? ? 'expression tag'        9  3 
1 7HM6 HIS B 4 ? UNP Q62191 ? ? 'expression tag'        10 4 
1 7HM6 HIS B 5 ? UNP Q62191 ? ? 'expression tag'        11 5 
1 7HM6 HIS B 6 ? UNP Q62191 ? ? 'expression tag'        12 6 
1 7HM6 HIS B 7 ? UNP Q62191 ? ? 'expression tag'        13 7 
1 7HM6 MET B 8 ? UNP Q62191 ? ? 'expression tag'        14 8 
# 
_pdbx_struct_assembly.id                   1 
_pdbx_struct_assembly.details              author_defined_assembly 
_pdbx_struct_assembly.method_details       ? 
_pdbx_struct_assembly.oligomeric_details   monomeric 
_pdbx_struct_assembly.oligomeric_count     1 
# 
_pdbx_struct_assembly_gen.assembly_id       1 
_pdbx_struct_assembly_gen.oper_expression   1 
_pdbx_struct_assembly_gen.asym_id_list      A,B,C,D,E,F 
# 
_pdbx_struct_oper_list.id                   1 
_pdbx_struct_oper_list.type                 'identity operation' 
_pdbx_struct_oper_list.name                 1_555 
_pdbx_struct_oper_list.symmetry_operation   x,y,z 
_pdbx_struct_oper_list.matrix[1][1]         1.0000000000 
_pdbx_struct_oper_list.matrix[1][2]         0.0000000000 
_pdbx_struct_oper_list.matrix[1][3]         0.0000000000 
_pdbx_struct_oper_list.vector[1]            0.0000000000 
_pdbx_struct_oper_list.matrix[2][1]         0.0000000000 
_pdbx_struct_oper_list.matrix[2][2]         1.0000000000 
_pdbx_struct_oper_list.matrix[2][3]         0.0000000000 
_pdbx_struct_oper_list.vector[2]            0.0000000000 
_pdbx_struct_oper_list.matrix[3][1]         0.0000000000 
_pdbx_struct_oper_list.matrix[3][2]         0.0000000000 
_pdbx_struct_oper_list.matrix[3][3]         1.0000000000 
_pdbx_struct_oper_list.vector[3]            0.0000000000 
# 
loop_
_struct_conf.conf_type_id 
_struct_conf.id 
_struct_conf.pdbx_PDB_helix_id 
_struct_conf.beg_label_comp_id 
_struct_conf.beg_label_asym_id 
_struct_conf.beg_label_seq_id 
_struct_conf.pdbx_beg_PDB_ins_code 
_struct_conf.end_label_comp_id 
_struct_conf.end_label_asym_id 
_struct_conf.end_label_seq_id 
_struct_conf.pdbx_end_PDB_ins_code 
_struct_conf.beg_auth_comp_id 
_struct_conf.beg_auth_asym_id 
_struct_conf.beg_auth_seq_id 
_struct_conf.end_auth_comp_id 
_struct_conf.end_auth_asym_id 
_struct_conf.end_auth_seq_id 
_struct_conf.pdbx_PDB_helix_class 
_struct_conf.details 
_struct_conf.pdbx_PDB_helix_length 
HELX_P HELX_P1 AA1 HIS A 4  ? MET A 8  ? HIS B 10  MET B 14  5 ? 5 
HELX_P HELX_P2 AA2 ARG A 15 ? ALA A 18 ? ARG B 21  ALA B 24  5 ? 4 
HELX_P HELX_P3 AA3 SER A 94 ? ASN A 97 ? SER B 100 ASN B 103 5 ? 4 
# 
_struct_conf_type.id          HELX_P 
_struct_conf_type.criteria    ? 
_struct_conf_type.reference   ? 
# 
_struct_mon_prot_cis.pdbx_id                1 
_struct_mon_prot_cis.label_comp_id          SER 
_struct_mon_prot_cis.label_seq_id           114 
_struct_mon_prot_cis.label_asym_id          A 
_struct_mon_prot_cis.label_alt_id           . 
_struct_mon_prot_cis.pdbx_PDB_ins_code      ? 
_struct_mon_prot_cis.auth_comp_id           SER 
_struct_mon_prot_cis.auth_seq_id            120 
_struct_mon_prot_cis.auth_asym_id           B 
_struct_mon_prot_cis.pdbx_label_comp_id_2   PRO 
_struct_mon_prot_cis.pdbx_label_seq_id_2    115 
_struct_mon_prot_cis.pdbx_label_asym_id_2   A 
_struct_mon_prot_cis.pdbx_PDB_ins_code_2    ? 
_struct_mon_prot_cis.pdbx_auth_comp_id_2    PRO 
_struct_mon_prot_cis.pdbx_auth_seq_id_2     121 
_struct_mon_prot_cis.pdbx_auth_asym_id_2    B 
_struct_mon_prot_cis.pdbx_PDB_model_num     1 
_struct_mon_prot_cis.pdbx_omega_angle       -0.57 
# 
loop_
_struct_sheet.id 
_struct_sheet.type 
_struct_sheet.number_strands 
_struct_sheet.details 
AA1 ? 7 ? 
AA2 ? 7 ? 
# 
loop_
_struct_sheet_order.sheet_id 
_struct_sheet_order.range_id_1 
_struct_sheet_order.range_id_2 
_struct_sheet_order.offset 
_struct_sheet_order.sense 
AA1 1 2 ? anti-parallel 
AA1 2 3 ? anti-parallel 
AA1 3 4 ? anti-parallel 
AA1 4 5 ? anti-parallel 
AA1 5 6 ? anti-parallel 
AA1 6 7 ? anti-parallel 
AA2 1 2 ? anti-parallel 
AA2 2 3 ? anti-parallel 
AA2 3 4 ? anti-parallel 
AA2 4 5 ? anti-parallel 
AA2 5 6 ? anti-parallel 
AA2 6 7 ? anti-parallel 
# 
loop_
_struct_sheet_range.sheet_id 
_struct_sheet_range.id 
_struct_sheet_range.beg_label_comp_id 
_struct_sheet_range.beg_label_asym_id 
_struct_sheet_range.beg_label_seq_id 
_struct_sheet_range.pdbx_beg_PDB_ins_code 
_struct_sheet_range.end_label_comp_id 
_struct_sheet_range.end_label_asym_id 
_struct_sheet_range.end_label_seq_id 
_struct_sheet_range.pdbx_end_PDB_ins_code 
_struct_sheet_range.beg_auth_comp_id 
_struct_sheet_range.beg_auth_asym_id 
_struct_sheet_range.beg_auth_seq_id 
_struct_sheet_range.end_auth_comp_id 
_struct_sheet_range.end_auth_asym_id 
_struct_sheet_range.end_auth_seq_id 
AA1 1 LEU A 13  ? ASP A 14  ? LEU B 19  ASP B 20  
AA1 2 MET A 52  ? GLY A 55  ? MET B 58  GLY B 61  
AA1 3 LEU A 163 ? ASN A 168 ? LEU B 169 ASN B 174 
AA1 4 TRP A 76  ? ARG A 82  ? TRP B 82  ARG B 88  
AA1 5 PHE A 99  ? TRP A 105 ? PHE B 105 TRP B 111 
AA1 6 SER A 108 ? ALA A 111 ? SER B 114 ALA B 117 
AA1 7 THR A 117 ? THR A 118 ? THR B 123 THR B 124 
AA2 1 LEU A 22  ? ILE A 24  ? LEU B 28  ILE B 30  
AA2 2 GLN A 30  ? MET A 33  ? GLN B 36  MET B 39  
AA2 3 LEU A 181 ? LEU A 183 ? LEU B 187 LEU B 189 
AA2 4 LYS A 63  ? ASP A 69  ? LYS B 69  ASP B 75  
AA2 5 GLN A 127 ? ASP A 133 ? GLN B 133 ASP B 139 
AA2 6 VAL A 138 ? ASN A 143 ? VAL B 144 ASN B 149 
AA2 7 SER A 149 ? PHE A 154 ? SER B 155 PHE B 160 
# 
loop_
_pdbx_struct_sheet_hbond.sheet_id 
_pdbx_struct_sheet_hbond.range_id_1 
_pdbx_struct_sheet_hbond.range_id_2 
_pdbx_struct_sheet_hbond.range_1_label_atom_id 
_pdbx_struct_sheet_hbond.range_1_label_comp_id 
_pdbx_struct_sheet_hbond.range_1_label_asym_id 
_pdbx_struct_sheet_hbond.range_1_label_seq_id 
_pdbx_struct_sheet_hbond.range_1_PDB_ins_code 
_pdbx_struct_sheet_hbond.range_1_auth_atom_id 
_pdbx_struct_sheet_hbond.range_1_auth_comp_id 
_pdbx_struct_sheet_hbond.range_1_auth_asym_id 
_pdbx_struct_sheet_hbond.range_1_auth_seq_id 
_pdbx_struct_sheet_hbond.range_2_label_atom_id 
_pdbx_struct_sheet_hbond.range_2_label_comp_id 
_pdbx_struct_sheet_hbond.range_2_label_asym_id 
_pdbx_struct_sheet_hbond.range_2_label_seq_id 
_pdbx_struct_sheet_hbond.range_2_PDB_ins_code 
_pdbx_struct_sheet_hbond.range_2_auth_atom_id 
_pdbx_struct_sheet_hbond.range_2_auth_comp_id 
_pdbx_struct_sheet_hbond.range_2_auth_asym_id 
_pdbx_struct_sheet_hbond.range_2_auth_seq_id 
AA1 1 2 N ASP A 14  ? N ASP B 20  O LEU A 54  ? O LEU B 60  
AA1 2 3 N GLY A 55  ? N GLY B 61  O PRO A 165 ? O PRO B 171 
AA1 3 4 O ARG A 164 ? O ARG B 170 N CYS A 81  ? N CYS B 87  
AA1 4 5 N VAL A 80  ? N VAL B 86  O TRP A 100 ? O TRP B 106 
AA1 5 6 N TRP A 105 ? N TRP B 111 O SER A 108 ? O SER B 114 
AA1 6 7 N ALA A 111 ? N ALA B 117 O THR A 117 ? O THR B 123 
AA2 1 2 N ILE A 23  ? N ILE B 29  O ARG A 32  ? O ARG B 38  
AA2 2 3 N VAL A 31  ? N VAL B 37  O LEU A 181 ? O LEU B 187 
AA2 3 4 O LYS A 182 ? O LYS B 188 N ASP A 69  ? N ASP B 75  
AA2 4 5 N TRP A 66  ? N TRP B 72  O ILE A 130 ? O ILE B 136 
AA2 5 6 N PHE A 131 ? N PHE B 137 O SER A 140 ? O SER B 146 
AA2 6 7 N PHE A 141 ? N PHE B 147 O ILE A 151 ? O ILE B 157 
# 
_pdbx_entry_details.entry_id                   7HM6 
_pdbx_entry_details.compound_details           ? 
_pdbx_entry_details.source_details             ? 
_pdbx_entry_details.nonpolymer_details         ? 
_pdbx_entry_details.sequence_details           ? 
_pdbx_entry_details.has_ligand_of_interest     Y 
_pdbx_entry_details.has_protein_modification   N 
# 
_pdbx_validate_rmsd_angle.id                         1 
_pdbx_validate_rmsd_angle.PDB_model_num              1 
_pdbx_validate_rmsd_angle.auth_atom_id_1             CG 
_pdbx_validate_rmsd_angle.auth_asym_id_1             B 
_pdbx_validate_rmsd_angle.auth_comp_id_1             ARG 
_pdbx_validate_rmsd_angle.auth_seq_id_1              64 
_pdbx_validate_rmsd_angle.PDB_ins_code_1             ? 
_pdbx_validate_rmsd_angle.label_alt_id_1             ? 
_pdbx_validate_rmsd_angle.auth_atom_id_2             CD 
_pdbx_validate_rmsd_angle.auth_asym_id_2             B 
_pdbx_validate_rmsd_angle.auth_comp_id_2             ARG 
_pdbx_validate_rmsd_angle.auth_seq_id_2              64 
_pdbx_validate_rmsd_angle.PDB_ins_code_2             ? 
_pdbx_validate_rmsd_angle.label_alt_id_2             ? 
_pdbx_validate_rmsd_angle.auth_atom_id_3             NE 
_pdbx_validate_rmsd_angle.auth_asym_id_3             B 
_pdbx_validate_rmsd_angle.auth_comp_id_3             ARG 
_pdbx_validate_rmsd_angle.auth_seq_id_3              64 
_pdbx_validate_rmsd_angle.PDB_ins_code_3             ? 
_pdbx_validate_rmsd_angle.label_alt_id_3             ? 
_pdbx_validate_rmsd_angle.angle_value                126.19 
_pdbx_validate_rmsd_angle.angle_target_value         111.80 
_pdbx_validate_rmsd_angle.angle_deviation            14.39 
_pdbx_validate_rmsd_angle.angle_standard_deviation   2.10 
_pdbx_validate_rmsd_angle.linker_flag                N 
# 
_pdbx_validate_torsion.id              1 
_pdbx_validate_torsion.PDB_model_num   1 
_pdbx_validate_torsion.auth_comp_id    ASP 
_pdbx_validate_torsion.auth_asym_id    B 
_pdbx_validate_torsion.auth_seq_id     152 
_pdbx_validate_torsion.PDB_ins_code    ? 
_pdbx_validate_torsion.label_alt_id    ? 
_pdbx_validate_torsion.phi             -106.49 
_pdbx_validate_torsion.psi             53.94 
# 
_phasing.method   MR 
# 
loop_
_pdbx_unobs_or_zero_occ_residues.id 
_pdbx_unobs_or_zero_occ_residues.PDB_model_num 
_pdbx_unobs_or_zero_occ_residues.polymer_flag 
_pdbx_unobs_or_zero_occ_residues.occupancy_flag 
_pdbx_unobs_or_zero_occ_residues.auth_asym_id 
_pdbx_unobs_or_zero_occ_residues.auth_comp_id 
_pdbx_unobs_or_zero_occ_residues.auth_seq_id 
_pdbx_unobs_or_zero_occ_residues.PDB_ins_code 
_pdbx_unobs_or_zero_occ_residues.label_asym_id 
_pdbx_unobs_or_zero_occ_residues.label_comp_id 
_pdbx_unobs_or_zero_occ_residues.label_seq_id 
1 1 Y 1 B MET 7   ? A MET 1   
2 1 Y 1 B LYS 193 ? A LYS 187 
3 1 Y 1 B MET 194 ? A MET 188 
# 
loop_
_chem_comp_atom.comp_id 
_chem_comp_atom.atom_id 
_chem_comp_atom.type_symbol 
_chem_comp_atom.pdbx_aromatic_flag 
_chem_comp_atom.pdbx_stereo_config 
_chem_comp_atom.pdbx_ordinal 
A1BDJ N1   N Y N 1   
A1BDJ C4   C N N 2   
A1BDJ C5   C N N 3   
A1BDJ C6   C N N 4   
A1BDJ C7   C N N 5   
A1BDJ C8   C N N 6   
A1BDJ N    N N N 7   
A1BDJ C    C Y N 8   
A1BDJ O    O N N 9   
A1BDJ C1   C Y N 10  
A1BDJ C2   C Y N 11  
A1BDJ C3   C Y N 12  
A1BDJ C9   C Y N 13  
A1BDJ F    F N N 14  
A1BDJ H3   H N N 15  
A1BDJ H4   H N N 16  
A1BDJ H5   H N N 17  
A1BDJ H7   H N N 18  
A1BDJ H6   H N N 19  
A1BDJ H8   H N N 20  
A1BDJ H9   H N N 21  
A1BDJ H10  H N N 22  
A1BDJ H11  H N N 23  
A1BDJ H2   H N N 24  
A1BDJ H    H N N 25  
A1BDJ H1   H N N 26  
A1BDJ H12  H N N 27  
ALA   N    N N N 28  
ALA   CA   C N S 29  
ALA   C    C N N 30  
ALA   O    O N N 31  
ALA   CB   C N N 32  
ALA   OXT  O N N 33  
ALA   H    H N N 34  
ALA   H2   H N N 35  
ALA   HA   H N N 36  
ALA   HB1  H N N 37  
ALA   HB2  H N N 38  
ALA   HB3  H N N 39  
ALA   HXT  H N N 40  
ARG   N    N N N 41  
ARG   CA   C N S 42  
ARG   C    C N N 43  
ARG   O    O N N 44  
ARG   CB   C N N 45  
ARG   CG   C N N 46  
ARG   CD   C N N 47  
ARG   NE   N N N 48  
ARG   CZ   C N N 49  
ARG   NH1  N N N 50  
ARG   NH2  N N N 51  
ARG   OXT  O N N 52  
ARG   H    H N N 53  
ARG   H2   H N N 54  
ARG   HA   H N N 55  
ARG   HB2  H N N 56  
ARG   HB3  H N N 57  
ARG   HG2  H N N 58  
ARG   HG3  H N N 59  
ARG   HD2  H N N 60  
ARG   HD3  H N N 61  
ARG   HE   H N N 62  
ARG   HH11 H N N 63  
ARG   HH12 H N N 64  
ARG   HH21 H N N 65  
ARG   HH22 H N N 66  
ARG   HXT  H N N 67  
ASN   N    N N N 68  
ASN   CA   C N S 69  
ASN   C    C N N 70  
ASN   O    O N N 71  
ASN   CB   C N N 72  
ASN   CG   C N N 73  
ASN   OD1  O N N 74  
ASN   ND2  N N N 75  
ASN   OXT  O N N 76  
ASN   H    H N N 77  
ASN   H2   H N N 78  
ASN   HA   H N N 79  
ASN   HB2  H N N 80  
ASN   HB3  H N N 81  
ASN   HD21 H N N 82  
ASN   HD22 H N N 83  
ASN   HXT  H N N 84  
ASP   N    N N N 85  
ASP   CA   C N S 86  
ASP   C    C N N 87  
ASP   O    O N N 88  
ASP   CB   C N N 89  
ASP   CG   C N N 90  
ASP   OD1  O N N 91  
ASP   OD2  O N N 92  
ASP   OXT  O N N 93  
ASP   H    H N N 94  
ASP   H2   H N N 95  
ASP   HA   H N N 96  
ASP   HB2  H N N 97  
ASP   HB3  H N N 98  
ASP   HD2  H N N 99  
ASP   HXT  H N N 100 
CYS   N    N N N 101 
CYS   CA   C N R 102 
CYS   C    C N N 103 
CYS   O    O N N 104 
CYS   CB   C N N 105 
CYS   SG   S N N 106 
CYS   OXT  O N N 107 
CYS   H    H N N 108 
CYS   H2   H N N 109 
CYS   HA   H N N 110 
CYS   HB2  H N N 111 
CYS   HB3  H N N 112 
CYS   HG   H N N 113 
CYS   HXT  H N N 114 
EDO   C1   C N N 115 
EDO   O1   O N N 116 
EDO   C2   C N N 117 
EDO   O2   O N N 118 
EDO   H11  H N N 119 
EDO   H12  H N N 120 
EDO   HO1  H N N 121 
EDO   H21  H N N 122 
EDO   H22  H N N 123 
EDO   HO2  H N N 124 
GLN   N    N N N 125 
GLN   CA   C N S 126 
GLN   C    C N N 127 
GLN   O    O N N 128 
GLN   CB   C N N 129 
GLN   CG   C N N 130 
GLN   CD   C N N 131 
GLN   OE1  O N N 132 
GLN   NE2  N N N 133 
GLN   OXT  O N N 134 
GLN   H    H N N 135 
GLN   H2   H N N 136 
GLN   HA   H N N 137 
GLN   HB2  H N N 138 
GLN   HB3  H N N 139 
GLN   HG2  H N N 140 
GLN   HG3  H N N 141 
GLN   HE21 H N N 142 
GLN   HE22 H N N 143 
GLN   HXT  H N N 144 
GLU   N    N N N 145 
GLU   CA   C N S 146 
GLU   C    C N N 147 
GLU   O    O N N 148 
GLU   CB   C N N 149 
GLU   CG   C N N 150 
GLU   CD   C N N 151 
GLU   OE1  O N N 152 
GLU   OE2  O N N 153 
GLU   OXT  O N N 154 
GLU   H    H N N 155 
GLU   H2   H N N 156 
GLU   HA   H N N 157 
GLU   HB2  H N N 158 
GLU   HB3  H N N 159 
GLU   HG2  H N N 160 
GLU   HG3  H N N 161 
GLU   HE2  H N N 162 
GLU   HXT  H N N 163 
GLY   N    N N N 164 
GLY   CA   C N N 165 
GLY   C    C N N 166 
GLY   O    O N N 167 
GLY   OXT  O N N 168 
GLY   H    H N N 169 
GLY   H2   H N N 170 
GLY   HA2  H N N 171 
GLY   HA3  H N N 172 
GLY   HXT  H N N 173 
HIS   N    N N N 174 
HIS   CA   C N S 175 
HIS   C    C N N 176 
HIS   O    O N N 177 
HIS   CB   C N N 178 
HIS   CG   C Y N 179 
HIS   ND1  N Y N 180 
HIS   CD2  C Y N 181 
HIS   CE1  C Y N 182 
HIS   NE2  N Y N 183 
HIS   OXT  O N N 184 
HIS   H    H N N 185 
HIS   H2   H N N 186 
HIS   HA   H N N 187 
HIS   HB2  H N N 188 
HIS   HB3  H N N 189 
HIS   HD1  H N N 190 
HIS   HD2  H N N 191 
HIS   HE1  H N N 192 
HIS   HE2  H N N 193 
HIS   HXT  H N N 194 
HOH   O    O N N 195 
HOH   H1   H N N 196 
HOH   H2   H N N 197 
ILE   N    N N N 198 
ILE   CA   C N S 199 
ILE   C    C N N 200 
ILE   O    O N N 201 
ILE   CB   C N S 202 
ILE   CG1  C N N 203 
ILE   CG2  C N N 204 
ILE   CD1  C N N 205 
ILE   OXT  O N N 206 
ILE   H    H N N 207 
ILE   H2   H N N 208 
ILE   HA   H N N 209 
ILE   HB   H N N 210 
ILE   HG12 H N N 211 
ILE   HG13 H N N 212 
ILE   HG21 H N N 213 
ILE   HG22 H N N 214 
ILE   HG23 H N N 215 
ILE   HD11 H N N 216 
ILE   HD12 H N N 217 
ILE   HD13 H N N 218 
ILE   HXT  H N N 219 
LEU   N    N N N 220 
LEU   CA   C N S 221 
LEU   C    C N N 222 
LEU   O    O N N 223 
LEU   CB   C N N 224 
LEU   CG   C N N 225 
LEU   CD1  C N N 226 
LEU   CD2  C N N 227 
LEU   OXT  O N N 228 
LEU   H    H N N 229 
LEU   H2   H N N 230 
LEU   HA   H N N 231 
LEU   HB2  H N N 232 
LEU   HB3  H N N 233 
LEU   HG   H N N 234 
LEU   HD11 H N N 235 
LEU   HD12 H N N 236 
LEU   HD13 H N N 237 
LEU   HD21 H N N 238 
LEU   HD22 H N N 239 
LEU   HD23 H N N 240 
LEU   HXT  H N N 241 
LYS   N    N N N 242 
LYS   CA   C N S 243 
LYS   C    C N N 244 
LYS   O    O N N 245 
LYS   CB   C N N 246 
LYS   CG   C N N 247 
LYS   CD   C N N 248 
LYS   CE   C N N 249 
LYS   NZ   N N N 250 
LYS   OXT  O N N 251 
LYS   H    H N N 252 
LYS   H2   H N N 253 
LYS   HA   H N N 254 
LYS   HB2  H N N 255 
LYS   HB3  H N N 256 
LYS   HG2  H N N 257 
LYS   HG3  H N N 258 
LYS   HD2  H N N 259 
LYS   HD3  H N N 260 
LYS   HE2  H N N 261 
LYS   HE3  H N N 262 
LYS   HZ1  H N N 263 
LYS   HZ2  H N N 264 
LYS   HZ3  H N N 265 
LYS   HXT  H N N 266 
MET   N    N N N 267 
MET   CA   C N S 268 
MET   C    C N N 269 
MET   O    O N N 270 
MET   CB   C N N 271 
MET   CG   C N N 272 
MET   SD   S N N 273 
MET   CE   C N N 274 
MET   OXT  O N N 275 
MET   H    H N N 276 
MET   H2   H N N 277 
MET   HA   H N N 278 
MET   HB2  H N N 279 
MET   HB3  H N N 280 
MET   HG2  H N N 281 
MET   HG3  H N N 282 
MET   HE1  H N N 283 
MET   HE2  H N N 284 
MET   HE3  H N N 285 
MET   HXT  H N N 286 
PHE   N    N N N 287 
PHE   CA   C N S 288 
PHE   C    C N N 289 
PHE   O    O N N 290 
PHE   CB   C N N 291 
PHE   CG   C Y N 292 
PHE   CD1  C Y N 293 
PHE   CD2  C Y N 294 
PHE   CE1  C Y N 295 
PHE   CE2  C Y N 296 
PHE   CZ   C Y N 297 
PHE   OXT  O N N 298 
PHE   H    H N N 299 
PHE   H2   H N N 300 
PHE   HA   H N N 301 
PHE   HB2  H N N 302 
PHE   HB3  H N N 303 
PHE   HD1  H N N 304 
PHE   HD2  H N N 305 
PHE   HE1  H N N 306 
PHE   HE2  H N N 307 
PHE   HZ   H N N 308 
PHE   HXT  H N N 309 
PRO   N    N N N 310 
PRO   CA   C N S 311 
PRO   C    C N N 312 
PRO   O    O N N 313 
PRO   CB   C N N 314 
PRO   CG   C N N 315 
PRO   CD   C N N 316 
PRO   OXT  O N N 317 
PRO   H    H N N 318 
PRO   HA   H N N 319 
PRO   HB2  H N N 320 
PRO   HB3  H N N 321 
PRO   HG2  H N N 322 
PRO   HG3  H N N 323 
PRO   HD2  H N N 324 
PRO   HD3  H N N 325 
PRO   HXT  H N N 326 
SER   N    N N N 327 
SER   CA   C N S 328 
SER   C    C N N 329 
SER   O    O N N 330 
SER   CB   C N N 331 
SER   OG   O N N 332 
SER   OXT  O N N 333 
SER   H    H N N 334 
SER   H2   H N N 335 
SER   HA   H N N 336 
SER   HB2  H N N 337 
SER   HB3  H N N 338 
SER   HG   H N N 339 
SER   HXT  H N N 340 
SO4   S    S N N 341 
SO4   O1   O N N 342 
SO4   O2   O N N 343 
SO4   O3   O N N 344 
SO4   O4   O N N 345 
THR   N    N N N 346 
THR   CA   C N S 347 
THR   C    C N N 348 
THR   O    O N N 349 
THR   CB   C N R 350 
THR   OG1  O N N 351 
THR   CG2  C N N 352 
THR   OXT  O N N 353 
THR   H    H N N 354 
THR   H2   H N N 355 
THR   HA   H N N 356 
THR   HB   H N N 357 
THR   HG1  H N N 358 
THR   HG21 H N N 359 
THR   HG22 H N N 360 
THR   HG23 H N N 361 
THR   HXT  H N N 362 
TRP   N    N N N 363 
TRP   CA   C N S 364 
TRP   C    C N N 365 
TRP   O    O N N 366 
TRP   CB   C N N 367 
TRP   CG   C Y N 368 
TRP   CD1  C Y N 369 
TRP   CD2  C Y N 370 
TRP   NE1  N Y N 371 
TRP   CE2  C Y N 372 
TRP   CE3  C Y N 373 
TRP   CZ2  C Y N 374 
TRP   CZ3  C Y N 375 
TRP   CH2  C Y N 376 
TRP   OXT  O N N 377 
TRP   H    H N N 378 
TRP   H2   H N N 379 
TRP   HA   H N N 380 
TRP   HB2  H N N 381 
TRP   HB3  H N N 382 
TRP   HD1  H N N 383 
TRP   HE1  H N N 384 
TRP   HE3  H N N 385 
TRP   HZ2  H N N 386 
TRP   HZ3  H N N 387 
TRP   HH2  H N N 388 
TRP   HXT  H N N 389 
TYR   N    N N N 390 
TYR   CA   C N S 391 
TYR   C    C N N 392 
TYR   O    O N N 393 
TYR   CB   C N N 394 
TYR   CG   C Y N 395 
TYR   CD1  C Y N 396 
TYR   CD2  C Y N 397 
TYR   CE1  C Y N 398 
TYR   CE2  C Y N 399 
TYR   CZ   C Y N 400 
TYR   OH   O N N 401 
TYR   OXT  O N N 402 
TYR   H    H N N 403 
TYR   H2   H N N 404 
TYR   HA   H N N 405 
TYR   HB2  H N N 406 
TYR   HB3  H N N 407 
TYR   HD1  H N N 408 
TYR   HD2  H N N 409 
TYR   HE1  H N N 410 
TYR   HE2  H N N 411 
TYR   HH   H N N 412 
TYR   HXT  H N N 413 
VAL   N    N N N 414 
VAL   CA   C N S 415 
VAL   C    C N N 416 
VAL   O    O N N 417 
VAL   CB   C N N 418 
VAL   CG1  C N N 419 
VAL   CG2  C N N 420 
VAL   OXT  O N N 421 
VAL   H    H N N 422 
VAL   H2   H N N 423 
VAL   HA   H N N 424 
VAL   HB   H N N 425 
VAL   HG11 H N N 426 
VAL   HG12 H N N 427 
VAL   HG13 H N N 428 
VAL   HG21 H N N 429 
VAL   HG22 H N N 430 
VAL   HG23 H N N 431 
VAL   HXT  H N N 432 
# 
loop_
_chem_comp_bond.comp_id 
_chem_comp_bond.atom_id_1 
_chem_comp_bond.atom_id_2 
_chem_comp_bond.value_order 
_chem_comp_bond.pdbx_aromatic_flag 
_chem_comp_bond.pdbx_stereo_config 
_chem_comp_bond.pdbx_ordinal 
A1BDJ C   F    sing N N 1   
A1BDJ C   C1   doub Y N 2   
A1BDJ C1  C2   sing Y N 3   
A1BDJ C2  C3   doub Y N 4   
A1BDJ N   C3   sing N N 5   
A1BDJ C4  N    sing N N 6   
A1BDJ C4  C5   sing N N 7   
A1BDJ C5  C6   sing N N 8   
A1BDJ C6  O    sing N N 9   
A1BDJ O   C7   sing N N 10  
A1BDJ C7  C8   sing N N 11  
A1BDJ C8  C4   sing N N 12  
A1BDJ C3  N1   sing Y N 13  
A1BDJ N1  C9   doub Y N 14  
A1BDJ C9  C    sing Y N 15  
A1BDJ C4  H3   sing N N 16  
A1BDJ C5  H4   sing N N 17  
A1BDJ C5  H5   sing N N 18  
A1BDJ C6  H7   sing N N 19  
A1BDJ C6  H6   sing N N 20  
A1BDJ C7  H8   sing N N 21  
A1BDJ C7  H9   sing N N 22  
A1BDJ C8  H10  sing N N 23  
A1BDJ C8  H11  sing N N 24  
A1BDJ N   H2   sing N N 25  
A1BDJ C1  H    sing N N 26  
A1BDJ C2  H1   sing N N 27  
A1BDJ C9  H12  sing N N 28  
ALA   N   CA   sing N N 29  
ALA   N   H    sing N N 30  
ALA   N   H2   sing N N 31  
ALA   CA  C    sing N N 32  
ALA   CA  CB   sing N N 33  
ALA   CA  HA   sing N N 34  
ALA   C   O    doub N N 35  
ALA   C   OXT  sing N N 36  
ALA   CB  HB1  sing N N 37  
ALA   CB  HB2  sing N N 38  
ALA   CB  HB3  sing N N 39  
ALA   OXT HXT  sing N N 40  
ARG   N   CA   sing N N 41  
ARG   N   H    sing N N 42  
ARG   N   H2   sing N N 43  
ARG   CA  C    sing N N 44  
ARG   CA  CB   sing N N 45  
ARG   CA  HA   sing N N 46  
ARG   C   O    doub N N 47  
ARG   C   OXT  sing N N 48  
ARG   CB  CG   sing N N 49  
ARG   CB  HB2  sing N N 50  
ARG   CB  HB3  sing N N 51  
ARG   CG  CD   sing N N 52  
ARG   CG  HG2  sing N N 53  
ARG   CG  HG3  sing N N 54  
ARG   CD  NE   sing N N 55  
ARG   CD  HD2  sing N N 56  
ARG   CD  HD3  sing N N 57  
ARG   NE  CZ   sing N N 58  
ARG   NE  HE   sing N N 59  
ARG   CZ  NH1  sing N N 60  
ARG   CZ  NH2  doub N N 61  
ARG   NH1 HH11 sing N N 62  
ARG   NH1 HH12 sing N N 63  
ARG   NH2 HH21 sing N N 64  
ARG   NH2 HH22 sing N N 65  
ARG   OXT HXT  sing N N 66  
ASN   N   CA   sing N N 67  
ASN   N   H    sing N N 68  
ASN   N   H2   sing N N 69  
ASN   CA  C    sing N N 70  
ASN   CA  CB   sing N N 71  
ASN   CA  HA   sing N N 72  
ASN   C   O    doub N N 73  
ASN   C   OXT  sing N N 74  
ASN   CB  CG   sing N N 75  
ASN   CB  HB2  sing N N 76  
ASN   CB  HB3  sing N N 77  
ASN   CG  OD1  doub N N 78  
ASN   CG  ND2  sing N N 79  
ASN   ND2 HD21 sing N N 80  
ASN   ND2 HD22 sing N N 81  
ASN   OXT HXT  sing N N 82  
ASP   N   CA   sing N N 83  
ASP   N   H    sing N N 84  
ASP   N   H2   sing N N 85  
ASP   CA  C    sing N N 86  
ASP   CA  CB   sing N N 87  
ASP   CA  HA   sing N N 88  
ASP   C   O    doub N N 89  
ASP   C   OXT  sing N N 90  
ASP   CB  CG   sing N N 91  
ASP   CB  HB2  sing N N 92  
ASP   CB  HB3  sing N N 93  
ASP   CG  OD1  doub N N 94  
ASP   CG  OD2  sing N N 95  
ASP   OD2 HD2  sing N N 96  
ASP   OXT HXT  sing N N 97  
CYS   N   CA   sing N N 98  
CYS   N   H    sing N N 99  
CYS   N   H2   sing N N 100 
CYS   CA  C    sing N N 101 
CYS   CA  CB   sing N N 102 
CYS   CA  HA   sing N N 103 
CYS   C   O    doub N N 104 
CYS   C   OXT  sing N N 105 
CYS   CB  SG   sing N N 106 
CYS   CB  HB2  sing N N 107 
CYS   CB  HB3  sing N N 108 
CYS   SG  HG   sing N N 109 
CYS   OXT HXT  sing N N 110 
EDO   C1  O1   sing N N 111 
EDO   C1  C2   sing N N 112 
EDO   C1  H11  sing N N 113 
EDO   C1  H12  sing N N 114 
EDO   O1  HO1  sing N N 115 
EDO   C2  O2   sing N N 116 
EDO   C2  H21  sing N N 117 
EDO   C2  H22  sing N N 118 
EDO   O2  HO2  sing N N 119 
GLN   N   CA   sing N N 120 
GLN   N   H    sing N N 121 
GLN   N   H2   sing N N 122 
GLN   CA  C    sing N N 123 
GLN   CA  CB   sing N N 124 
GLN   CA  HA   sing N N 125 
GLN   C   O    doub N N 126 
GLN   C   OXT  sing N N 127 
GLN   CB  CG   sing N N 128 
GLN   CB  HB2  sing N N 129 
GLN   CB  HB3  sing N N 130 
GLN   CG  CD   sing N N 131 
GLN   CG  HG2  sing N N 132 
GLN   CG  HG3  sing N N 133 
GLN   CD  OE1  doub N N 134 
GLN   CD  NE2  sing N N 135 
GLN   NE2 HE21 sing N N 136 
GLN   NE2 HE22 sing N N 137 
GLN   OXT HXT  sing N N 138 
GLU   N   CA   sing N N 139 
GLU   N   H    sing N N 140 
GLU   N   H2   sing N N 141 
GLU   CA  C    sing N N 142 
GLU   CA  CB   sing N N 143 
GLU   CA  HA   sing N N 144 
GLU   C   O    doub N N 145 
GLU   C   OXT  sing N N 146 
GLU   CB  CG   sing N N 147 
GLU   CB  HB2  sing N N 148 
GLU   CB  HB3  sing N N 149 
GLU   CG  CD   sing N N 150 
GLU   CG  HG2  sing N N 151 
GLU   CG  HG3  sing N N 152 
GLU   CD  OE1  doub N N 153 
GLU   CD  OE2  sing N N 154 
GLU   OE2 HE2  sing N N 155 
GLU   OXT HXT  sing N N 156 
GLY   N   CA   sing N N 157 
GLY   N   H    sing N N 158 
GLY   N   H2   sing N N 159 
GLY   CA  C    sing N N 160 
GLY   CA  HA2  sing N N 161 
GLY   CA  HA3  sing N N 162 
GLY   C   O    doub N N 163 
GLY   C   OXT  sing N N 164 
GLY   OXT HXT  sing N N 165 
HIS   N   CA   sing N N 166 
HIS   N   H    sing N N 167 
HIS   N   H2   sing N N 168 
HIS   CA  C    sing N N 169 
HIS   CA  CB   sing N N 170 
HIS   CA  HA   sing N N 171 
HIS   C   O    doub N N 172 
HIS   C   OXT  sing N N 173 
HIS   CB  CG   sing N N 174 
HIS   CB  HB2  sing N N 175 
HIS   CB  HB3  sing N N 176 
HIS   CG  ND1  sing Y N 177 
HIS   CG  CD2  doub Y N 178 
HIS   ND1 CE1  doub Y N 179 
HIS   ND1 HD1  sing N N 180 
HIS   CD2 NE2  sing Y N 181 
HIS   CD2 HD2  sing N N 182 
HIS   CE1 NE2  sing Y N 183 
HIS   CE1 HE1  sing N N 184 
HIS   NE2 HE2  sing N N 185 
HIS   OXT HXT  sing N N 186 
HOH   O   H1   sing N N 187 
HOH   O   H2   sing N N 188 
ILE   N   CA   sing N N 189 
ILE   N   H    sing N N 190 
ILE   N   H2   sing N N 191 
ILE   CA  C    sing N N 192 
ILE   CA  CB   sing N N 193 
ILE   CA  HA   sing N N 194 
ILE   C   O    doub N N 195 
ILE   C   OXT  sing N N 196 
ILE   CB  CG1  sing N N 197 
ILE   CB  CG2  sing N N 198 
ILE   CB  HB   sing N N 199 
ILE   CG1 CD1  sing N N 200 
ILE   CG1 HG12 sing N N 201 
ILE   CG1 HG13 sing N N 202 
ILE   CG2 HG21 sing N N 203 
ILE   CG2 HG22 sing N N 204 
ILE   CG2 HG23 sing N N 205 
ILE   CD1 HD11 sing N N 206 
ILE   CD1 HD12 sing N N 207 
ILE   CD1 HD13 sing N N 208 
ILE   OXT HXT  sing N N 209 
LEU   N   CA   sing N N 210 
LEU   N   H    sing N N 211 
LEU   N   H2   sing N N 212 
LEU   CA  C    sing N N 213 
LEU   CA  CB   sing N N 214 
LEU   CA  HA   sing N N 215 
LEU   C   O    doub N N 216 
LEU   C   OXT  sing N N 217 
LEU   CB  CG   sing N N 218 
LEU   CB  HB2  sing N N 219 
LEU   CB  HB3  sing N N 220 
LEU   CG  CD1  sing N N 221 
LEU   CG  CD2  sing N N 222 
LEU   CG  HG   sing N N 223 
LEU   CD1 HD11 sing N N 224 
LEU   CD1 HD12 sing N N 225 
LEU   CD1 HD13 sing N N 226 
LEU   CD2 HD21 sing N N 227 
LEU   CD2 HD22 sing N N 228 
LEU   CD2 HD23 sing N N 229 
LEU   OXT HXT  sing N N 230 
LYS   N   CA   sing N N 231 
LYS   N   H    sing N N 232 
LYS   N   H2   sing N N 233 
LYS   CA  C    sing N N 234 
LYS   CA  CB   sing N N 235 
LYS   CA  HA   sing N N 236 
LYS   C   O    doub N N 237 
LYS   C   OXT  sing N N 238 
LYS   CB  CG   sing N N 239 
LYS   CB  HB2  sing N N 240 
LYS   CB  HB3  sing N N 241 
LYS   CG  CD   sing N N 242 
LYS   CG  HG2  sing N N 243 
LYS   CG  HG3  sing N N 244 
LYS   CD  CE   sing N N 245 
LYS   CD  HD2  sing N N 246 
LYS   CD  HD3  sing N N 247 
LYS   CE  NZ   sing N N 248 
LYS   CE  HE2  sing N N 249 
LYS   CE  HE3  sing N N 250 
LYS   NZ  HZ1  sing N N 251 
LYS   NZ  HZ2  sing N N 252 
LYS   NZ  HZ3  sing N N 253 
LYS   OXT HXT  sing N N 254 
MET   N   CA   sing N N 255 
MET   N   H    sing N N 256 
MET   N   H2   sing N N 257 
MET   CA  C    sing N N 258 
MET   CA  CB   sing N N 259 
MET   CA  HA   sing N N 260 
MET   C   O    doub N N 261 
MET   C   OXT  sing N N 262 
MET   CB  CG   sing N N 263 
MET   CB  HB2  sing N N 264 
MET   CB  HB3  sing N N 265 
MET   CG  SD   sing N N 266 
MET   CG  HG2  sing N N 267 
MET   CG  HG3  sing N N 268 
MET   SD  CE   sing N N 269 
MET   CE  HE1  sing N N 270 
MET   CE  HE2  sing N N 271 
MET   CE  HE3  sing N N 272 
MET   OXT HXT  sing N N 273 
PHE   N   CA   sing N N 274 
PHE   N   H    sing N N 275 
PHE   N   H2   sing N N 276 
PHE   CA  C    sing N N 277 
PHE   CA  CB   sing N N 278 
PHE   CA  HA   sing N N 279 
PHE   C   O    doub N N 280 
PHE   C   OXT  sing N N 281 
PHE   CB  CG   sing N N 282 
PHE   CB  HB2  sing N N 283 
PHE   CB  HB3  sing N N 284 
PHE   CG  CD1  doub Y N 285 
PHE   CG  CD2  sing Y N 286 
PHE   CD1 CE1  sing Y N 287 
PHE   CD1 HD1  sing N N 288 
PHE   CD2 CE2  doub Y N 289 
PHE   CD2 HD2  sing N N 290 
PHE   CE1 CZ   doub Y N 291 
PHE   CE1 HE1  sing N N 292 
PHE   CE2 CZ   sing Y N 293 
PHE   CE2 HE2  sing N N 294 
PHE   CZ  HZ   sing N N 295 
PHE   OXT HXT  sing N N 296 
PRO   N   CA   sing N N 297 
PRO   N   CD   sing N N 298 
PRO   N   H    sing N N 299 
PRO   CA  C    sing N N 300 
PRO   CA  CB   sing N N 301 
PRO   CA  HA   sing N N 302 
PRO   C   O    doub N N 303 
PRO   C   OXT  sing N N 304 
PRO   CB  CG   sing N N 305 
PRO   CB  HB2  sing N N 306 
PRO   CB  HB3  sing N N 307 
PRO   CG  CD   sing N N 308 
PRO   CG  HG2  sing N N 309 
PRO   CG  HG3  sing N N 310 
PRO   CD  HD2  sing N N 311 
PRO   CD  HD3  sing N N 312 
PRO   OXT HXT  sing N N 313 
SER   N   CA   sing N N 314 
SER   N   H    sing N N 315 
SER   N   H2   sing N N 316 
SER   CA  C    sing N N 317 
SER   CA  CB   sing N N 318 
SER   CA  HA   sing N N 319 
SER   C   O    doub N N 320 
SER   C   OXT  sing N N 321 
SER   CB  OG   sing N N 322 
SER   CB  HB2  sing N N 323 
SER   CB  HB3  sing N N 324 
SER   OG  HG   sing N N 325 
SER   OXT HXT  sing N N 326 
SO4   S   O1   doub N N 327 
SO4   S   O2   doub N N 328 
SO4   S   O3   sing N N 329 
SO4   S   O4   sing N N 330 
THR   N   CA   sing N N 331 
THR   N   H    sing N N 332 
THR   N   H2   sing N N 333 
THR   CA  C    sing N N 334 
THR   CA  CB   sing N N 335 
THR   CA  HA   sing N N 336 
THR   C   O    doub N N 337 
THR   C   OXT  sing N N 338 
THR   CB  OG1  sing N N 339 
THR   CB  CG2  sing N N 340 
THR   CB  HB   sing N N 341 
THR   OG1 HG1  sing N N 342 
THR   CG2 HG21 sing N N 343 
THR   CG2 HG22 sing N N 344 
THR   CG2 HG23 sing N N 345 
THR   OXT HXT  sing N N 346 
TRP   N   CA   sing N N 347 
TRP   N   H    sing N N 348 
TRP   N   H2   sing N N 349 
TRP   CA  C    sing N N 350 
TRP   CA  CB   sing N N 351 
TRP   CA  HA   sing N N 352 
TRP   C   O    doub N N 353 
TRP   C   OXT  sing N N 354 
TRP   CB  CG   sing N N 355 
TRP   CB  HB2  sing N N 356 
TRP   CB  HB3  sing N N 357 
TRP   CG  CD1  doub Y N 358 
TRP   CG  CD2  sing Y N 359 
TRP   CD1 NE1  sing Y N 360 
TRP   CD1 HD1  sing N N 361 
TRP   CD2 CE2  doub Y N 362 
TRP   CD2 CE3  sing Y N 363 
TRP   NE1 CE2  sing Y N 364 
TRP   NE1 HE1  sing N N 365 
TRP   CE2 CZ2  sing Y N 366 
TRP   CE3 CZ3  doub Y N 367 
TRP   CE3 HE3  sing N N 368 
TRP   CZ2 CH2  doub Y N 369 
TRP   CZ2 HZ2  sing N N 370 
TRP   CZ3 CH2  sing Y N 371 
TRP   CZ3 HZ3  sing N N 372 
TRP   CH2 HH2  sing N N 373 
TRP   OXT HXT  sing N N 374 
TYR   N   CA   sing N N 375 
TYR   N   H    sing N N 376 
TYR   N   H2   sing N N 377 
TYR   CA  C    sing N N 378 
TYR   CA  CB   sing N N 379 
TYR   CA  HA   sing N N 380 
TYR   C   O    doub N N 381 
TYR   C   OXT  sing N N 382 
TYR   CB  CG   sing N N 383 
TYR   CB  HB2  sing N N 384 
TYR   CB  HB3  sing N N 385 
TYR   CG  CD1  doub Y N 386 
TYR   CG  CD2  sing Y N 387 
TYR   CD1 CE1  sing Y N 388 
TYR   CD1 HD1  sing N N 389 
TYR   CD2 CE2  doub Y N 390 
TYR   CD2 HD2  sing N N 391 
TYR   CE1 CZ   doub Y N 392 
TYR   CE1 HE1  sing N N 393 
TYR   CE2 CZ   sing Y N 394 
TYR   CE2 HE2  sing N N 395 
TYR   CZ  OH   sing N N 396 
TYR   OH  HH   sing N N 397 
TYR   OXT HXT  sing N N 398 
VAL   N   CA   sing N N 399 
VAL   N   H    sing N N 400 
VAL   N   H2   sing N N 401 
VAL   CA  C    sing N N 402 
VAL   CA  CB   sing N N 403 
VAL   CA  HA   sing N N 404 
VAL   C   O    doub N N 405 
VAL   C   OXT  sing N N 406 
VAL   CB  CG1  sing N N 407 
VAL   CB  CG2  sing N N 408 
VAL   CB  HB   sing N N 409 
VAL   CG1 HG11 sing N N 410 
VAL   CG1 HG12 sing N N 411 
VAL   CG1 HG13 sing N N 412 
VAL   CG2 HG21 sing N N 413 
VAL   CG2 HG22 sing N N 414 
VAL   CG2 HG23 sing N N 415 
VAL   OXT HXT  sing N N 416 
# 
_pdbx_audit_support.ordinal                1 
_pdbx_audit_support.funding_organization   'European Union (EU)' 
_pdbx_audit_support.grant_number           875510 
_pdbx_audit_support.country                'European Union' 
# 
_pdbx_deposit_group.group_id            G_1002320 
_pdbx_deposit_group.group_description   
;PRYSPRY domain of murine TRIM21 screened against the DSI-poised Fragment Library by X-ray Crystallography at the XChem facility of Diamon Light Source
;
_pdbx_deposit_group.group_title         'PanDDA analysis group deposition' 
_pdbx_deposit_group.group_type          'changed state' 
# 
_pdbx_initial_refinement_model.id               1 
_pdbx_initial_refinement_model.entity_id_list   ? 
_pdbx_initial_refinement_model.type             'experimental model' 
_pdbx_initial_refinement_model.source_name      PDB 
_pdbx_initial_refinement_model.accession_code   2VOK 
_pdbx_initial_refinement_model.details          ? 
# 
_atom_sites.entry_id                    7HM6 
_atom_sites.fract_transf_matrix[1][1]   0.00091930 
_atom_sites.fract_transf_matrix[1][2]   0.00673138 
_atom_sites.fract_transf_matrix[1][3]   0.00795067 
_atom_sites.fract_transf_matrix[2][1]   -0.00923287 
_atom_sites.fract_transf_matrix[2][2]   0.00422308 
_atom_sites.fract_transf_matrix[2][3]   -0.00250788 
_atom_sites.fract_transf_matrix[3][1]   -0.01006344 
_atom_sites.fract_transf_matrix[3][2]   -0.01418078 
_atom_sites.fract_transf_matrix[3][3]   0.01316964 
_atom_sites.fract_transf_vector[1]      -0.298858 
_atom_sites.fract_transf_vector[2]      -0.117447 
_atom_sites.fract_transf_vector[3]      -0.503522 
# 
loop_
_atom_type.symbol 
C 
F 
N 
O 
S 
# 
loop_
_atom_site.group_PDB 
_atom_site.id 
_atom_site.type_symbol 
_atom_site.label_atom_id 
_atom_site.label_alt_id 
_atom_site.label_comp_id 
_atom_site.label_asym_id 
_atom_site.label_entity_id 
_atom_site.label_seq_id 
_atom_site.pdbx_PDB_ins_code 
_atom_site.Cartn_x 
_atom_site.Cartn_y 
_atom_site.Cartn_z 
_atom_site.occupancy 
_atom_site.B_iso_or_equiv 
_atom_site.pdbx_formal_charge 
_atom_site.auth_seq_id 
_atom_site.auth_comp_id 
_atom_site.auth_asym_id 
_atom_site.auth_atom_id 
_atom_site.pdbx_PDB_model_num 
ATOM   1    N N   . HIS   A 1 2   ? -3.145  0.687   20.176  1.00 67.77 ? 8   HIS   B N   1 
ATOM   2    C CA  . HIS   A 1 2   ? -1.979  1.578   19.836  1.00 62.04 ? 8   HIS   B CA  1 
ATOM   3    C C   . HIS   A 1 2   ? -2.371  3.053   20.020  1.00 61.12 ? 8   HIS   B C   1 
ATOM   4    O O   . HIS   A 1 2   ? -3.587  3.365   19.973  1.00 66.55 ? 8   HIS   B O   1 
ATOM   5    C CB  . HIS   A 1 2   ? -1.455  1.279   18.415  1.00 54.64 ? 8   HIS   B CB  1 
ATOM   6    C CG  . HIS   A 1 2   ? -2.332  1.753   17.296  1.00 50.75 ? 8   HIS   B CG  1 
ATOM   7    N ND1 . HIS   A 1 2   ? -2.303  3.063   16.832  1.00 50.13 ? 8   HIS   B ND1 1 
ATOM   8    C CD2 . HIS   A 1 2   ? -3.233  1.104   16.520  1.00 45.79 ? 8   HIS   B CD2 1 
ATOM   9    C CE1 . HIS   A 1 2   ? -3.165  3.199   15.842  1.00 48.49 ? 8   HIS   B CE1 1 
ATOM   10   N NE2 . HIS   A 1 2   ? -3.747  2.014   15.623  1.00 43.40 ? 8   HIS   B NE2 1 
ATOM   11   N N   . HIS   A 1 3   ? -1.363  3.918   20.185  1.00 57.00 ? 9   HIS   B N   1 
ATOM   12   C CA  . HIS   A 1 3   ? -1.487  5.393   20.340  1.00 54.80 ? 9   HIS   B CA  1 
ATOM   13   C C   . HIS   A 1 3   ? -0.685  6.100   19.233  1.00 48.95 ? 9   HIS   B C   1 
ATOM   14   O O   . HIS   A 1 3   ? 0.027   7.085   19.552  1.00 47.48 ? 9   HIS   B O   1 
ATOM   15   C CB  . HIS   A 1 3   ? -1.085  5.779   21.778  1.00 62.99 ? 9   HIS   B CB  1 
ATOM   16   C CG  . HIS   A 1 3   ? -1.913  5.081   22.812  1.00 72.45 ? 9   HIS   B CG  1 
ATOM   17   N ND1 . HIS   A 1 3   ? -3.301  5.175   22.843  1.00 72.90 ? 9   HIS   B ND1 1 
ATOM   18   C CD2 . HIS   A 1 3   ? -1.572  4.267   23.836  1.00 76.23 ? 9   HIS   B CD2 1 
ATOM   19   C CE1 . HIS   A 1 3   ? -3.772  4.455   23.841  1.00 73.00 ? 9   HIS   B CE1 1 
ATOM   20   N NE2 . HIS   A 1 3   ? -2.731  3.890   24.468  1.00 77.34 ? 9   HIS   B NE2 1 
ATOM   21   N N   . HIS   A 1 4   ? -0.797  5.627   17.976  1.00 38.37 ? 10  HIS   B N   1 
ATOM   22   C CA  . HIS   A 1 4   ? -0.060  6.167   16.793  1.00 32.19 ? 10  HIS   B CA  1 
ATOM   23   C C   . HIS   A 1 4   ? -0.915  7.194   16.050  1.00 32.14 ? 10  HIS   B C   1 
ATOM   24   O O   . HIS   A 1 4   ? -0.369  7.934   15.217  1.00 29.39 ? 10  HIS   B O   1 
ATOM   25   C CB  . HIS   A 1 4   ? 0.347   5.050   15.819  1.00 30.24 ? 10  HIS   B CB  1 
ATOM   26   C CG  . HIS   A 1 4   ? 1.262   4.036   16.410  1.00 29.81 ? 10  HIS   B CG  1 
ATOM   27   N ND1 . HIS   A 1 4   ? 2.397   4.377   17.160  1.00 29.77 ? 10  HIS   B ND1 1 
ATOM   28   C CD2 . HIS   A 1 4   ? 1.218   2.688   16.380  1.00 28.51 ? 10  HIS   B CD2 1 
ATOM   29   C CE1 . HIS   A 1 4   ? 3.008   3.268   17.547  1.00 33.22 ? 10  HIS   B CE1 1 
ATOM   30   N NE2 . HIS   A 1 4   ? 2.310   2.223   17.067  1.00 31.77 ? 10  HIS   B NE2 1 
ATOM   31   N N   . HIS   A 1 5   ? -2.219  7.241   16.340  1.00 33.41 ? 11  HIS   B N   1 
ATOM   32   C CA  . HIS   A 1 5   ? -3.210  8.079   15.611  1.00 37.21 ? 11  HIS   B CA  1 
ATOM   33   C C   . HIS   A 1 5   ? -2.730  9.540   15.514  1.00 35.06 ? 11  HIS   B C   1 
ATOM   34   O O   . HIS   A 1 5   ? -2.972  10.152  14.455  1.00 33.86 ? 11  HIS   B O   1 
ATOM   35   C CB  . HIS   A 1 5   ? -4.622  7.974   16.237  1.00 46.42 ? 11  HIS   B CB  1 
ATOM   36   C CG  . HIS   A 1 5   ? -5.096  6.578   16.500  1.00 60.31 ? 11  HIS   B CG  1 
ATOM   37   N ND1 . HIS   A 1 5   ? -4.969  5.965   17.751  1.00 72.03 ? 11  HIS   B ND1 1 
ATOM   38   C CD2 . HIS   A 1 5   ? -5.711  5.672   15.702  1.00 68.68 ? 11  HIS   B CD2 1 
ATOM   39   C CE1 . HIS   A 1 5   ? -5.474  4.744   17.699  1.00 71.75 ? 11  HIS   B CE1 1 
ATOM   40   N NE2 . HIS   A 1 5   ? -5.937  4.539   16.452  1.00 72.77 ? 11  HIS   B NE2 1 
ATOM   41   N N   . HIS   A 1 6   ? -2.040  10.075  16.542  1.00 32.29 ? 12  HIS   B N   1 
ATOM   42   C CA  . HIS   A 1 6   ? -1.587  11.493  16.634  1.00 32.25 ? 12  HIS   B CA  1 
ATOM   43   C C   . HIS   A 1 6   ? -0.459  11.817  15.648  1.00 29.33 ? 12  HIS   B C   1 
ATOM   44   O O   . HIS   A 1 6   ? -0.163  13.014  15.476  1.00 32.67 ? 12  HIS   B O   1 
ATOM   45   C CB  . HIS   A 1 6   ? -1.192  11.865  18.070  1.00 36.71 ? 12  HIS   B CB  1 
ATOM   46   C CG  . HIS   A 1 6   ? -0.006  11.162  18.632  1.00 36.72 ? 12  HIS   B CG  1 
ATOM   47   N ND1 . HIS   A 1 6   ? 1.210   11.800  18.813  1.00 45.04 ? 12  HIS   B ND1 1 
ATOM   48   C CD2 . HIS   A 1 6   ? 0.143   9.915   19.134  1.00 39.83 ? 12  HIS   B CD2 1 
ATOM   49   C CE1 . HIS   A 1 6   ? 2.071   10.966  19.366  1.00 37.66 ? 12  HIS   B CE1 1 
ATOM   50   N NE2 . HIS   A 1 6   ? 1.446   9.800   19.572  1.00 44.52 ? 12  HIS   B NE2 1 
ATOM   51   N N   . HIS   A 1 7   ? 0.187   10.814  15.033  1.00 24.44 ? 13  HIS   B N   1 
ATOM   52   C CA  . HIS   A 1 7   ? 1.166   11.008  13.922  1.00 21.56 ? 13  HIS   B CA  1 
ATOM   53   C C   . HIS   A 1 7   ? 0.464   10.966  12.572  1.00 19.79 ? 13  HIS   B C   1 
ATOM   54   O O   . HIS   A 1 7   ? 1.167   10.721  11.572  1.00 16.89 ? 13  HIS   B O   1 
ATOM   55   C CB  . HIS   A 1 7   ? 2.253   9.937   13.976  1.00 19.97 ? 13  HIS   B CB  1 
ATOM   56   C CG  . HIS   A 1 7   ? 3.010   9.961   15.270  1.00 21.44 ? 13  HIS   B CG  1 
ATOM   57   N ND1 . HIS   A 1 7   ? 3.767   11.062  15.624  1.00 22.36 ? 13  HIS   B ND1 1 
ATOM   58   C CD2 . HIS   A 1 7   ? 3.119   9.047   16.258  1.00 22.78 ? 13  HIS   B CD2 1 
ATOM   59   C CE1 . HIS   A 1 7   ? 4.322   10.830  16.800  1.00 21.72 ? 13  HIS   B CE1 1 
ATOM   60   N NE2 . HIS   A 1 7   ? 3.919   9.623   17.241  1.00 25.86 ? 13  HIS   B NE2 1 
ATOM   61   N N   . MET   A 1 8   ? -0.855  11.089  12.556  1.00 20.31 ? 14  MET   B N   1 
ATOM   62   C CA  . MET   A 1 8   ? -1.655  11.041  11.315  1.00 22.64 ? 14  MET   B CA  1 
ATOM   63   C C   . MET   A 1 8   ? -1.078  12.028  10.284  1.00 20.56 ? 14  MET   B C   1 
ATOM   64   O O   . MET   A 1 8   ? -0.723  13.219  10.603  1.00 23.51 ? 14  MET   B O   1 
ATOM   65   C CB  . MET   A 1 8   ? -3.128  11.353  11.598  1.00 29.01 ? 14  MET   B CB  1 
ATOM   66   C CG  . MET   A 1 8   ? -4.044  11.329  10.365  1.00 34.94 ? 14  MET   B CG  1 
ATOM   67   S SD  . MET   A 1 8   ? -4.372  9.662   9.672   1.00 44.91 ? 14  MET   B SD  1 
ATOM   68   C CE  . MET   A 1 8   ? -5.660  9.084   10.767  1.00 34.29 ? 14  MET   B CE  1 
ATOM   69   N N   . VAL   A 1 9   ? -0.989  11.583  9.037   1.00 18.10 ? 15  VAL   B N   1 
ATOM   70   C CA  . VAL   A 1 9   ? -0.553  12.407  7.878   1.00 18.67 ? 15  VAL   B CA  1 
ATOM   71   C C   . VAL   A 1 9   ? -1.637  12.300  6.791   1.00 18.94 ? 15  VAL   B C   1 
ATOM   72   O O   . VAL   A 1 9   ? -2.262  11.218  6.663   1.00 18.98 ? 15  VAL   B O   1 
ATOM   73   C CB  . VAL   A 1 9   ? 0.854   12.052  7.357   1.00 19.37 ? 15  VAL   B CB  1 
ATOM   74   C CG1 . VAL   A 1 9   ? 1.900   12.415  8.394   1.00 21.80 ? 15  VAL   B CG1 1 
ATOM   75   C CG2 . VAL   A 1 9   ? 1.014   10.599  6.950   1.00 20.60 ? 15  VAL   B CG2 1 
ATOM   76   N N   . HIS   A 1 10  ? -1.818  13.355  6.000   1.00 19.31 ? 16  HIS   B N   1 
ATOM   77   C CA  . HIS   A 1 10  ? -2.817  13.412  4.911   1.00 18.87 ? 16  HIS   B CA  1 
ATOM   78   C C   . HIS   A 1 10  ? -2.121  12.930  3.638   1.00 19.05 ? 16  HIS   B C   1 
ATOM   79   O O   . HIS   A 1 10  ? -1.209  13.609  3.142   1.00 20.77 ? 16  HIS   B O   1 
ATOM   80   C CB  . HIS   A 1 10  ? -3.326  14.838  4.719   1.00 20.65 ? 16  HIS   B CB  1 
ATOM   81   C CG  . HIS   A 1 10  ? -4.412  14.991  3.698   1.00 25.86 ? 16  HIS   B CG  1 
ATOM   82   N ND1 . HIS   A 1 10  ? -5.728  14.642  3.958   1.00 29.29 ? 16  HIS   B ND1 1 
ATOM   83   C CD2 . HIS   A 1 10  ? -4.384  15.471  2.428   1.00 29.23 ? 16  HIS   B CD2 1 
ATOM   84   C CE1 . HIS   A 1 10  ? -6.472  14.911  2.890   1.00 27.12 ? 16  HIS   B CE1 1 
ATOM   85   N NE2 . HIS   A 1 10  ? -5.662  15.404  1.924   1.00 30.83 ? 16  HIS   B NE2 1 
ATOM   86   N N   . ILE   A 1 11  ? -2.423  11.712  3.225   1.00 14.80 ? 17  ILE   B N   1 
ATOM   87   C CA  . ILE   A 1 11  ? -1.797  11.098  2.034   1.00 15.75 ? 17  ILE   B CA  1 
ATOM   88   C C   . ILE   A 1 11  ? -2.686  11.367  0.814   1.00 15.64 ? 17  ILE   B C   1 
ATOM   89   O O   . ILE   A 1 11  ? -3.881  11.357  0.931   1.00 15.49 ? 17  ILE   B O   1 
ATOM   90   C CB  . ILE   A 1 11  ? -1.617  9.581   2.263   1.00 15.16 ? 17  ILE   B CB  1 
ATOM   91   C CG1 . ILE   A 1 11  ? -0.722  9.290   3.471   1.00 15.90 ? 17  ILE   B CG1 1 
ATOM   92   C CG2 . ILE   A 1 11  ? -1.075  8.935   1.003   1.00 14.75 ? 17  ILE   B CG2 1 
ATOM   93   C CD1 . ILE   A 1 11  ? 0.629   9.985   3.434   1.00 15.98 ? 17  ILE   B CD1 1 
ATOM   94   N N   . THR   A 1 12  ? -2.050  11.680  -0.297  1.00 14.73 ? 18  THR   B N   1 
ATOM   95   C CA  . THR   A 1 12  ? -2.740  11.788  -1.608  1.00 15.43 ? 18  THR   B CA  1 
ATOM   96   C C   . THR   A 1 12  ? -1.983  10.932  -2.610  1.00 15.34 ? 18  THR   B C   1 
ATOM   97   O O   . THR   A 1 12  ? -0.788  10.638  -2.435  1.00 16.15 ? 18  THR   B O   1 
ATOM   98   C CB  . THR   A 1 12  ? -2.860  13.246  -2.065  1.00 17.96 ? 18  THR   B CB  1 
ATOM   99   O OG1 . THR   A 1 12  ? -1.561  13.770  -2.227  1.00 18.19 ? 18  THR   B OG1 1 
ATOM   100  C CG2 . THR   A 1 12  ? -3.693  14.121  -1.137  1.00 20.11 ? 18  THR   B CG2 1 
ATOM   101  N N   . LEU   A 1 13  ? -2.705  10.473  -3.639  1.00 14.26 ? 19  LEU   B N   1 
ATOM   102  C CA  . LEU   A 1 13  ? -2.108  9.587   -4.650  1.00 14.26 ? 19  LEU   B CA  1 
ATOM   103  C C   . LEU   A 1 13  ? -1.455  10.387  -5.771  1.00 14.13 ? 19  LEU   B C   1 
ATOM   104  O O   . LEU   A 1 13  ? -2.037  11.419  -6.182  1.00 15.43 ? 19  LEU   B O   1 
ATOM   105  C CB  . LEU   A 1 13  ? -3.208  8.679   -5.181  1.00 14.11 ? 19  LEU   B CB  1 
ATOM   106  C CG  . LEU   A 1 13  ? -3.828  7.802   -4.104  1.00 15.30 ? 19  LEU   B CG  1 
ATOM   107  C CD1 . LEU   A 1 13  ? -5.077  7.069   -4.584  1.00 17.10 ? 19  LEU   B CD1 1 
ATOM   108  C CD2 . LEU   A 1 13  ? -2.784  6.830   -3.554  1.00 16.68 ? 19  LEU   B CD2 1 
ATOM   109  N N   . ASP   A 1 14  ? -0.372  9.888   -6.292  1.00 12.83 ? 20  ASP   B N   1 
ATOM   110  C CA  . ASP   A 1 14  ? 0.410   10.503  -7.398  1.00 13.18 ? 20  ASP   B CA  1 
ATOM   111  C C   . ASP   A 1 14  ? 0.005   9.793   -8.725  1.00 14.11 ? 20  ASP   B C   1 
ATOM   112  O O   . ASP   A 1 14  ? 0.519   8.710   -9.031  1.00 13.46 ? 20  ASP   B O   1 
ATOM   113  C CB  . ASP   A 1 14  ? 1.916   10.428  -7.148  1.00 13.19 ? 20  ASP   B CB  1 
ATOM   114  C CG  . ASP   A 1 14  ? 2.787   11.082  -8.208  1.00 18.55 ? 20  ASP   B CG  1 
ATOM   115  O OD1 . ASP   A 1 14  ? 2.214   11.402  -9.264  1.00 17.66 ? 20  ASP   B OD1 1 
ATOM   116  O OD2 . ASP   A 1 14  ? 4.046   11.153  -8.023  1.00 17.64 ? 20  ASP   B OD2 1 
ATOM   117  N N   A ARG   A 1 15  ? -0.919  10.431  -9.460  0.25 14.60 ? 21  ARG   B N   1 
ATOM   118  N N   B ARG   A 1 15  ? -0.902  10.411  -9.486  0.25 15.16 ? 21  ARG   B N   1 
ATOM   119  C CA  A ARG   A 1 15  ? -1.424  10.050  -10.816 0.25 16.16 ? 21  ARG   B CA  1 
ATOM   120  C CA  B ARG   A 1 15  ? -1.444  9.860   -10.762 0.25 16.88 ? 21  ARG   B CA  1 
ATOM   121  C C   A ARG   A 1 15  ? -0.304  9.571   -11.732 0.25 15.41 ? 21  ARG   B C   1 
ATOM   122  C C   B ARG   A 1 15  ? -0.316  9.575   -11.768 0.25 15.90 ? 21  ARG   B C   1 
ATOM   123  O O   A ARG   A 1 15  ? -0.525  8.632   -12.526 0.25 14.98 ? 21  ARG   B O   1 
ATOM   124  O O   B ARG   A 1 15  ? -0.524  8.716   -12.649 0.25 14.85 ? 21  ARG   B O   1 
ATOM   125  C CB  A ARG   A 1 15  ? -2.031  11.268  -11.533 0.25 17.03 ? 21  ARG   B CB  1 
ATOM   126  C CB  B ARG   A 1 15  ? -2.461  10.835  -11.379 0.25 19.45 ? 21  ARG   B CB  1 
ATOM   127  C CG  A ARG   A 1 15  ? -3.191  11.908  -10.794 0.25 19.51 ? 21  ARG   B CG  1 
ATOM   128  C CG  B ARG   A 1 15  ? -3.670  11.151  -10.510 0.25 22.13 ? 21  ARG   B CG  1 
ATOM   129  C CD  A ARG   A 1 15  ? -3.999  12.890  -11.630 0.25 19.32 ? 21  ARG   B CD  1 
ATOM   130  C CD  B ARG   A 1 15  ? -3.644  12.549  -9.895  0.25 26.06 ? 21  ARG   B CD  1 
ATOM   131  N NE  A ARG   A 1 15  ? -5.250  13.125  -10.931 0.25 19.23 ? 21  ARG   B NE  1 
ATOM   132  N NE  B ARG   A 1 15  ? -4.045  13.637  -10.793 0.25 27.99 ? 21  ARG   B NE  1 
ATOM   133  C CZ  A ARG   A 1 15  ? -6.251  12.269  -10.954 0.25 18.43 ? 21  ARG   B CZ  1 
ATOM   134  C CZ  B ARG   A 1 15  ? -3.312  14.714  -11.091 0.25 30.60 ? 21  ARG   B CZ  1 
ATOM   135  N NH1 A ARG   A 1 15  ? -6.140  11.174  -11.677 0.25 19.91 ? 21  ARG   B NH1 1 
ATOM   136  N NH1 B ARG   A 1 15  ? -2.115  14.896  -10.559 0.25 31.85 ? 21  ARG   B NH1 1 
ATOM   137  N NH2 A ARG   A 1 15  ? -7.351  12.502  -10.275 0.25 19.80 ? 21  ARG   B NH2 1 
ATOM   138  N NH2 B ARG   A 1 15  ? -3.791  15.623  -11.920 0.25 32.08 ? 21  ARG   B NH2 1 
ATOM   139  N N   . ASN   A 1 16  ? 0.829   10.269  -11.699 1.00 15.70 ? 22  ASN   B N   1 
ATOM   140  C CA  . ASN   A 1 16  ? 1.927   10.041  -12.662 1.00 16.40 ? 22  ASN   B CA  1 
ATOM   141  C C   . ASN   A 1 16  ? 2.590   8.672   -12.459 1.00 14.86 ? 22  ASN   B C   1 
ATOM   142  O O   . ASN   A 1 16  ? 3.171   8.138   -13.406 1.00 14.51 ? 22  ASN   B O   1 
ATOM   143  C CB  . ASN   A 1 16  ? 2.912   11.213  -12.607 1.00 19.99 ? 22  ASN   B CB  1 
ATOM   144  C CG  . ASN   A 1 16  ? 2.384   12.418  -13.370 1.00 26.83 ? 22  ASN   B CG  1 
ATOM   145  O OD1 . ASN   A 1 16  ? 1.487   12.315  -14.221 1.00 35.22 ? 22  ASN   B OD1 1 
ATOM   146  N ND2 . ASN   A 1 16  ? 2.933   13.581  -13.068 1.00 38.34 ? 22  ASN   B ND2 1 
ATOM   147  N N   . THR   A 1 17  ? 2.469   8.081   -11.241 1.00 12.83 ? 23  THR   B N   1 
ATOM   148  C CA  . THR   A 1 17  ? 3.052   6.775   -10.912 1.00 13.19 ? 23  THR   B CA  1 
ATOM   149  C C   . THR   A 1 17  ? 2.076   5.637   -11.217 1.00 12.09 ? 23  THR   B C   1 
ATOM   150  O O   . THR   A 1 17  ? 2.491   4.477   -11.163 1.00 12.02 ? 23  THR   B O   1 
ATOM   151  C CB  . THR   A 1 17  ? 3.516   6.688   -9.453  1.00 13.43 ? 23  THR   B CB  1 
ATOM   152  O OG1 . THR   A 1 17  ? 2.372   6.669   -8.591  1.00 13.02 ? 23  THR   B OG1 1 
ATOM   153  C CG2 . THR   A 1 17  ? 4.513   7.793   -9.149  1.00 13.37 ? 23  THR   B CG2 1 
ATOM   154  N N   . ALA   A 1 18  ? 0.808   5.944   -11.459 1.00 11.16 ? 24  ALA   B N   1 
ATOM   155  C CA  . ALA   A 1 18  ? -0.256  4.907   -11.546 1.00 11.14 ? 24  ALA   B CA  1 
ATOM   156  C C   . ALA   A 1 18  ? -0.075  4.043   -12.793 1.00 12.07 ? 24  ALA   B C   1 
ATOM   157  O O   . ALA   A 1 18  ? 0.141   4.582   -13.909 1.00 12.70 ? 24  ALA   B O   1 
ATOM   158  C CB  . ALA   A 1 18  ? -1.604  5.552   -11.559 1.00 12.22 ? 24  ALA   B CB  1 
ATOM   159  N N   . ASN   A 1 19  ? -0.334  2.760   -12.666 1.00 12.26 ? 25  ASN   B N   1 
ATOM   160  C CA  . ASN   A 1 19  ? -0.630  1.909   -13.842 1.00 11.52 ? 25  ASN   B CA  1 
ATOM   161  C C   . ASN   A 1 19  ? -1.708  2.617   -14.668 1.00 11.75 ? 25  ASN   B C   1 
ATOM   162  O O   . ASN   A 1 19  ? -2.652  3.233   -14.162 1.00 11.16 ? 25  ASN   B O   1 
ATOM   163  C CB  . ASN   A 1 19  ? -1.041  0.540   -13.330 1.00 12.01 ? 25  ASN   B CB  1 
ATOM   164  C CG  . ASN   A 1 19  ? -1.422  -0.363  -14.463 1.00 14.73 ? 25  ASN   B CG  1 
ATOM   165  O OD1 . ASN   A 1 19  ? -2.545  -0.336  -14.943 1.00 13.75 ? 25  ASN   B OD1 1 
ATOM   166  N ND2 . ASN   A 1 19  ? -0.495  -1.208  -14.823 1.00 19.16 ? 25  ASN   B ND2 1 
ATOM   167  N N   . SER   A 1 20  ? -1.609  2.473   -15.982 1.00 11.61 ? 26  SER   B N   1 
ATOM   168  C CA  . SER   A 1 20  ? -2.464  3.189   -16.946 1.00 11.75 ? 26  SER   B CA  1 
ATOM   169  C C   . SER   A 1 20  ? -3.916  2.745   -16.912 1.00 12.33 ? 26  SER   B C   1 
ATOM   170  O O   . SER   A 1 20  ? -4.734  3.439   -17.523 1.00 13.29 ? 26  SER   B O   1 
ATOM   171  C CB  . SER   A 1 20  ? -1.924  3.055   -18.356 1.00 14.00 ? 26  SER   B CB  1 
ATOM   172  O OG  . SER   A 1 20  ? -1.907  1.685   -18.682 1.00 17.57 ? 26  SER   B OG  1 
ATOM   173  N N   . TRP   A 1 21  ? -4.288  1.682   -16.220 1.00 11.13 ? 27  TRP   B N   1 
ATOM   174  C CA  . TRP   A 1 21  ? -5.699  1.258   -16.093 1.00 11.50 ? 27  TRP   B CA  1 
ATOM   175  C C   . TRP   A 1 21  ? -6.340  1.784   -14.818 1.00 12.56 ? 27  TRP   B C   1 
ATOM   176  O O   . TRP   A 1 21  ? -7.531  1.564   -14.650 1.00 12.69 ? 27  TRP   B O   1 
ATOM   177  C CB  . TRP   A 1 21  ? -5.778  -0.252  -16.127 1.00 12.72 ? 27  TRP   B CB  1 
ATOM   178  C CG  . TRP   A 1 21  ? -5.569  -0.837  -17.493 1.00 13.96 ? 27  TRP   B CG  1 
ATOM   179  C CD1 . TRP   A 1 21  ? -4.584  -0.533  -18.386 1.00 14.33 ? 27  TRP   B CD1 1 
ATOM   180  C CD2 . TRP   A 1 21  ? -6.389  -1.836  -18.098 1.00 15.71 ? 27  TRP   B CD2 1 
ATOM   181  N NE1 . TRP   A 1 21  ? -4.739  -1.301  -19.524 1.00 17.28 ? 27  TRP   B NE1 1 
ATOM   182  C CE2 . TRP   A 1 21  ? -5.792  -2.142  -19.338 1.00 15.36 ? 27  TRP   B CE2 1 
ATOM   183  C CE3 . TRP   A 1 21  ? -7.522  -2.537  -17.681 1.00 17.62 ? 27  TRP   B CE3 1 
ATOM   184  C CZ2 . TRP   A 1 21  ? -6.366  -3.089  -20.198 1.00 18.13 ? 27  TRP   B CZ2 1 
ATOM   185  C CZ3 . TRP   A 1 21  ? -8.080  -3.485  -18.529 1.00 19.86 ? 27  TRP   B CZ3 1 
ATOM   186  C CH2 . TRP   A 1 21  ? -7.468  -3.779  -19.744 1.00 21.16 ? 27  TRP   B CH2 1 
ATOM   187  N N   . LEU   A 1 22  ? -5.589  2.483   -13.944 1.00 11.93 ? 28  LEU   B N   1 
ATOM   188  C CA  . LEU   A 1 22  ? -6.171  2.962   -12.667 1.00 12.07 ? 28  LEU   B CA  1 
ATOM   189  C C   . LEU   A 1 22  ? -6.931  4.269   -12.902 1.00 12.42 ? 28  LEU   B C   1 
ATOM   190  O O   . LEU   A 1 22  ? -6.491  5.131   -13.656 1.00 12.93 ? 28  LEU   B O   1 
ATOM   191  C CB  . LEU   A 1 22  ? -5.064  3.169   -11.626 1.00 11.04 ? 28  LEU   B CB  1 
ATOM   192  C CG  . LEU   A 1 22  ? -4.315  1.901   -11.236 1.00 12.48 ? 28  LEU   B CG  1 
ATOM   193  C CD1 . LEU   A 1 22  ? -3.335  2.155   -10.114 1.00 11.86 ? 28  LEU   B CD1 1 
ATOM   194  C CD2 . LEU   A 1 22  ? -5.269  0.819   -10.830 1.00 13.05 ? 28  LEU   B CD2 1 
ATOM   195  N N   . ILE   A 1 23  ? -7.938  4.444   -12.074 1.00 12.05 ? 29  ILE   B N   1 
ATOM   196  C CA  . ILE   A 1 23  ? -8.750  5.689   -12.000 1.00 13.16 ? 29  ILE   B CA  1 
ATOM   197  C C   . ILE   A 1 23  ? -8.625  6.233   -10.588 1.00 13.53 ? 29  ILE   B C   1 
ATOM   198  O O   . ILE   A 1 23  ? -9.090  5.552   -9.626  1.00 13.64 ? 29  ILE   B O   1 
ATOM   199  C CB  . ILE   A 1 23  ? -10.197 5.438   -12.347 1.00 13.67 ? 29  ILE   B CB  1 
ATOM   200  C CG1 . ILE   A 1 23  ? -10.387 4.793   -13.742 1.00 15.59 ? 29  ILE   B CG1 1 
ATOM   201  C CG2 . ILE   A 1 23  ? -10.976 6.758   -12.253 1.00 15.24 ? 29  ILE   B CG2 1 
ATOM   202  C CD1 . ILE   A 1 23  ? -11.756 4.392   -14.049 1.00 16.94 ? 29  ILE   B CD1 1 
ATOM   203  N N   . ILE   A 1 24  ? -7.975  7.368   -10.504 1.00 15.31 ? 30  ILE   B N   1 
ATOM   204  C CA  . ILE   A 1 24  ? -7.771  8.100   -9.224  1.00 15.41 ? 30  ILE   B CA  1 
ATOM   205  C C   . ILE   A 1 24  ? -8.822  9.190   -9.149  1.00 16.85 ? 30  ILE   B C   1 
ATOM   206  O O   . ILE   A 1 24  ? -8.965  9.988   -10.136 1.00 18.27 ? 30  ILE   B O   1 
ATOM   207  C CB  . ILE   A 1 24  ? -6.346  8.624   -9.139  1.00 16.63 ? 30  ILE   B CB  1 
ATOM   208  C CG1 . ILE   A 1 24  ? -5.358  7.473   -8.993  1.00 18.98 ? 30  ILE   B CG1 1 
ATOM   209  C CG2 . ILE   A 1 24  ? -6.185  9.594   -7.972  1.00 15.88 ? 30  ILE   B CG2 1 
ATOM   210  C CD1 . ILE   A 1 24  ? -4.011  7.881   -9.074  1.00 22.74 ? 30  ILE   B CD1 1 
ATOM   211  N N   . SER   A 1 25  ? -9.497  9.311   -8.026  1.00 16.36 ? 31  SER   B N   1 
ATOM   212  C CA  . SER   A 1 25  ? -10.549 10.326  -7.826  1.00 16.45 ? 31  SER   B CA  1 
ATOM   213  C C   . SER   A 1 25  ? -9.969  11.752  -7.883  1.00 15.16 ? 31  SER   B C   1 
ATOM   214  O O   . SER   A 1 25  ? -8.783  11.960  -7.732  1.00 16.03 ? 31  SER   B O   1 
ATOM   215  C CB  . SER   A 1 25  ? -11.245 10.050  -6.537  1.00 17.26 ? 31  SER   B CB  1 
ATOM   216  O OG  . SER   A 1 25  ? -10.326 10.173  -5.450  1.00 17.09 ? 31  SER   B OG  1 
ATOM   217  N N   . LYS   A 1 26  ? -10.855 12.728  -8.117  1.00 19.19 ? 32  LYS   B N   1 
ATOM   218  C CA  . LYS   A 1 26  ? -10.469 14.153  -8.221  1.00 19.69 ? 32  LYS   B CA  1 
ATOM   219  C C   . LYS   A 1 26  ? -9.710  14.603  -6.969  1.00 16.96 ? 32  LYS   B C   1 
ATOM   220  O O   . LYS   A 1 26  ? -8.724  15.319  -7.139  1.00 20.52 ? 32  LYS   B O   1 
ATOM   221  C CB  . LYS   A 1 26  ? -11.724 15.002  -8.422  1.00 23.60 ? 32  LYS   B CB  1 
ATOM   222  C CG  . LYS   A 1 26  ? -11.469 16.486  -8.381  1.00 27.51 ? 32  LYS   B CG  1 
ATOM   223  C CD  . LYS   A 1 26  ? -12.612 17.226  -9.007  1.00 28.41 ? 32  LYS   B CD  1 
ATOM   224  C CE  . LYS   A 1 26  ? -13.925 16.840  -8.387  1.00 32.03 ? 32  LYS   B CE  1 
ATOM   225  N NZ  . LYS   A 1 26  ? -14.993 17.637  -9.016  1.00 36.23 ? 32  LYS   B NZ  1 
ATOM   226  N N   . ASP   A 1 27  ? -10.136 14.144  -5.794  1.00 17.81 ? 33  ASP   B N   1 
ATOM   227  C CA  . ASP   A 1 27  ? -9.470  14.535  -4.522  1.00 17.72 ? 33  ASP   B CA  1 
ATOM   228  C C   . ASP   A 1 27  ? -8.173  13.751  -4.278  1.00 15.85 ? 33  ASP   B C   1 
ATOM   229  O O   . ASP   A 1 27  ? -7.503  14.030  -3.276  1.00 16.36 ? 33  ASP   B O   1 
ATOM   230  C CB  . ASP   A 1 27  ? -10.406 14.415  -3.319  1.00 18.60 ? 33  ASP   B CB  1 
ATOM   231  C CG  . ASP   A 1 27  ? -10.878 13.015  -2.979  1.00 19.82 ? 33  ASP   B CG  1 
ATOM   232  O OD1 . ASP   A 1 27  ? -10.387 12.020  -3.633  1.00 19.32 ? 33  ASP   B OD1 1 
ATOM   233  O OD2 . ASP   A 1 27  ? -11.674 12.913  -2.017  1.00 22.98 ? 33  ASP   B OD2 1 
ATOM   234  N N   . ARG   A 1 28  ? -7.825  12.830  -5.152  1.00 14.94 ? 34  ARG   B N   1 
ATOM   235  C CA  . ARG   A 1 28  ? -6.584  12.037  -5.075  1.00 15.26 ? 34  ARG   B CA  1 
ATOM   236  C C   . ARG   A 1 28  ? -6.583  11.199  -3.781  1.00 12.36 ? 34  ARG   B C   1 
ATOM   237  O O   . ARG   A 1 28  ? -5.497  10.781  -3.347  1.00 13.36 ? 34  ARG   B O   1 
ATOM   238  C CB  . ARG   A 1 28  ? -5.348  12.923  -5.265  1.00 18.70 ? 34  ARG   B CB  1 
ATOM   239  C CG  . ARG   A 1 28  ? -5.332  13.533  -6.668  1.00 22.71 ? 34  ARG   B CG  1 
ATOM   240  C CD  . ARG   A 1 28  ? -4.234  14.512  -6.990  1.00 30.41 ? 34  ARG   B CD  1 
ATOM   241  N NE  . ARG   A 1 28  ? -4.002  15.488  -5.958  1.00 39.23 ? 34  ARG   B NE  1 
ATOM   242  C CZ  . ARG   A 1 28  ? -3.030  15.434  -5.042  1.00 53.21 ? 34  ARG   B CZ  1 
ATOM   243  N NH1 . ARG   A 1 28  ? -2.138  14.439  -5.026  1.00 54.47 ? 34  ARG   B NH1 1 
ATOM   244  N NH2 . ARG   A 1 28  ? -2.950  16.413  -4.149  1.00 55.92 ? 34  ARG   B NH2 1 
ATOM   245  N N   . ARG   A 1 29  ? -7.732  10.822  -3.281  1.00 11.69 ? 35  ARG   B N   1 
ATOM   246  C CA  . ARG   A 1 29  ? -7.865  10.000  -2.051  1.00 13.41 ? 35  ARG   B CA  1 
ATOM   247  C C   . ARG   A 1 29  ? -8.401  8.601   -2.330  1.00 13.29 ? 35  ARG   B C   1 
ATOM   248  O O   . ARG   A 1 29  ? -8.399  7.765   -1.385  1.00 14.06 ? 35  ARG   B O   1 
ATOM   249  C CB  . ARG   A 1 29  ? -8.717  10.713  -0.993  1.00 14.30 ? 35  ARG   B CB  1 
ATOM   250  C CG  . ARG   A 1 29  ? -8.092  12.028  -0.557  1.00 16.92 ? 35  ARG   B CG  1 
ATOM   251  C CD  . ARG   A 1 29  ? -7.076  11.888  0.536   1.00 18.66 ? 35  ARG   B CD  1 
ATOM   252  N NE  . ARG   A 1 29  ? -7.757  11.667  1.818   1.00 19.57 ? 35  ARG   B NE  1 
ATOM   253  C CZ  . ARG   A 1 29  ? -7.122  11.384  2.949   1.00 20.17 ? 35  ARG   B CZ  1 
ATOM   254  N NH1 . ARG   A 1 29  ? -5.810  11.324  2.942   1.00 20.52 ? 35  ARG   B NH1 1 
ATOM   255  N NH2 . ARG   A 1 29  ? -7.798  11.214  4.068   1.00 21.03 ? 35  ARG   B NH2 1 
ATOM   256  N N   . GLN   A 1 30  ? -8.858  8.271   -3.544  1.00 12.65 ? 36  GLN   B N   1 
ATOM   257  C CA  . GLN   A 1 30  ? -9.402  6.941   -3.872  1.00 13.36 ? 36  GLN   B CA  1 
ATOM   258  C C   . GLN   A 1 30  ? -8.822  6.483   -5.195  1.00 12.02 ? 36  GLN   B C   1 
ATOM   259  O O   . GLN   A 1 30  ? -8.475  7.307   -6.087  1.00 13.20 ? 36  GLN   B O   1 
ATOM   260  C CB  . GLN   A 1 30  ? -10.929 6.956   -4.037  1.00 15.56 ? 36  GLN   B CB  1 
ATOM   261  C CG  . GLN   A 1 30  ? -11.632 7.636   -2.895  1.00 18.67 ? 36  GLN   B CG  1 
ATOM   262  C CD  . GLN   A 1 30  ? -13.122 7.403   -2.986  1.00 21.76 ? 36  GLN   B CD  1 
ATOM   263  O OE1 . GLN   A 1 30  ? -13.607 6.519   -3.695  1.00 23.85 ? 36  GLN   B OE1 1 
ATOM   264  N NE2 . GLN   A 1 30  ? -13.851 8.240   -2.285  1.00 27.01 ? 36  GLN   B NE2 1 
ATOM   265  N N   . VAL   A 1 31  ? -8.659  5.175   -5.312  1.00 11.41 ? 37  VAL   B N   1 
ATOM   266  C CA  . VAL   A 1 31  ? -8.147  4.579   -6.571  1.00 12.15 ? 37  VAL   B CA  1 
ATOM   267  C C   . VAL   A 1 31  ? -8.906  3.278   -6.806  1.00 12.27 ? 37  VAL   B C   1 
ATOM   268  O O   . VAL   A 1 31  ? -9.092  2.492   -5.882  1.00 11.74 ? 37  VAL   B O   1 
ATOM   269  C CB  . VAL   A 1 31  ? -6.622  4.420   -6.567  1.00 11.23 ? 37  VAL   B CB  1 
ATOM   270  C CG1 . VAL   A 1 31  ? -6.109  3.581   -5.391  1.00 10.58 ? 37  VAL   B CG1 1 
ATOM   271  C CG2 . VAL   A 1 31  ? -6.100  3.854   -7.894  1.00 12.22 ? 37  VAL   B CG2 1 
ATOM   272  N N   . ARG   A 1 32  ? -9.235  2.999   -8.047  1.00 12.36 ? 38  ARG   B N   1 
ATOM   273  C CA  . ARG   A 1 32  ? -9.815  1.690   -8.432  1.00 12.85 ? 38  ARG   B CA  1 
ATOM   274  C C   . ARG   A 1 32  ? -9.306  1.282   -9.813  1.00 12.77 ? 38  ARG   B C   1 
ATOM   275  O O   . ARG   A 1 32  ? -8.817  2.129   -10.602 1.00 11.79 ? 38  ARG   B O   1 
ATOM   276  C CB  . ARG   A 1 32  ? -11.343 1.742   -8.438  1.00 14.32 ? 38  ARG   B CB  1 
ATOM   277  C CG  . ARG   A 1 32  ? -11.921 2.633   -9.515  1.00 16.91 ? 38  ARG   B CG  1 
ATOM   278  C CD  . ARG   A 1 32  ? -13.426 2.727   -9.306  1.00 20.22 ? 38  ARG   B CD  1 
ATOM   279  N NE  . ARG   A 1 32  ? -14.014 3.565   -10.336 1.00 23.72 ? 38  ARG   B NE  1 
ATOM   280  C CZ  . ARG   A 1 32  ? -14.430 3.167   -11.526 1.00 21.99 ? 38  ARG   B CZ  1 
ATOM   281  N NH1 . ARG   A 1 32  ? -14.330 1.909   -11.908 1.00 25.84 ? 38  ARG   B NH1 1 
ATOM   282  N NH2 . ARG   A 1 32  ? -14.942 4.079   -12.359 1.00 28.35 ? 38  ARG   B NH2 1 
ATOM   283  N N   A MET   A 1 33  ? -9.451  -0.010  -10.084 0.25 12.44 ? 39  MET   B N   1 
ATOM   284  N N   B MET   A 1 33  ? -9.380  -0.010  -10.118 0.25 13.80 ? 39  MET   B N   1 
ATOM   285  C CA  A MET   A 1 33  ? -9.149  -0.632  -11.395 0.25 13.53 ? 39  MET   B CA  1 
ATOM   286  C CA  B MET   A 1 33  ? -8.931  -0.517  -11.445 0.25 15.64 ? 39  MET   B CA  1 
ATOM   287  C C   A MET   A 1 33  ? -10.227 -0.198  -12.393 0.25 13.57 ? 39  MET   B C   1 
ATOM   288  C C   B MET   A 1 33  ? -10.085 -0.383  -12.437 0.25 15.04 ? 39  MET   B C   1 
ATOM   289  O O   A MET   A 1 33  ? -11.423 -0.326  -12.102 0.25 14.24 ? 39  MET   B O   1 
ATOM   290  O O   B MET   A 1 33  ? -11.142 -1.036  -12.202 0.25 14.40 ? 39  MET   B O   1 
ATOM   291  C CB  A MET   A 1 33  ? -9.114  -2.156  -11.241 0.25 14.05 ? 39  MET   B CB  1 
ATOM   292  C CB  B MET   A 1 33  ? -8.474  -1.978  -11.413 0.25 18.39 ? 39  MET   B CB  1 
ATOM   293  C CG  A MET   A 1 33  ? -8.700  -2.907  -12.500 0.25 15.37 ? 39  MET   B CG  1 
ATOM   294  C CG  B MET   A 1 33  ? -8.075  -2.487  -12.814 0.25 22.05 ? 39  MET   B CG  1 
ATOM   295  S SD  A MET   A 1 33  ? -7.086  -2.325  -13.157 0.25 16.65 ? 39  MET   B SD  1 
ATOM   296  S SD  B MET   A 1 33  ? -6.817  -3.788  -12.757 0.25 26.12 ? 39  MET   B SD  1 
ATOM   297  C CE  A MET   A 1 33  ? -6.554  -3.731  -14.135 0.25 16.95 ? 39  MET   B CE  1 
ATOM   298  C CE  B MET   A 1 33  ? -6.119  -3.641  -14.400 0.25 25.31 ? 39  MET   B CE  1 
ATOM   299  N N   . GLY   A 1 34  ? -9.814  0.352   -13.523 1.00 14.38 ? 40  GLY   B N   1 
ATOM   300  C CA  . GLY   A 1 34  ? -10.740 0.594   -14.652 1.00 15.93 ? 40  GLY   B CA  1 
ATOM   301  C C   . GLY   A 1 34  ? -10.906 -0.671  -15.484 1.00 16.70 ? 40  GLY   B C   1 
ATOM   302  O O   . GLY   A 1 34  ? -10.182 -1.669  -15.274 1.00 17.68 ? 40  GLY   B O   1 
ATOM   303  N N   . ASP   A 1 35  ? -11.920 -0.660  -16.364 1.00 21.81 ? 41  ASP   B N   1 
ATOM   304  C CA  . ASP   A 1 35  ? -12.198 -1.867  -17.201 1.00 25.69 ? 41  ASP   B CA  1 
ATOM   305  C C   . ASP   A 1 35  ? -11.376 -1.760  -18.510 1.00 25.00 ? 41  ASP   B C   1 
ATOM   306  O O   . ASP   A 1 35  ? -11.440 -2.710  -19.340 1.00 24.97 ? 41  ASP   B O   1 
ATOM   307  C CB  . ASP   A 1 35  ? -13.713 -2.125  -17.354 1.00 32.35 ? 41  ASP   B CB  1 
ATOM   308  C CG  . ASP   A 1 35  ? -14.378 -2.874  -16.176 1.00 44.19 ? 41  ASP   B CG  1 
ATOM   309  O OD1 . ASP   A 1 35  ? -13.663 -3.597  -15.430 1.00 49.49 ? 41  ASP   B OD1 1 
ATOM   310  O OD2 . ASP   A 1 35  ? -15.630 -2.757  -15.995 1.00 42.98 ? 41  ASP   B OD2 1 
ATOM   311  N N   . THR   A 1 36  ? -10.526 -0.740  -18.656 1.00 18.99 ? 42  THR   B N   1 
ATOM   312  C CA  . THR   A 1 36  ? -9.728  -0.483  -19.905 1.00 17.59 ? 42  THR   B CA  1 
ATOM   313  C C   . THR   A 1 36  ? -8.554  0.474   -19.620 1.00 15.11 ? 42  THR   B C   1 
ATOM   314  O O   . THR   A 1 36  ? -8.492  1.166   -18.521 1.00 13.63 ? 42  THR   B O   1 
ATOM   315  C CB  . THR   A 1 36  ? -10.705 0.057   -20.951 1.00 19.34 ? 42  THR   B CB  1 
ATOM   316  O OG1 . THR   A 1 36  ? -10.052 0.068   -22.201 1.00 20.44 ? 42  THR   B OG1 1 
ATOM   317  C CG2 . THR   A 1 36  ? -11.135 1.462   -20.600 1.00 21.14 ? 42  THR   B CG2 1 
ATOM   318  N N   . HIS   A 1 37  ? -7.641  0.687   -20.568 1.00 15.02 ? 43  HIS   B N   1 
ATOM   319  C CA  . HIS   A 1 37  ? -6.636  1.789   -20.526 1.00 14.85 ? 43  HIS   B CA  1 
ATOM   320  C C   . HIS   A 1 37  ? -7.332  3.123   -20.313 1.00 15.50 ? 43  HIS   B C   1 
ATOM   321  O O   . HIS   A 1 37  ? -8.290  3.450   -21.077 1.00 16.34 ? 43  HIS   B O   1 
ATOM   322  C CB  . HIS   A 1 37  ? -5.773  1.702   -21.790 1.00 14.97 ? 43  HIS   B CB  1 
ATOM   323  C CG  . HIS   A 1 37  ? -4.599  2.612   -21.864 1.00 14.04 ? 43  HIS   B CG  1 
ATOM   324  N ND1 . HIS   A 1 37  ? -4.682  3.991   -22.012 1.00 14.40 ? 43  HIS   B ND1 1 
ATOM   325  C CD2 . HIS   A 1 37  ? -3.285  2.304   -21.879 1.00 13.88 ? 43  HIS   B CD2 1 
ATOM   326  C CE1 . HIS   A 1 37  ? -3.471  4.486   -22.099 1.00 14.28 ? 43  HIS   B CE1 1 
ATOM   327  N NE2 . HIS   A 1 37  ? -2.565  3.441   -22.008 1.00 14.14 ? 43  HIS   B NE2 1 
ATOM   328  N N   . GLN   A 1 38  ? -6.791  3.971   -19.425 1.00 14.10 ? 44  GLN   B N   1 
ATOM   329  C CA  . GLN   A 1 38  ? -7.454  5.226   -19.046 1.00 13.75 ? 44  GLN   B CA  1 
ATOM   330  C C   . GLN   A 1 38  ? -6.995  6.435   -19.873 1.00 15.47 ? 44  GLN   B C   1 
ATOM   331  O O   . GLN   A 1 38  ? -7.251  7.577   -19.467 1.00 16.20 ? 44  GLN   B O   1 
ATOM   332  C CB  . GLN   A 1 38  ? -7.324  5.458   -17.537 1.00 14.58 ? 44  GLN   B CB  1 
ATOM   333  C CG  . GLN   A 1 38  ? -8.084  4.433   -16.745 1.00 14.05 ? 44  GLN   B CG  1 
ATOM   334  C CD  . GLN   A 1 38  ? -9.538  4.333   -17.115 1.00 14.73 ? 44  GLN   B CD  1 
ATOM   335  O OE1 . GLN   A 1 38  ? -10.088 3.266   -17.437 1.00 18.17 ? 44  GLN   B OE1 1 
ATOM   336  N NE2 . GLN   A 1 38  ? -10.205 5.467   -17.127 1.00 13.79 ? 44  GLN   B NE2 1 
ATOM   337  N N   . ASN   A 1 39  ? -6.411  6.211   -21.036 1.00 13.71 ? 45  ASN   B N   1 
ATOM   338  C CA  . ASN   A 1 39  ? -6.160  7.285   -22.043 1.00 12.97 ? 45  ASN   B CA  1 
ATOM   339  C C   . ASN   A 1 39  ? -5.125  8.289   -21.567 1.00 14.80 ? 45  ASN   B C   1 
ATOM   340  O O   . ASN   A 1 39  ? -5.186  9.465   -21.924 1.00 17.30 ? 45  ASN   B O   1 
ATOM   341  C CB  . ASN   A 1 39  ? -7.472  7.939   -22.536 1.00 14.10 ? 45  ASN   B CB  1 
ATOM   342  C CG  . ASN   A 1 39  ? -7.283  8.574   -23.909 1.00 15.14 ? 45  ASN   B CG  1 
ATOM   343  O OD1 . ASN   A 1 39  ? -6.508  8.073   -24.715 1.00 13.41 ? 45  ASN   B OD1 1 
ATOM   344  N ND2 . ASN   A 1 39  ? -7.980  9.673   -24.197 1.00 14.28 ? 45  ASN   B ND2 1 
ATOM   345  N N   . VAL   A 1 40  ? -4.123  7.801   -20.843 1.00 16.47 ? 46  VAL   B N   1 
ATOM   346  C CA  . VAL   A 1 40  ? -2.948  8.587   -20.370 1.00 16.99 ? 46  VAL   B CA  1 
ATOM   347  C C   . VAL   A 1 40  ? -1.716  8.221   -21.211 1.00 15.86 ? 46  VAL   B C   1 
ATOM   348  O O   . VAL   A 1 40  ? -1.621  7.072   -21.657 1.00 16.19 ? 46  VAL   B O   1 
ATOM   349  C CB  . VAL   A 1 40  ? -2.697  8.341   -18.869 1.00 18.06 ? 46  VAL   B CB  1 
ATOM   350  C CG1 . VAL   A 1 40  ? -3.816  8.944   -18.029 1.00 20.69 ? 46  VAL   B CG1 1 
ATOM   351  C CG2 . VAL   A 1 40  ? -2.498  6.861   -18.546 1.00 19.04 ? 46  VAL   B CG2 1 
ATOM   352  N N   . SER   A 1 41  ? -0.747  9.109   -21.319 1.00 18.10 ? 47  SER   B N   1 
ATOM   353  C CA  . SER   A 1 41  ? 0.560   8.773   -21.917 1.00 18.50 ? 47  SER   B CA  1 
ATOM   354  C C   . SER   A 1 41  ? 1.380   7.875   -20.986 1.00 17.65 ? 47  SER   B C   1 
ATOM   355  O O   . SER   A 1 41  ? 1.210   7.957   -19.749 1.00 16.71 ? 47  SER   B O   1 
ATOM   356  C CB  . SER   A 1 41  ? 1.326   10.024  -22.303 1.00 21.00 ? 47  SER   B CB  1 
ATOM   357  O OG  . SER   A 1 41  ? 1.560   10.839  -21.168 1.00 23.59 ? 47  SER   B OG  1 
ATOM   358  N N   . ASP   A 1 42  ? 2.273   7.082   -21.556 1.00 17.37 ? 48  ASP   B N   1 
ATOM   359  C CA  . ASP   A 1 42  ? 3.236   6.263   -20.795 1.00 17.05 ? 48  ASP   B CA  1 
ATOM   360  C C   . ASP   A 1 42  ? 4.345   7.181   -20.294 1.00 18.45 ? 48  ASP   B C   1 
ATOM   361  O O   . ASP   A 1 42  ? 4.616   8.239   -20.884 1.00 18.73 ? 48  ASP   B O   1 
ATOM   362  C CB  . ASP   A 1 42  ? 3.733   5.048   -21.584 1.00 18.35 ? 48  ASP   B CB  1 
ATOM   363  C CG  . ASP   A 1 42  ? 4.191   3.879   -20.704 1.00 22.58 ? 48  ASP   B CG  1 
ATOM   364  O OD1 . ASP   A 1 42  ? 4.067   3.980   -19.457 1.00 17.78 ? 48  ASP   B OD1 1 
ATOM   365  O OD2 . ASP   A 1 42  ? 4.525   2.760   -21.261 1.00 24.77 ? 48  ASP   B OD2 1 
ATOM   366  N N   . ASN   A 1 43  ? 4.985   6.782   -19.194 1.00 17.37 ? 49  ASN   B N   1 
ATOM   367  C CA  . ASN   A 1 43  ? 6.146   7.501   -18.629 1.00 17.70 ? 49  ASN   B CA  1 
ATOM   368  C C   . ASN   A 1 43  ? 6.964   6.504   -17.806 1.00 17.76 ? 49  ASN   B C   1 
ATOM   369  O O   . ASN   A 1 43  ? 6.483   5.347   -17.532 1.00 16.82 ? 49  ASN   B O   1 
ATOM   370  C CB  . ASN   A 1 43  ? 5.742   8.763   -17.885 1.00 16.76 ? 49  ASN   B CB  1 
ATOM   371  C CG  . ASN   A 1 43  ? 5.038   8.466   -16.577 1.00 16.63 ? 49  ASN   B CG  1 
ATOM   372  O OD1 . ASN   A 1 43  ? 5.545   7.680   -15.785 1.00 18.63 ? 49  ASN   B OD1 1 
ATOM   373  N ND2 . ASN   A 1 43  ? 3.879   9.013   -16.361 1.00 17.56 ? 49  ASN   B ND2 1 
ATOM   374  N N   . LYS   A 1 44  ? 8.175   6.884   -17.429 1.00 18.03 ? 50  LYS   B N   1 
ATOM   375  C CA  . LYS   A 1 44  ? 9.099   5.943   -16.760 1.00 18.98 ? 50  LYS   B CA  1 
ATOM   376  C C   . LYS   A 1 44  ? 8.662   5.689   -15.301 1.00 16.59 ? 50  LYS   B C   1 
ATOM   377  O O   . LYS   A 1 44  ? 9.138   4.669   -14.746 1.00 17.13 ? 50  LYS   B O   1 
ATOM   378  C CB  . LYS   A 1 44  ? 10.516  6.550   -16.760 1.00 22.69 ? 50  LYS   B CB  1 
ATOM   379  C CG  . LYS   A 1 44  ? 10.630  7.804   -15.919 1.00 26.46 ? 50  LYS   B CG  1 
ATOM   380  C CD  . LYS   A 1 44  ? 11.686  8.810   -16.357 1.00 35.24 ? 50  LYS   B CD  1 
ATOM   381  C CE  . LYS   A 1 44  ? 12.221  9.587   -15.176 1.00 40.17 ? 50  LYS   B CE  1 
ATOM   382  N NZ  . LYS   A 1 44  ? 13.277  8.802   -14.491 1.00 45.95 ? 50  LYS   B NZ  1 
ATOM   383  N N   . GLU   A 1 45  ? 7.786   6.523   -14.731 1.00 15.70 ? 51  GLU   B N   1 
ATOM   384  C CA  . GLU   A 1 45  ? 7.328   6.337   -13.317 1.00 15.62 ? 51  GLU   B CA  1 
ATOM   385  C C   . GLU   A 1 45  ? 6.226   5.259   -13.224 1.00 14.94 ? 51  GLU   B C   1 
ATOM   386  O O   . GLU   A 1 45  ? 6.023   4.686   -12.126 1.00 15.67 ? 51  GLU   B O   1 
ATOM   387  C CB  . GLU   A 1 45  ? 6.806   7.650   -12.749 1.00 18.31 ? 51  GLU   B CB  1 
ATOM   388  C CG  . GLU   A 1 45  ? 7.831   8.769   -12.655 1.00 23.71 ? 51  GLU   B CG  1 
ATOM   389  C CD  . GLU   A 1 45  ? 7.179   10.031  -12.109 1.00 33.38 ? 51  GLU   B CD  1 
ATOM   390  O OE1 . GLU   A 1 45  ? 7.057   11.012  -12.882 1.00 47.56 ? 51  GLU   B OE1 1 
ATOM   391  O OE2 . GLU   A 1 45  ? 6.731   10.026  -10.942 1.00 41.92 ? 51  GLU   B OE2 1 
ATOM   392  N N   . ARG   A 1 46  ? 5.441   5.022   -14.286 1.00 13.48 ? 52  ARG   B N   1 
ATOM   393  C CA  . ARG   A 1 46  ? 4.222   4.184   -14.142 1.00 13.75 ? 52  ARG   B CA  1 
ATOM   394  C C   . ARG   A 1 46  ? 4.563   2.728   -13.884 1.00 12.95 ? 52  ARG   B C   1 
ATOM   395  O O   . ARG   A 1 46  ? 5.400   2.108   -14.577 1.00 13.90 ? 52  ARG   B O   1 
ATOM   396  C CB  . ARG   A 1 46  ? 3.330   4.221   -15.386 1.00 13.24 ? 52  ARG   B CB  1 
ATOM   397  C CG  . ARG   A 1 46  ? 2.787   5.581   -15.732 1.00 14.60 ? 52  ARG   B CG  1 
ATOM   398  C CD  . ARG   A 1 46  ? 1.596   5.445   -16.703 1.00 13.99 ? 52  ARG   B CD  1 
ATOM   399  N NE  . ARG   A 1 46  ? 1.114   6.753   -17.085 1.00 14.70 ? 52  ARG   B NE  1 
ATOM   400  C CZ  . ARG   A 1 46  ? 0.479   7.606   -16.289 1.00 15.52 ? 52  ARG   B CZ  1 
ATOM   401  N NH1 . ARG   A 1 46  ? 0.007   7.224   -15.101 1.00 13.59 ? 52  ARG   B NH1 1 
ATOM   402  N NH2 . ARG   A 1 46  ? 0.217   8.840   -16.701 1.00 17.53 ? 52  ARG   B NH2 1 
ATOM   403  N N   . PHE   A 1 47  ? 3.925   2.102   -12.902 1.00 11.71 ? 53  PHE   B N   1 
ATOM   404  C CA  . PHE   A 1 47  ? 4.022   0.645   -12.736 1.00 11.36 ? 53  PHE   B CA  1 
ATOM   405  C C   . PHE   A 1 47  ? 3.374   -0.043  -13.959 1.00 13.27 ? 53  PHE   B C   1 
ATOM   406  O O   . PHE   A 1 47  ? 2.180   0.198   -14.224 1.00 13.55 ? 53  PHE   B O   1 
ATOM   407  C CB  . PHE   A 1 47  ? 3.349   0.171   -11.455 1.00 11.51 ? 53  PHE   B CB  1 
ATOM   408  C CG  . PHE   A 1 47  ? 4.119   0.532   -10.213 1.00 10.94 ? 53  PHE   B CG  1 
ATOM   409  C CD1 . PHE   A 1 47  ? 5.212   -0.232  -9.833  1.00 10.93 ? 53  PHE   B CD1 1 
ATOM   410  C CD2 . PHE   A 1 47  ? 3.767   1.612   -9.432  1.00 12.14 ? 53  PHE   B CD2 1 
ATOM   411  C CE1 . PHE   A 1 47  ? 5.953   0.079   -8.696  1.00 12.33 ? 53  PHE   B CE1 1 
ATOM   412  C CE2 . PHE   A 1 47  ? 4.508   1.917   -8.292  1.00 11.88 ? 53  PHE   B CE2 1 
ATOM   413  C CZ  . PHE   A 1 47  ? 5.623   1.160   -7.944  1.00 10.90 ? 53  PHE   B CZ  1 
ATOM   414  N N   . SER   A 1 48  ? 4.134   -0.824  -14.707 1.00 14.01 ? 54  SER   B N   1 
ATOM   415  C CA  . SER   A 1 48  ? 3.641   -1.430  -15.977 1.00 15.24 ? 54  SER   B CA  1 
ATOM   416  C C   . SER   A 1 48  ? 2.892   -2.740  -15.757 1.00 15.06 ? 54  SER   B C   1 
ATOM   417  O O   . SER   A 1 48  ? 1.876   -2.953  -16.465 1.00 17.78 ? 54  SER   B O   1 
ATOM   418  C CB  . SER   A 1 48  ? 4.829   -1.616  -16.937 1.00 15.28 ? 54  SER   B CB  1 
ATOM   419  O OG  . SER   A 1 48  ? 5.761   -2.534  -16.441 1.00 15.36 ? 54  SER   B OG  1 
ATOM   420  N N   . ASN   A 1 49  ? 3.319   -3.618  -14.881 1.00 14.03 ? 55  ASN   B N   1 
ATOM   421  C CA  . ASN   A 1 49  ? 2.834   -5.023  -14.856 1.00 14.69 ? 55  ASN   B CA  1 
ATOM   422  C C   . ASN   A 1 49  ? 1.618   -5.211  -13.944 1.00 13.70 ? 55  ASN   B C   1 
ATOM   423  O O   . ASN   A 1 49  ? 0.943   -6.260  -14.033 1.00 16.02 ? 55  ASN   B O   1 
ATOM   424  C CB  . ASN   A 1 49  ? 3.912   -6.032  -14.456 1.00 15.28 ? 55  ASN   B CB  1 
ATOM   425  C CG  . ASN   A 1 49  ? 4.962   -6.266  -15.539 1.00 19.31 ? 55  ASN   B CG  1 
ATOM   426  O OD1 . ASN   A 1 49  ? 5.441   -5.308  -16.135 1.00 19.69 ? 55  ASN   B OD1 1 
ATOM   427  N ND2 . ASN   A 1 49  ? 5.367   -7.523  -15.740 1.00 20.76 ? 55  ASN   B ND2 1 
ATOM   428  N N   . TYR   A 1 50  ? 1.464   -4.333  -12.954 1.00 12.41 ? 56  TYR   B N   1 
ATOM   429  C CA  . TYR   A 1 50  ? 0.507   -4.562  -11.857 1.00 11.98 ? 56  TYR   B CA  1 
ATOM   430  C C   . TYR   A 1 50  ? -0.276  -3.285  -11.588 1.00 11.33 ? 56  TYR   B C   1 
ATOM   431  O O   . TYR   A 1 50  ? 0.213   -2.188  -11.853 1.00 12.27 ? 56  TYR   B O   1 
ATOM   432  C CB  . TYR   A 1 50  ? 1.286   -4.910  -10.592 1.00 12.32 ? 56  TYR   B CB  1 
ATOM   433  C CG  . TYR   A 1 50  ? 2.353   -5.958  -10.746 1.00 13.36 ? 56  TYR   B CG  1 
ATOM   434  C CD1 . TYR   A 1 50  ? 2.021   -7.295  -10.945 1.00 15.71 ? 56  TYR   B CD1 1 
ATOM   435  C CD2 . TYR   A 1 50  ? 3.706   -5.667  -10.706 1.00 13.63 ? 56  TYR   B CD2 1 
ATOM   436  C CE1 . TYR   A 1 50  ? 2.991   -8.283  -11.119 1.00 17.46 ? 56  TYR   B CE1 1 
ATOM   437  C CE2 . TYR   A 1 50  ? 4.680   -6.632  -10.917 1.00 15.60 ? 56  TYR   B CE2 1 
ATOM   438  C CZ  . TYR   A 1 50  ? 4.323   -7.960  -11.060 1.00 16.01 ? 56  TYR   B CZ  1 
ATOM   439  O OH  . TYR   A 1 50  ? 5.310   -8.910  -11.238 1.00 16.38 ? 56  TYR   B OH  1 
ATOM   440  N N   . PRO   A 1 51  ? -1.466  -3.381  -10.951 1.00 10.92 ? 57  PRO   B N   1 
ATOM   441  C CA  . PRO   A 1 51  ? -2.319  -2.216  -10.725 1.00 10.81 ? 57  PRO   B CA  1 
ATOM   442  C C   . PRO   A 1 51  ? -1.923  -1.375  -9.493  1.00 10.67 ? 57  PRO   B C   1 
ATOM   443  O O   . PRO   A 1 51  ? -2.685  -1.198  -8.564  1.00 11.09 ? 57  PRO   B O   1 
ATOM   444  C CB  . PRO   A 1 51  ? -3.736  -2.836  -10.552 1.00 12.91 ? 57  PRO   B CB  1 
ATOM   445  C CG  . PRO   A 1 51  ? -3.589  -4.284  -10.958 1.00 13.39 ? 57  PRO   B CG  1 
ATOM   446  C CD  . PRO   A 1 51  ? -2.166  -4.625  -10.659 1.00 11.65 ? 57  PRO   B CD  1 
ATOM   447  N N   . MET   A 1 52  ? -0.672  -0.875  -9.557  1.00 10.34 ? 58  MET   B N   1 
ATOM   448  C CA  . MET   A 1 52  ? 0.003   -0.167  -8.440  1.00 9.54  ? 58  MET   B CA  1 
ATOM   449  C C   . MET   A 1 52  ? 0.063   1.329   -8.660  1.00 10.20 ? 58  MET   B C   1 
ATOM   450  O O   . MET   A 1 52  ? 0.056   1.862   -9.800  1.00 10.64 ? 58  MET   B O   1 
ATOM   451  C CB  . MET   A 1 52  ? 1.413   -0.736  -8.264  1.00 10.51 ? 58  MET   B CB  1 
ATOM   452  C CG  . MET   A 1 52  ? 1.409   -2.164  -7.835  1.00 9.69  ? 58  MET   B CG  1 
ATOM   453  S SD  . MET   A 1 52  ? 3.077   -2.890  -8.007  1.00 12.04 ? 58  MET   B SD  1 
ATOM   454  C CE  . MET   A 1 52  ? 2.859   -4.549  -7.389  1.00 12.27 ? 58  MET   B CE  1 
ATOM   455  N N   . VAL   A 1 53  ? 0.167   2.049   -7.537  1.00 9.74  ? 59  VAL   B N   1 
ATOM   456  C CA  . VAL   A 1 53  ? 0.305   3.528   -7.526  1.00 9.99  ? 59  VAL   B CA  1 
ATOM   457  C C   . VAL   A 1 53  ? 1.014   3.917   -6.218  1.00 11.06 ? 59  VAL   B C   1 
ATOM   458  O O   . VAL   A 1 53  ? 0.860   3.182   -5.216  1.00 10.27 ? 59  VAL   B O   1 
ATOM   459  C CB  . VAL   A 1 53  ? -1.059  4.234   -7.711  1.00 10.34 ? 59  VAL   B CB  1 
ATOM   460  C CG1 . VAL   A 1 53  ? -2.055  3.903   -6.607  1.00 11.14 ? 59  VAL   B CG1 1 
ATOM   461  C CG2 . VAL   A 1 53  ? -0.912  5.747   -7.853  1.00 10.72 ? 59  VAL   B CG2 1 
ATOM   462  N N   . LEU   A 1 54  ? 1.721   5.030   -6.235  1.00 10.43 ? 60  LEU   B N   1 
ATOM   463  C CA  . LEU   A 1 54  ? 2.393   5.583   -5.026  1.00 10.53 ? 60  LEU   B CA  1 
ATOM   464  C C   . LEU   A 1 54  ? 1.653   6.797   -4.495  1.00 11.28 ? 60  LEU   B C   1 
ATOM   465  O O   . LEU   A 1 54  ? 0.980   7.589   -5.264  1.00 11.53 ? 60  LEU   B O   1 
ATOM   466  C CB  . LEU   A 1 54  ? 3.847   5.967   -5.292  1.00 10.52 ? 60  LEU   B CB  1 
ATOM   467  C CG  . LEU   A 1 54  ? 4.706   4.883   -5.882  1.00 11.66 ? 60  LEU   B CG  1 
ATOM   468  C CD1 . LEU   A 1 54  ? 6.174   5.286   -6.022  1.00 13.32 ? 60  LEU   B CD1 1 
ATOM   469  C CD2 . LEU   A 1 54  ? 4.594   3.591   -5.079  1.00 11.83 ? 60  LEU   B CD2 1 
ATOM   470  N N   . GLY   A 1 55  ? 1.762   7.024   -3.185  1.00 10.57 ? 61  GLY   B N   1 
ATOM   471  C CA  . GLY   A 1 55  ? 1.428   8.340   -2.608  1.00 11.09 ? 61  GLY   B CA  1 
ATOM   472  C C   . GLY   A 1 55  ? 2.404   9.403   -3.101  1.00 11.26 ? 61  GLY   B C   1 
ATOM   473  O O   . GLY   A 1 55  ? 3.565   9.085   -3.378  1.00 12.02 ? 61  GLY   B O   1 
ATOM   474  N N   . ALA   A 1 56  ? 1.975   10.647  -3.076  1.00 12.80 ? 62  ALA   B N   1 
ATOM   475  C CA  . ALA   A 1 56  ? 2.806   11.802  -3.470  1.00 14.20 ? 62  ALA   B CA  1 
ATOM   476  C C   . ALA   A 1 56  ? 3.827   12.117  -2.383  1.00 14.40 ? 62  ALA   B C   1 
ATOM   477  O O   . ALA   A 1 56  ? 4.917   12.625  -2.706  1.00 18.21 ? 62  ALA   B O   1 
ATOM   478  C CB  . ALA   A 1 56  ? 1.892   12.949  -3.737  1.00 15.72 ? 62  ALA   B CB  1 
ATOM   479  N N   . GLN   A 1 57  ? 3.478   11.843  -1.144  1.00 14.19 ? 63  GLN   B N   1 
ATOM   480  C CA  . GLN   A 1 57  ? 4.348   12.272  -0.027  1.00 14.68 ? 63  GLN   B CA  1 
ATOM   481  C C   . GLN   A 1 57  ? 5.616   11.411  0.002   1.00 15.93 ? 63  GLN   B C   1 
ATOM   482  O O   . GLN   A 1 57  ? 5.575   10.183  -0.281  1.00 16.35 ? 63  GLN   B O   1 
ATOM   483  C CB  . GLN   A 1 57  ? 3.562   12.163  1.286   1.00 16.49 ? 63  GLN   B CB  1 
ATOM   484  C CG  . GLN   A 1 57  ? 2.429   13.158  1.459   1.00 17.84 ? 63  GLN   B CG  1 
ATOM   485  C CD  . GLN   A 1 57  ? 1.266   12.948  0.512   1.00 17.82 ? 63  GLN   B CD  1 
ATOM   486  O OE1 . GLN   A 1 57  ? 0.855   11.821  0.242   1.00 16.15 ? 63  GLN   B OE1 1 
ATOM   487  N NE2 . GLN   A 1 57  ? 0.680   14.014  0.011   1.00 19.78 ? 63  GLN   B NE2 1 
ATOM   488  N N   . ARG   A 1 58  ? 6.759   12.024  0.344   1.00 16.08 ? 64  ARG   B N   1 
ATOM   489  C CA  . ARG   A 1 58  ? 8.040   11.334  0.565   1.00 15.39 ? 64  ARG   B CA  1 
ATOM   490  C C   . ARG   A 1 58  ? 8.483   11.522  2.006   1.00 15.15 ? 64  ARG   B C   1 
ATOM   491  O O   . ARG   A 1 58  ? 8.353   12.646  2.517   1.00 17.67 ? 64  ARG   B O   1 
ATOM   492  C CB  . ARG   A 1 58  ? 9.155   11.951  -0.294  1.00 19.76 ? 64  ARG   B CB  1 
ATOM   493  C CG  . ARG   A 1 58  ? 9.170   11.583  -1.775  1.00 27.06 ? 64  ARG   B CG  1 
ATOM   494  C CD  . ARG   A 1 58  ? 7.808   11.591  -2.406  1.00 28.65 ? 64  ARG   B CD  1 
ATOM   495  N NE  . ARG   A 1 58  ? 7.493   11.991  -3.783  1.00 32.30 ? 64  ARG   B NE  1 
ATOM   496  C CZ  . ARG   A 1 58  ? 8.306   12.069  -4.828  1.00 31.05 ? 64  ARG   B CZ  1 
ATOM   497  N NH1 . ARG   A 1 58  ? 7.802   12.453  -5.992  1.00 34.58 ? 64  ARG   B NH1 1 
ATOM   498  N NH2 . ARG   A 1 58  ? 9.595   11.812  -4.731  1.00 31.97 ? 64  ARG   B NH2 1 
ATOM   499  N N   . PHE   A 1 59  ? 8.871   10.460  2.671   1.00 14.64 ? 65  PHE   B N   1 
ATOM   500  C CA  . PHE   A 1 59  ? 9.254   10.511  4.109   1.00 14.70 ? 65  PHE   B CA  1 
ATOM   501  C C   . PHE   A 1 59  ? 10.711  10.077  4.262   1.00 13.26 ? 65  PHE   B C   1 
ATOM   502  O O   . PHE   A 1 59  ? 11.098  9.012   3.758   1.00 12.72 ? 65  PHE   B O   1 
ATOM   503  C CB  . PHE   A 1 59  ? 8.316   9.590   4.927   1.00 16.33 ? 65  PHE   B CB  1 
ATOM   504  C CG  . PHE   A 1 59  ? 6.840   9.946   4.809   1.00 17.40 ? 65  PHE   B CG  1 
ATOM   505  C CD1 . PHE   A 1 59  ? 6.412   11.238  5.106   1.00 20.35 ? 65  PHE   B CD1 1 
ATOM   506  C CD2 . PHE   A 1 59  ? 5.901   9.049   4.374   1.00 25.42 ? 65  PHE   B CD2 1 
ATOM   507  C CE1 . PHE   A 1 59  ? 5.080   11.624  4.992   1.00 22.93 ? 65  PHE   B CE1 1 
ATOM   508  C CE2 . PHE   A 1 59  ? 4.563   9.436   4.291   1.00 18.79 ? 65  PHE   B CE2 1 
ATOM   509  C CZ  . PHE   A 1 59  ? 4.178   10.717  4.532   1.00 21.00 ? 65  PHE   B CZ  1 
ATOM   510  N N   A SER   A 1 60  ? 11.530  10.874  4.961   0.25 13.51 ? 66  SER   B N   1 
ATOM   511  N N   B SER   A 1 60  ? 11.530  10.877  4.957   0.25 13.78 ? 66  SER   B N   1 
ATOM   512  C CA  A SER   A 1 60  ? 12.965  10.562  5.201   0.25 13.97 ? 66  SER   B CA  1 
ATOM   513  C CA  B SER   A 1 60  ? 12.962  10.572  5.226   0.25 14.46 ? 66  SER   B CA  1 
ATOM   514  C C   A SER   A 1 60  ? 13.304  10.658  6.698   0.25 13.80 ? 66  SER   B C   1 
ATOM   515  C C   B SER   A 1 60  ? 13.286  10.772  6.705   0.25 14.54 ? 66  SER   B C   1 
ATOM   516  O O   A SER   A 1 60  ? 14.460  10.348  7.065   0.25 13.68 ? 66  SER   B O   1 
ATOM   517  O O   B SER   A 1 60  ? 14.482  10.860  7.040   0.25 14.06 ? 66  SER   B O   1 
ATOM   518  C CB  A SER   A 1 60  ? 13.859  11.427  4.327   0.25 14.20 ? 66  SER   B CB  1 
ATOM   519  C CB  B SER   A 1 60  ? 13.859  11.436  4.404   0.25 14.60 ? 66  SER   B CB  1 
ATOM   520  O OG  A SER   A 1 60  ? 13.883  10.914  2.983   0.25 14.69 ? 66  SER   B OG  1 
ATOM   521  O OG  B SER   A 1 60  ? 13.590  12.784  4.689   0.25 15.30 ? 66  SER   B OG  1 
ATOM   522  N N   A SER   A 1 61  ? 12.311  10.973  7.541   0.25 13.44 ? 67  SER   B N   1 
ATOM   523  N N   B SER   A 1 61  ? 12.265  10.849  7.556   0.25 14.91 ? 67  SER   B N   1 
ATOM   524  C CA  A SER   A 1 61  ? 12.463  11.077  9.015   0.25 14.35 ? 67  SER   B CA  1 
ATOM   525  C CA  B SER   A 1 61  ? 12.435  11.091  9.004   0.25 16.43 ? 67  SER   B CA  1 
ATOM   526  C C   A SER   A 1 61  ? 11.102  10.914  9.689   0.25 15.13 ? 67  SER   B C   1 
ATOM   527  C C   B SER   A 1 61  ? 11.082  11.036  9.705   0.25 16.26 ? 67  SER   B C   1 
ATOM   528  O O   A SER   A 1 61  ? 10.100  10.950  8.979   0.25 15.40 ? 67  SER   B O   1 
ATOM   529  O O   B SER   A 1 61  ? 10.066  11.320  9.040   0.25 15.49 ? 67  SER   B O   1 
ATOM   530  C CB  A SER   A 1 61  ? 13.076  12.412  9.387   0.25 14.19 ? 67  SER   B CB  1 
ATOM   531  C CB  B SER   A 1 61  ? 13.089  12.433  9.221   0.25 17.64 ? 67  SER   B CB  1 
ATOM   532  O OG  A SER   A 1 61  ? 12.180  13.471  9.095   0.25 14.03 ? 67  SER   B OG  1 
ATOM   533  O OG  B SER   A 1 61  ? 13.258  12.673  10.602  0.25 20.85 ? 67  SER   B OG  1 
ATOM   534  N N   . GLY   A 1 62  ? 11.093  10.788  11.017  1.00 16.76 ? 68  GLY   B N   1 
ATOM   535  C CA  . GLY   A 1 62  ? 9.862   10.976  11.802  1.00 17.31 ? 68  GLY   B CA  1 
ATOM   536  C C   . GLY   A 1 62  ? 8.975   9.747   11.873  1.00 14.78 ? 68  GLY   B C   1 
ATOM   537  O O   . GLY   A 1 62  ? 9.360   8.656   11.421  1.00 16.10 ? 68  GLY   B O   1 
ATOM   538  N N   . LYS   A 1 63  ? 7.814   9.991   12.437  1.00 14.53 ? 69  LYS   B N   1 
ATOM   539  C CA  . LYS   A 1 63  ? 6.774   8.987   12.646  1.00 14.94 ? 69  LYS   B CA  1 
ATOM   540  C C   . LYS   A 1 63  ? 5.572   9.452   11.837  1.00 14.16 ? 69  LYS   B C   1 
ATOM   541  O O   . LYS   A 1 63  ? 5.147   10.588  11.968  1.00 15.96 ? 69  LYS   B O   1 
ATOM   542  C CB  . LYS   A 1 63  ? 6.473   8.848   14.136  1.00 16.37 ? 69  LYS   B CB  1 
ATOM   543  C CG  . LYS   A 1 63  ? 7.624   8.333   14.993  1.00 16.94 ? 69  LYS   B CG  1 
ATOM   544  C CD  . LYS   A 1 63  ? 7.291   8.360   16.497  1.00 20.27 ? 69  LYS   B CD  1 
ATOM   545  C CE  . LYS   A 1 63  ? 8.427   7.818   17.328  1.00 23.49 ? 69  LYS   B CE  1 
ATOM   546  N NZ  . LYS   A 1 63  ? 8.040   7.766   18.758  1.00 27.14 ? 69  LYS   B NZ  1 
ATOM   547  N N   . MET   A 1 64  ? 4.974   8.529   11.071  1.00 13.27 ? 70  MET   B N   1 
ATOM   548  C CA  . MET   A 1 64  ? 3.849   8.799   10.147  1.00 13.31 ? 70  MET   B CA  1 
ATOM   549  C C   . MET   A 1 64  ? 2.804   7.707   10.317  1.00 12.43 ? 70  MET   B C   1 
ATOM   550  O O   . MET   A 1 64  ? 3.165   6.549   10.510  1.00 13.30 ? 70  MET   B O   1 
ATOM   551  C CB  . MET   A 1 64  ? 4.314   8.721   8.705   1.00 13.57 ? 70  MET   B CB  1 
ATOM   552  C CG  . MET   A 1 64  ? 5.163   9.873   8.217   1.00 15.04 ? 70  MET   B CG  1 
ATOM   553  S SD  . MET   A 1 64  ? 6.848   10.082  8.862   1.00 16.97 ? 70  MET   B SD  1 
ATOM   554  C CE  . MET   A 1 64  ? 7.639   8.534   8.454   1.00 16.66 ? 70  MET   B CE  1 
ATOM   555  N N   . TYR   A 1 65  ? 1.545   8.050   10.221  1.00 12.54 ? 71  TYR   B N   1 
ATOM   556  C CA  . TYR   A 1 65  ? 0.422   7.089   10.357  1.00 12.69 ? 71  TYR   B CA  1 
ATOM   557  C C   . TYR   A 1 65  ? -0.664  7.474   9.373   1.00 13.52 ? 71  TYR   B C   1 
ATOM   558  O O   . TYR   A 1 65  ? -1.007  8.690   9.225   1.00 14.53 ? 71  TYR   B O   1 
ATOM   559  C CB  . TYR   A 1 65  ? -0.140  7.113   11.790  1.00 13.94 ? 71  TYR   B CB  1 
ATOM   560  C CG  . TYR   A 1 65  ? -1.320  6.205   12.025  1.00 13.90 ? 71  TYR   B CG  1 
ATOM   561  C CD1 . TYR   A 1 65  ? -1.131  4.844   12.172  1.00 13.61 ? 71  TYR   B CD1 1 
ATOM   562  C CD2 . TYR   A 1 65  ? -2.616  6.685   11.971  1.00 13.93 ? 71  TYR   B CD2 1 
ATOM   563  C CE1 . TYR   A 1 65  ? -2.195  3.973   12.360  1.00 14.26 ? 71  TYR   B CE1 1 
ATOM   564  C CE2 . TYR   A 1 65  ? -3.695  5.836   12.132  1.00 13.27 ? 71  TYR   B CE2 1 
ATOM   565  C CZ  . TYR   A 1 65  ? -3.494  4.486   12.325  1.00 13.78 ? 71  TYR   B CZ  1 
ATOM   566  O OH  . TYR   A 1 65  ? -4.565  3.659   12.475  1.00 15.98 ? 71  TYR   B OH  1 
ATOM   567  N N   . TRP   A 1 66  ? -1.192  6.496   8.653   1.00 11.45 ? 72  TRP   B N   1 
ATOM   568  C CA  . TRP   A 1 66  ? -2.399  6.720   7.833   1.00 12.33 ? 72  TRP   B CA  1 
ATOM   569  C C   . TRP   A 1 66  ? -3.277  5.457   7.815   1.00 12.36 ? 72  TRP   B C   1 
ATOM   570  O O   . TRP   A 1 66  ? -2.826  4.391   8.227   1.00 12.81 ? 72  TRP   B O   1 
ATOM   571  C CB  . TRP   A 1 66  ? -2.022  7.212   6.404   1.00 11.52 ? 72  TRP   B CB  1 
ATOM   572  C CG  . TRP   A 1 66  ? -1.223  6.262   5.560   1.00 11.81 ? 72  TRP   B CG  1 
ATOM   573  C CD1 . TRP   A 1 66  ? -1.696  5.388   4.595   1.00 11.94 ? 72  TRP   B CD1 1 
ATOM   574  C CD2 . TRP   A 1 66  ? 0.190   6.064   5.568   1.00 11.76 ? 72  TRP   B CD2 1 
ATOM   575  N NE1 . TRP   A 1 66  ? -0.655  4.716   4.010   1.00 12.37 ? 72  TRP   B NE1 1 
ATOM   576  C CE2 . TRP   A 1 66  ? 0.518   5.109   4.583   1.00 12.67 ? 72  TRP   B CE2 1 
ATOM   577  C CE3 . TRP   A 1 66  ? 1.222   6.642   6.312   1.00 14.16 ? 72  TRP   B CE3 1 
ATOM   578  C CZ2 . TRP   A 1 66  ? 1.816   4.703   4.323   1.00 13.23 ? 72  TRP   B CZ2 1 
ATOM   579  C CZ3 . TRP   A 1 66  ? 2.509   6.225   6.074   1.00 16.04 ? 72  TRP   B CZ3 1 
ATOM   580  C CH2 . TRP   A 1 66  ? 2.803   5.289   5.090   1.00 14.65 ? 72  TRP   B CH2 1 
ATOM   581  N N   . GLU   A 1 67  ? -4.498  5.581   7.282   1.00 12.52 ? 73  GLU   B N   1 
ATOM   582  C CA  . GLU   A 1 67  ? -5.492  4.479   7.249   1.00 12.20 ? 73  GLU   B CA  1 
ATOM   583  C C   . GLU   A 1 67  ? -6.043  4.308   5.845   1.00 11.20 ? 73  GLU   B C   1 
ATOM   584  O O   . GLU   A 1 67  ? -6.205  5.324   5.135   1.00 12.03 ? 73  GLU   B O   1 
ATOM   585  C CB  . GLU   A 1 67  ? -6.627  4.744   8.237   1.00 13.50 ? 73  GLU   B CB  1 
ATOM   586  C CG  . GLU   A 1 67  ? -6.123  4.604   9.673   1.00 15.76 ? 73  GLU   B CG  1 
ATOM   587  C CD  . GLU   A 1 67  ? -7.148  4.852   10.754  1.00 19.28 ? 73  GLU   B CD  1 
ATOM   588  O OE1 . GLU   A 1 67  ? -8.292  5.222   10.358  1.00 23.87 ? 73  GLU   B OE1 1 
ATOM   589  O OE2 . GLU   A 1 67  ? -6.824  4.633   11.993  1.00 17.56 ? 73  GLU   B OE2 1 
ATOM   590  N N   . VAL   A 1 68  ? -6.271  3.057   5.467   1.00 11.71 ? 74  VAL   B N   1 
ATOM   591  C CA  . VAL   A 1 68  ? -6.788  2.725   4.140   1.00 10.97 ? 74  VAL   B CA  1 
ATOM   592  C C   . VAL   A 1 68  ? -8.016  1.820   4.286   1.00 11.15 ? 74  VAL   B C   1 
ATOM   593  O O   . VAL   A 1 68  ? -7.949  0.808   5.006   1.00 12.26 ? 74  VAL   B O   1 
ATOM   594  C CB  . VAL   A 1 68  ? -5.727  2.037   3.270   1.00 11.55 ? 74  VAL   B CB  1 
ATOM   595  C CG1 . VAL   A 1 68  ? -6.263  1.866   1.867   1.00 13.56 ? 74  VAL   B CG1 1 
ATOM   596  C CG2 . VAL   A 1 68  ? -4.395  2.767   3.298   1.00 12.82 ? 74  VAL   B CG2 1 
ATOM   597  N N   . ASP   A 1 69  ? -9.091  2.156   3.551   1.00 11.37 ? 75  ASP   B N   1 
ATOM   598  C CA  . ASP   A 1 69  ? -10.330 1.339   3.475   1.00 12.48 ? 75  ASP   B CA  1 
ATOM   599  C C   . ASP   A 1 69  ? -10.164 0.304   2.384   1.00 11.54 ? 75  ASP   B C   1 
ATOM   600  O O   . ASP   A 1 69  ? -9.801  0.692   1.227   1.00 11.64 ? 75  ASP   B O   1 
ATOM   601  C CB  . ASP   A 1 69  ? -11.537 2.248   3.240   1.00 14.73 ? 75  ASP   B CB  1 
ATOM   602  C CG  . ASP   A 1 69  ? -12.867 1.552   3.507   1.00 16.67 ? 75  ASP   B CG  1 
ATOM   603  O OD1 . ASP   A 1 69  ? -13.157 0.574   2.848   1.00 16.28 ? 75  ASP   B OD1 1 
ATOM   604  O OD2 . ASP   A 1 69  ? -13.511 1.882   4.510   1.00 21.72 ? 75  ASP   B OD2 1 
ATOM   605  N N   . VAL   A 1 70  ? -10.398 -0.958  2.712   1.00 11.16 ? 76  VAL   B N   1 
ATOM   606  C CA  . VAL   A 1 70  ? -10.295 -2.136  1.811   1.00 12.01 ? 76  VAL   B CA  1 
ATOM   607  C C   . VAL   A 1 70  ? -11.636 -2.881  1.687   1.00 12.85 ? 76  VAL   B C   1 
ATOM   608  O O   . VAL   A 1 70  ? -11.666 -4.034  1.277   1.00 12.94 ? 76  VAL   B O   1 
ATOM   609  C CB  . VAL   A 1 70  ? -9.140  -3.053  2.272   1.00 11.92 ? 76  VAL   B CB  1 
ATOM   610  C CG1 . VAL   A 1 70  ? -7.786  -2.301  2.270   1.00 11.57 ? 76  VAL   B CG1 1 
ATOM   611  C CG2 . VAL   A 1 70  ? -9.381  -3.692  3.628   1.00 11.77 ? 76  VAL   B CG2 1 
ATOM   612  N N   . THR   A 1 71  ? -12.722 -2.249  2.101   1.00 13.23 ? 77  THR   B N   1 
ATOM   613  C CA  . THR   A 1 71  ? -14.050 -2.878  2.124   1.00 14.04 ? 77  THR   B CA  1 
ATOM   614  C C   . THR   A 1 71  ? -14.368 -3.594  0.800   1.00 14.32 ? 77  THR   B C   1 
ATOM   615  O O   . THR   A 1 71  ? -14.255 -3.012  -0.277  1.00 13.94 ? 77  THR   B O   1 
ATOM   616  C CB  . THR   A 1 71  ? -15.138 -1.855  2.409   1.00 14.87 ? 77  THR   B CB  1 
ATOM   617  O OG1 . THR   A 1 71  ? -14.908 -1.280  3.701   1.00 16.41 ? 77  THR   B OG1 1 
ATOM   618  C CG2 . THR   A 1 71  ? -16.476 -2.544  2.365   1.00 16.44 ? 77  THR   B CG2 1 
ATOM   619  N N   . GLN   A 1 72  ? -14.722 -4.870  0.943   0.72 16.45 ? 78  GLN   B N   1 
ATOM   620  C CA  . GLN   A 1 72  ? -15.263 -5.795  -0.086  0.72 17.48 ? 78  GLN   B CA  1 
ATOM   621  C C   . GLN   A 1 72  ? -14.222 -6.223  -1.113  0.72 17.85 ? 78  GLN   B C   1 
ATOM   622  O O   . GLN   A 1 72  ? -14.579 -6.981  -2.023  0.72 18.08 ? 78  GLN   B O   1 
ATOM   623  C CB  . GLN   A 1 72  ? -16.491 -5.192  -0.753  0.72 20.53 ? 78  GLN   B CB  1 
ATOM   624  C CG  . GLN   A 1 72  ? -17.737 -5.553  0.032   0.72 22.35 ? 78  GLN   B CG  1 
ATOM   625  C CD  . GLN   A 1 72  ? -17.955 -7.050  0.066   0.72 23.23 ? 78  GLN   B CD  1 
ATOM   626  O OE1 . GLN   A 1 72  ? -18.282 -7.665  -0.937  0.72 25.61 ? 78  GLN   B OE1 1 
ATOM   627  N NE2 . GLN   A 1 72  ? -17.720 -7.662  1.212   0.72 24.13 ? 78  GLN   B NE2 1 
ATOM   628  N N   . LYS   A 1 73  ? -12.970 -5.818  -0.970  1.00 14.22 ? 79  LYS   B N   1 
ATOM   629  C CA  . LYS   A 1 73  ? -11.948 -6.263  -1.921  1.00 13.18 ? 79  LYS   B CA  1 
ATOM   630  C C   . LYS   A 1 73  ? -11.510 -7.708  -1.651  1.00 11.87 ? 79  LYS   B C   1 
ATOM   631  O O   . LYS   A 1 73  ? -11.454 -8.146  -0.454  1.00 14.51 ? 79  LYS   B O   1 
ATOM   632  C CB  . LYS   A 1 73  ? -10.758 -5.331  -1.878  1.00 12.70 ? 79  LYS   B CB  1 
ATOM   633  C CG  . LYS   A 1 73  ? -11.081 -3.926  -2.402  1.00 12.84 ? 79  LYS   B CG  1 
ATOM   634  C CD  . LYS   A 1 73  ? -9.897  -3.031  -2.672  1.00 12.65 ? 79  LYS   B CD  1 
ATOM   635  C CE  . LYS   A 1 73  ? -8.976  -3.529  -3.760  1.00 11.75 ? 79  LYS   B CE  1 
ATOM   636  N NZ  . LYS   A 1 73  ? -9.693  -3.766  -5.052  1.00 11.79 ? 79  LYS   B NZ  1 
ATOM   637  N N   . GLU   A 1 74  ? -11.237 -8.442  -2.717  1.00 10.91 ? 80  GLU   B N   1 
ATOM   638  C CA  . GLU   A 1 74  ? -10.741 -9.828  -2.658  1.00 11.26 ? 80  GLU   B CA  1 
ATOM   639  C C   . GLU   A 1 74  ? -9.212  -9.873  -2.673  1.00 11.45 ? 80  GLU   B C   1 
ATOM   640  O O   . GLU   A 1 74  ? -8.613  -10.881 -2.343  1.00 11.66 ? 80  GLU   B O   1 
ATOM   641  C CB  . GLU   A 1 74  ? -11.252 -10.631 -3.875  1.00 12.11 ? 80  GLU   B CB  1 
ATOM   642  C CG  . GLU   A 1 74  ? -12.753 -10.812 -3.910  1.00 13.47 ? 80  GLU   B CG  1 
ATOM   643  C CD  . GLU   A 1 74  ? -13.203 -11.524 -5.193  1.00 14.11 ? 80  GLU   B CD  1 
ATOM   644  O OE1 . GLU   A 1 74  ? -14.366 -11.987 -5.195  1.00 17.51 ? 80  GLU   B OE1 1 
ATOM   645  O OE2 . GLU   A 1 74  ? -12.375 -11.620 -6.149  1.00 16.46 ? 80  GLU   B OE2 1 
ATOM   646  N N   . ALA   A 1 75  ? -8.555  -8.823  -3.170  1.00 10.61 ? 81  ALA   B N   1 
ATOM   647  C CA  . ALA   A 1 75  ? -7.096  -8.837  -3.329  1.00 10.79 ? 81  ALA   B CA  1 
ATOM   648  C C   . ALA   A 1 75  ? -6.590  -7.402  -3.319  1.00 11.41 ? 81  ALA   B C   1 
ATOM   649  O O   . ALA   A 1 75  ? -7.202  -6.516  -3.941  1.00 11.01 ? 81  ALA   B O   1 
ATOM   650  C CB  . ALA   A 1 75  ? -6.692  -9.524  -4.616  1.00 11.74 ? 81  ALA   B CB  1 
ATOM   651  N N   . TRP   A 1 76  ? -5.442  -7.212  -2.673  1.00 10.45 ? 82  TRP   B N   1 
ATOM   652  C CA  . TRP   A 1 76  ? -4.787  -5.877  -2.581  1.00 10.24 ? 82  TRP   B CA  1 
ATOM   653  C C   . TRP   A 1 76  ? -3.439  -6.060  -1.910  1.00 10.42 ? 82  TRP   B C   1 
ATOM   654  O O   . TRP   A 1 76  ? -3.249  -7.045  -1.208  1.00 10.75 ? 82  TRP   B O   1 
ATOM   655  C CB  . TRP   A 1 76  ? -5.633  -4.873  -1.794  1.00 10.84 ? 82  TRP   B CB  1 
ATOM   656  C CG  . TRP   A 1 76  ? -6.168  -5.309  -0.468  1.00 10.77 ? 82  TRP   B CG  1 
ATOM   657  C CD1 . TRP   A 1 76  ? -7.418  -5.773  -0.215  1.00 11.63 ? 82  TRP   B CD1 1 
ATOM   658  C CD2 . TRP   A 1 76  ? -5.493  -5.416  0.814   1.00 10.69 ? 82  TRP   B CD2 1 
ATOM   659  N NE1 . TRP   A 1 76  ? -7.603  -6.087  1.093   1.00 11.56 ? 82  TRP   B NE1 1 
ATOM   660  C CE2 . TRP   A 1 76  ? -6.394  -5.934  1.756   1.00 11.62 ? 82  TRP   B CE2 1 
ATOM   661  C CE3 . TRP   A 1 76  ? -4.177  -5.157  1.239   1.00 11.22 ? 82  TRP   B CE3 1 
ATOM   662  C CZ2 . TRP   A 1 76  ? -6.085  -6.120  3.105   1.00 11.57 ? 82  TRP   B CZ2 1 
ATOM   663  C CZ3 . TRP   A 1 76  ? -3.854  -5.353  2.561   1.00 11.69 ? 82  TRP   B CZ3 1 
ATOM   664  C CH2 . TRP   A 1 76  ? -4.796  -5.828  3.488   1.00 12.21 ? 82  TRP   B CH2 1 
ATOM   665  N N   . ASP   A 1 77  ? -2.557  -5.085  -2.122  1.00 10.10 ? 83  ASP   B N   1 
ATOM   666  C CA  . ASP   A 1 77  ? -1.286  -4.967  -1.363  1.00 10.37 ? 83  ASP   B CA  1 
ATOM   667  C C   . ASP   A 1 77  ? -1.251  -3.555  -0.758  1.00 10.26 ? 83  ASP   B C   1 
ATOM   668  O O   . ASP   A 1 77  ? -1.650  -2.594  -1.453  1.00 9.89  ? 83  ASP   B O   1 
ATOM   669  C CB  . ASP   A 1 77  ? -0.044  -5.137  -2.234  1.00 11.37 ? 83  ASP   B CB  1 
ATOM   670  C CG  . ASP   A 1 77  ? -0.028  -6.283  -3.231  1.00 13.61 ? 83  ASP   B CG  1 
ATOM   671  O OD1 . ASP   A 1 77  ? -0.559  -7.307  -2.895  1.00 16.82 ? 83  ASP   B OD1 1 
ATOM   672  O OD2 . ASP   A 1 77  ? 0.529   -6.100  -4.343  1.00 15.58 ? 83  ASP   B OD2 1 
ATOM   673  N N   . LEU   A 1 78  ? -0.698  -3.391  0.438   1.00 9.42  ? 84  LEU   B N   1 
ATOM   674  C CA  . LEU   A 1 78  ? -0.574  -2.062  1.081   1.00 9.68  ? 84  LEU   B CA  1 
ATOM   675  C C   . LEU   A 1 78  ? 0.742   -2.016  1.850   1.00 9.41  ? 84  LEU   B C   1 
ATOM   676  O O   . LEU   A 1 78  ? 1.164   -3.002  2.464   1.00 9.35  ? 84  LEU   B O   1 
ATOM   677  C CB  . LEU   A 1 78  ? -1.694  -1.807  2.094   1.00 9.87  ? 84  LEU   B CB  1 
ATOM   678  C CG  . LEU   A 1 78  ? -3.077  -1.531  1.531   1.00 11.53 ? 84  LEU   B CG  1 
ATOM   679  C CD1 . LEU   A 1 78  ? -4.082  -1.476  2.682   1.00 12.18 ? 84  LEU   B CD1 1 
ATOM   680  C CD2 . LEU   A 1 78  ? -3.069  -0.245  0.749   1.00 11.31 ? 84  LEU   B CD2 1 
ATOM   681  N N   . GLY   A 1 79  ? 1.309   -0.817  1.877   1.00 8.48  ? 85  GLY   B N   1 
ATOM   682  C CA  . GLY   A 1 79  ? 2.453   -0.568  2.766   1.00 9.39  ? 85  GLY   B CA  1 
ATOM   683  C C   . GLY   A 1 79  ? 3.213   0.676   2.355   1.00 8.84  ? 85  GLY   B C   1 
ATOM   684  O O   . GLY   A 1 79  ? 2.609   1.697   2.059   1.00 9.30  ? 85  GLY   B O   1 
ATOM   685  N N   A VAL   A 1 80  ? 4.542   0.587   2.432   0.25 8.89  ? 86  VAL   B N   1 
ATOM   686  N N   B VAL   A 1 80  ? 4.530   0.561   2.324   0.25 9.09  ? 86  VAL   B N   1 
ATOM   687  C CA  A VAL   A 1 80  ? 5.488   1.639   1.960   0.25 9.51  ? 86  VAL   B CA  1 
ATOM   688  C CA  B VAL   A 1 80  ? 5.425   1.696   1.993   0.25 9.80  ? 86  VAL   B CA  1 
ATOM   689  C C   A VAL   A 1 80  ? 6.535   1.015   1.052   0.25 9.74  ? 86  VAL   B C   1 
ATOM   690  C C   B VAL   A 1 80  ? 6.602   1.104   1.208   0.25 9.93  ? 86  VAL   B C   1 
ATOM   691  O O   A VAL   A 1 80  ? 6.780   -0.212  1.106   0.25 9.73  ? 86  VAL   B O   1 
ATOM   692  O O   B VAL   A 1 80  ? 6.916   -0.079  1.419   0.25 9.84  ? 86  VAL   B O   1 
ATOM   693  C CB  A VAL   A 1 80  ? 6.225   2.376   3.094   0.25 9.74  ? 86  VAL   B CB  1 
ATOM   694  C CB  B VAL   A 1 80  ? 5.814   2.416   3.301   0.25 10.39 ? 86  VAL   B CB  1 
ATOM   695  C CG1 A VAL   A 1 80  ? 5.266   3.234   3.875   0.25 9.91  ? 86  VAL   B CG1 1 
ATOM   696  C CG1 B VAL   A 1 80  ? 6.673   1.528   4.186   0.25 10.33 ? 86  VAL   B CG1 1 
ATOM   697  C CG2 A VAL   A 1 80  ? 6.978   1.436   4.019   0.25 9.80  ? 86  VAL   B CG2 1 
ATOM   698  C CG2 B VAL   A 1 80  ? 6.470   3.761   3.057   0.25 10.88 ? 86  VAL   B CG2 1 
ATOM   699  N N   . CYS   A 1 81  ? 7.196   1.868   0.291   1.00 9.74  ? 87  CYS   B N   1 
ATOM   700  C CA  . CYS   A 1 81  ? 8.324   1.405   -0.512  1.00 10.86 ? 87  CYS   B CA  1 
ATOM   701  C C   . CYS   A 1 81  ? 9.332   2.522   -0.694  1.00 10.46 ? 87  CYS   B C   1 
ATOM   702  O O   . CYS   A 1 81  ? 9.003   3.721   -0.498  1.00 10.64 ? 87  CYS   B O   1 
ATOM   703  C CB  . CYS   A 1 81  ? 7.855   0.867   -1.857  1.00 12.05 ? 87  CYS   B CB  1 
ATOM   704  S SG  . CYS   A 1 81  ? 7.121   2.115   -2.953  1.00 12.15 ? 87  CYS   B SG  1 
ATOM   705  N N   A ARG   A 1 82  ? 10.528  2.135   -1.081  0.25 10.78 ? 88  ARG   B N   1 
ATOM   706  N N   B ARG   A 1 82  ? 10.542  2.140   -1.057  0.25 10.14 ? 88  ARG   B N   1 
ATOM   707  C CA  A ARG   A 1 82  ? 11.554  3.122   -1.483  0.25 11.38 ? 88  ARG   B CA  1 
ATOM   708  C CA  B ARG   A 1 82  ? 11.612  3.113   -1.407  0.25 10.26 ? 88  ARG   B CA  1 
ATOM   709  C C   A ARG   A 1 82  ? 11.053  3.945   -2.666  0.25 11.14 ? 88  ARG   B C   1 
ATOM   710  C C   B ARG   A 1 82  ? 11.193  3.887   -2.675  0.25 10.59 ? 88  ARG   B C   1 
ATOM   711  O O   A ARG   A 1 82  ? 10.334  3.432   -3.526  0.25 10.98 ? 88  ARG   B O   1 
ATOM   712  O O   B ARG   A 1 82  ? 10.654  3.256   -3.608  0.25 10.71 ? 88  ARG   B O   1 
ATOM   713  C CB  A ARG   A 1 82  ? 12.836  2.412   -1.900  0.25 12.63 ? 88  ARG   B CB  1 
ATOM   714  C CB  B ARG   A 1 82  ? 12.935  2.357   -1.594  0.25 10.46 ? 88  ARG   B CB  1 
ATOM   715  C CG  A ARG   A 1 82  ? 13.475  1.675   -0.743  0.25 13.73 ? 88  ARG   B CG  1 
ATOM   716  C CG  B ARG   A 1 82  ? 14.174  3.242   -1.622  0.25 10.48 ? 88  ARG   B CG  1 
ATOM   717  C CD  A ARG   A 1 82  ? 14.792  1.052   -1.130  0.25 15.42 ? 88  ARG   B CD  1 
ATOM   718  C CD  B ARG   A 1 82  ? 15.467  2.494   -1.882  0.25 10.34 ? 88  ARG   B CD  1 
ATOM   719  N NE  A ARG   A 1 82  ? 15.334  0.267   -0.032  0.25 15.10 ? 88  ARG   B NE  1 
ATOM   720  N NE  B ARG   A 1 82  ? 15.688  1.489   -0.862  0.25 10.20 ? 88  ARG   B NE  1 
ATOM   721  C CZ  A ARG   A 1 82  ? 15.977  -0.874  -0.196  0.25 15.75 ? 88  ARG   B CZ  1 
ATOM   722  C CZ  B ARG   A 1 82  ? 15.820  0.177   -1.087  0.25 10.02 ? 88  ARG   B CZ  1 
ATOM   723  N NH1 A ARG   A 1 82  ? 16.142  -1.367  -1.411  0.25 15.54 ? 88  ARG   B NH1 1 
ATOM   724  N NH1 B ARG   A 1 82  ? 15.859  -0.298  -2.310  0.25 11.04 ? 88  ARG   B NH1 1 
ATOM   725  N NH2 A ARG   A 1 82  ? 16.442  -1.518  0.858   0.25 17.38 ? 88  ARG   B NH2 1 
ATOM   726  N NH2 B ARG   A 1 82  ? 15.942  -0.654  -0.073  0.25 10.16 ? 88  ARG   B NH2 1 
ATOM   727  N N   . ASP   A 1 83  ? 11.469  5.201   -2.734  1.00 11.91 ? 89  ASP   B N   1 
ATOM   728  C CA  . ASP   A 1 83  ? 11.150  6.027   -3.926  1.00 13.25 ? 89  ASP   B CA  1 
ATOM   729  C C   . ASP   A 1 83  ? 11.762  5.379   -5.158  1.00 14.58 ? 89  ASP   B C   1 
ATOM   730  O O   . ASP   A 1 83  ? 11.190  5.544   -6.248  1.00 17.05 ? 89  ASP   B O   1 
ATOM   731  C CB  . ASP   A 1 83  ? 11.667  7.445   -3.720  1.00 15.76 ? 89  ASP   B CB  1 
ATOM   732  C CG  . ASP   A 1 83  ? 13.143  7.630   -3.518  1.00 18.49 ? 89  ASP   B CG  1 
ATOM   733  O OD1 . ASP   A 1 83  ? 13.902  6.631   -3.361  1.00 20.48 ? 89  ASP   B OD1 1 
ATOM   734  O OD2 . ASP   A 1 83  ? 13.545  8.834   -3.524  1.00 22.70 ? 89  ASP   B OD2 1 
ATOM   735  N N   . SER   A 1 84  ? 12.865  4.650   -5.043  1.00 13.00 ? 90  SER   B N   1 
ATOM   736  C CA  . SER   A 1 84  ? 13.600  4.123   -6.218  1.00 14.76 ? 90  SER   B CA  1 
ATOM   737  C C   . SER   A 1 84  ? 13.213  2.685   -6.615  1.00 13.48 ? 90  SER   B C   1 
ATOM   738  O O   . SER   A 1 84  ? 13.953  2.058   -7.356  1.00 14.34 ? 90  SER   B O   1 
ATOM   739  C CB  . SER   A 1 84  ? 15.078  4.258   -5.976  1.00 16.88 ? 90  SER   B CB  1 
ATOM   740  O OG  . SER   A 1 84  ? 15.444  3.604   -4.830  1.00 17.77 ? 90  SER   B OG  1 
ATOM   741  N N   . VAL   A 1 85  ? 12.098  2.135   -6.124  1.00 12.29 ? 91  VAL   B N   1 
ATOM   742  C CA  . VAL   A 1 85  ? 11.694  0.766   -6.539  1.00 13.09 ? 91  VAL   B CA  1 
ATOM   743  C C   . VAL   A 1 85  ? 11.542  0.727   -8.064  1.00 12.63 ? 91  VAL   B C   1 
ATOM   744  O O   . VAL   A 1 85  ? 11.115  1.704   -8.714  1.00 13.18 ? 91  VAL   B O   1 
ATOM   745  C CB  . VAL   A 1 85  ? 10.431  0.246   -5.824  1.00 12.01 ? 91  VAL   B CB  1 
ATOM   746  C CG1 . VAL   A 1 85  ? 10.688  0.031   -4.343  1.00 12.28 ? 91  VAL   B CG1 1 
ATOM   747  C CG2 . VAL   A 1 85  ? 9.199   1.084   -6.079  1.00 11.94 ? 91  VAL   B CG2 1 
ATOM   748  N N   . GLN   A 1 86  ? 11.862  -0.452  -8.579  1.00 13.83 ? 92  GLN   B N   1 
ATOM   749  C CA  . GLN   A 1 86  ? 11.585  -0.843  -9.989  1.00 15.03 ? 92  GLN   B CA  1 
ATOM   750  C C   . GLN   A 1 86  ? 10.112  -0.592  -10.333 1.00 13.90 ? 92  GLN   B C   1 
ATOM   751  O O   . GLN   A 1 86  ? 9.245   -0.946  -9.555  1.00 14.71 ? 92  GLN   B O   1 
ATOM   752  C CB  . GLN   A 1 86  ? 11.980  -2.319  -10.110 1.00 17.52 ? 92  GLN   B CB  1 
ATOM   753  C CG  . GLN   A 1 86  ? 11.697  -2.979  -11.461 1.00 20.09 ? 92  GLN   B CG  1 
ATOM   754  C CD  . GLN   A 1 86  ? 11.956  -4.483  -11.419 1.00 22.74 ? 92  GLN   B CD  1 
ATOM   755  O OE1 . GLN   A 1 86  ? 12.551  -5.061  -10.473 1.00 24.64 ? 92  GLN   B OE1 1 
ATOM   756  N NE2 . GLN   A 1 86  ? 11.500  -5.198  -12.453 1.00 24.51 ? 92  GLN   B NE2 1 
ATOM   757  N N   . ARG   A 1 87  ? 9.850   -0.054  -11.519 1.00 13.07 ? 93  ARG   B N   1 
ATOM   758  C CA  . ARG   A 1 87  ? 8.479   0.264   -12.002 1.00 12.42 ? 93  ARG   B CA  1 
ATOM   759  C C   . ARG   A 1 87  ? 8.102   -0.708  -13.126 1.00 13.45 ? 93  ARG   B C   1 
ATOM   760  O O   . ARG   A 1 87  ? 6.900   -0.919  -13.285 1.00 13.51 ? 93  ARG   B O   1 
ATOM   761  C CB  . ARG   A 1 87  ? 8.321   1.702   -12.480 1.00 12.92 ? 93  ARG   B CB  1 
ATOM   762  C CG  . ARG   A 1 87  ? 8.806   2.775   -11.507 1.00 12.54 ? 93  ARG   B CG  1 
ATOM   763  C CD  . ARG   A 1 87  ? 8.126   2.663   -10.132 1.00 14.11 ? 93  ARG   B CD  1 
ATOM   764  N NE  . ARG   A 1 87  ? 8.768   3.596   -9.166  1.00 14.88 ? 93  ARG   B NE  1 
ATOM   765  C CZ  . ARG   A 1 87  ? 8.500   4.881   -9.026  1.00 14.53 ? 93  ARG   B CZ  1 
ATOM   766  N NH1 . ARG   A 1 87  ? 7.561   5.447   -9.756  1.00 15.79 ? 93  ARG   B NH1 1 
ATOM   767  N NH2 . ARG   A 1 87  ? 9.211   5.628   -8.203  1.00 17.06 ? 93  ARG   B NH2 1 
ATOM   768  N N   . LYS   A 1 88  ? 9.068   -1.192  -13.923 1.00 13.31 ? 94  LYS   B N   1 
ATOM   769  C CA  . LYS   A 1 88  ? 8.769   -1.937  -15.171 1.00 13.81 ? 94  LYS   B CA  1 
ATOM   770  C C   . LYS   A 1 88  ? 9.089   -3.406  -15.007 1.00 15.08 ? 94  LYS   B C   1 
ATOM   771  O O   . LYS   A 1 88  ? 10.119  -3.722  -14.368 1.00 17.37 ? 94  LYS   B O   1 
ATOM   772  C CB  . LYS   A 1 88  ? 9.545   -1.306  -16.332 1.00 14.44 ? 94  LYS   B CB  1 
ATOM   773  C CG  . LYS   A 1 88  ? 9.386   0.177   -16.496 1.00 15.11 ? 94  LYS   B CG  1 
ATOM   774  C CD  . LYS   A 1 88  ? 7.938   0.623   -16.684 1.00 15.83 ? 94  LYS   B CD  1 
ATOM   775  C CE  . LYS   A 1 88  ? 7.921   2.091   -16.975 1.00 16.54 ? 94  LYS   B CE  1 
ATOM   776  N NZ  . LYS   A 1 88  ? 6.535   2.614   -17.094 1.00 17.78 ? 94  LYS   B NZ  1 
ATOM   777  N N   . GLY   A 1 89  ? 8.276   -4.275  -15.593 1.00 16.21 ? 95  GLY   B N   1 
ATOM   778  C CA  . GLY   A 1 89  ? 8.550   -5.710  -15.573 1.00 16.99 ? 95  GLY   B CA  1 
ATOM   779  C C   . GLY   A 1 89  ? 8.087   -6.388  -14.308 1.00 17.62 ? 95  GLY   B C   1 
ATOM   780  O O   . GLY   A 1 89  ? 7.341   -5.747  -13.502 1.00 17.12 ? 95  GLY   B O   1 
ATOM   781  N N   . GLN   A 1 90  ? 8.465   -7.645  -14.159 1.00 17.28 ? 96  GLN   B N   1 
ATOM   782  C CA  . GLN   A 1 90  ? 8.043   -8.488  -13.027 1.00 18.64 ? 96  GLN   B CA  1 
ATOM   783  C C   . GLN   A 1 90  ? 8.990   -8.322  -11.851 1.00 18.11 ? 96  GLN   B C   1 
ATOM   784  O O   . GLN   A 1 90  ? 10.194  -8.094  -12.040 1.00 18.28 ? 96  GLN   B O   1 
ATOM   785  C CB  . GLN   A 1 90  ? 8.017   -9.947  -13.498 1.00 21.74 ? 96  GLN   B CB  1 
ATOM   786  C CG  . GLN   A 1 90  ? 7.017   -10.108 -14.620 1.00 26.93 ? 96  GLN   B CG  1 
ATOM   787  C CD  . GLN   A 1 90  ? 7.144   -11.437 -15.301 1.00 38.75 ? 96  GLN   B CD  1 
ATOM   788  O OE1 . GLN   A 1 90  ? 6.518   -12.408 -14.882 1.00 48.74 ? 96  GLN   B OE1 1 
ATOM   789  N NE2 . GLN   A 1 90  ? 7.969   -11.474 -16.340 1.00 39.98 ? 96  GLN   B NE2 1 
ATOM   790  N N   . PHE   A 1 91  ? 8.426   -8.352  -10.650 1.00 15.43 ? 97  PHE   B N   1 
ATOM   791  C CA  . PHE   A 1 91  ? 9.227   -8.307  -9.412  1.00 16.07 ? 97  PHE   B CA  1 
ATOM   792  C C   . PHE   A 1 91  ? 8.375   -8.796  -8.255  1.00 15.78 ? 97  PHE   B C   1 
ATOM   793  O O   . PHE   A 1 91  ? 7.137   -8.792  -8.328  1.00 16.87 ? 97  PHE   B O   1 
ATOM   794  C CB  . PHE   A 1 91  ? 9.711   -6.892  -9.095  1.00 15.50 ? 97  PHE   B CB  1 
ATOM   795  C CG  . PHE   A 1 91  ? 8.613   -5.860  -9.047  1.00 14.84 ? 97  PHE   B CG  1 
ATOM   796  C CD1 . PHE   A 1 91  ? 7.912   -5.629  -7.880  1.00 15.32 ? 97  PHE   B CD1 1 
ATOM   797  C CD2 . PHE   A 1 91  ? 8.320   -5.076  -10.153 1.00 14.33 ? 97  PHE   B CD2 1 
ATOM   798  C CE1 . PHE   A 1 91  ? 6.947   -4.642  -7.812  1.00 14.83 ? 97  PHE   B CE1 1 
ATOM   799  C CE2 . PHE   A 1 91  ? 7.364   -4.079  -10.086 1.00 15.16 ? 97  PHE   B CE2 1 
ATOM   800  C CZ  . PHE   A 1 91  ? 6.676   -3.875  -8.920  1.00 15.04 ? 97  PHE   B CZ  1 
ATOM   801  N N   A SER   A 1 92  ? 9.025   -9.277  -7.198  0.25 16.47 ? 98  SER   B N   1 
ATOM   802  N N   B SER   A 1 92  ? 9.062   -9.204  -7.188  0.25 15.63 ? 98  SER   B N   1 
ATOM   803  C CA  A SER   A 1 92  ? 8.341   -9.683  -5.948  0.25 16.66 ? 98  SER   B CA  1 
ATOM   804  C CA  B SER   A 1 92  ? 8.466   -9.674  -5.914  0.25 15.33 ? 98  SER   B CA  1 
ATOM   805  C C   A SER   A 1 92  ? 8.346   -8.505  -4.975  0.25 15.08 ? 98  SER   B C   1 
ATOM   806  C C   B SER   A 1 92  ? 8.398   -8.519  -4.915  0.25 14.24 ? 98  SER   B C   1 
ATOM   807  O O   A SER   A 1 92  ? 9.269   -7.658  -5.041  0.25 15.06 ? 98  SER   B O   1 
ATOM   808  O O   B SER   A 1 92  ? 9.343   -7.704  -4.875  0.25 13.79 ? 98  SER   B O   1 
ATOM   809  C CB  A SER   A 1 92  ? 8.981   -10.877 -5.311  0.25 19.29 ? 98  SER   B CB  1 
ATOM   810  C CB  B SER   A 1 92  ? 9.264   -10.812 -5.336  0.25 16.68 ? 98  SER   B CB  1 
ATOM   811  O OG  A SER   A 1 92  ? 10.386  -10.733 -5.339  0.25 22.07 ? 98  SER   B OG  1 
ATOM   812  O OG  B SER   A 1 92  ? 9.147   -11.952 -6.174  0.25 17.34 ? 98  SER   B OG  1 
ATOM   813  N N   . LEU   A 1 93  ? 7.335   -8.472  -4.114  1.00 14.03 ? 99  LEU   B N   1 
ATOM   814  C CA  . LEU   A 1 93  ? 7.256   -7.497  -3.021  1.00 13.62 ? 99  LEU   B CA  1 
ATOM   815  C C   . LEU   A 1 93  ? 8.058   -8.044  -1.853  1.00 13.78 ? 99  LEU   B C   1 
ATOM   816  O O   . LEU   A 1 93  ? 7.616   -8.957  -1.154  1.00 15.46 ? 99  LEU   B O   1 
ATOM   817  C CB  . LEU   A 1 93  ? 5.812   -7.223  -2.608  1.00 13.82 ? 99  LEU   B CB  1 
ATOM   818  C CG  . LEU   A 1 93  ? 4.929   -6.587  -3.664  1.00 15.56 ? 99  LEU   B CG  1 
ATOM   819  C CD1 . LEU   A 1 93  ? 3.491   -6.474  -3.144  1.00 16.51 ? 99  LEU   B CD1 1 
ATOM   820  C CD2 . LEU   A 1 93  ? 5.443   -5.233  -4.120  1.00 16.76 ? 99  LEU   B CD2 1 
ATOM   821  N N   . SER   A 1 94  ? 9.226   -7.474  -1.559  1.00 13.25 ? 100 SER   B N   1 
ATOM   822  C CA  . SER   A 1 94  ? 10.115  -7.927  -0.474  1.00 13.55 ? 100 SER   B CA  1 
ATOM   823  C C   . SER   A 1 94  ? 10.938  -6.746  -0.013  1.00 11.81 ? 100 SER   B C   1 
ATOM   824  O O   . SER   A 1 94  ? 11.204  -5.845  -0.814  1.00 11.83 ? 100 SER   B O   1 
ATOM   825  C CB  . SER   A 1 94  ? 11.071  -9.023  -0.899  1.00 15.16 ? 100 SER   B CB  1 
ATOM   826  O OG  . SER   A 1 94  ? 11.972  -8.548  -1.882  1.00 18.10 ? 100 SER   B OG  1 
ATOM   827  N N   . PRO   A 1 95  ? 11.441  -6.788  1.219   1.00 11.25 ? 101 PRO   B N   1 
ATOM   828  C CA  . PRO   A 1 95  ? 12.366  -5.751  1.671   1.00 12.43 ? 101 PRO   B CA  1 
ATOM   829  C C   . PRO   A 1 95  ? 13.639  -5.672  0.822   1.00 12.50 ? 101 PRO   B C   1 
ATOM   830  O O   . PRO   A 1 95  ? 14.130  -4.535  0.554   1.00 13.46 ? 101 PRO   B O   1 
ATOM   831  C CB  . PRO   A 1 95  ? 12.666  -6.131  3.129   1.00 13.68 ? 101 PRO   B CB  1 
ATOM   832  C CG  . PRO   A 1 95  ? 11.395  -6.880  3.556   1.00 13.77 ? 101 PRO   B CG  1 
ATOM   833  C CD  . PRO   A 1 95  ? 11.029  -7.666  2.315   1.00 12.63 ? 101 PRO   B CD  1 
ATOM   834  N N   . GLU   A 1 96  ? 14.117  -6.798  0.306   1.00 13.94 ? 102 GLU   B N   1 
ATOM   835  C CA  . GLU   A 1 96  ? 15.318  -6.780  -0.588  1.00 16.75 ? 102 GLU   B CA  1 
ATOM   836  C C   . GLU   A 1 96  ? 15.040  -5.915  -1.823  1.00 15.83 ? 102 GLU   B C   1 
ATOM   837  O O   . GLU   A 1 96  ? 15.972  -5.288  -2.373  1.00 18.05 ? 102 GLU   B O   1 
ATOM   838  C CB  . GLU   A 1 96  ? 15.745  -8.194  -0.970  1.00 20.54 ? 102 GLU   B CB  1 
ATOM   839  C CG  . GLU   A 1 96  ? 15.920  -9.085  0.234   1.00 29.25 ? 102 GLU   B CG  1 
ATOM   840  C CD  . GLU   A 1 96  ? 14.709  -9.963  0.538   1.00 34.70 ? 102 GLU   B CD  1 
ATOM   841  O OE1 . GLU   A 1 96  ? 13.834  -9.568  1.430   1.00 23.51 ? 102 GLU   B OE1 1 
ATOM   842  O OE2 . GLU   A 1 96  ? 14.666  -11.088 -0.099  1.00 43.55 ? 102 GLU   B OE2 1 
ATOM   843  N N   . ASN   A 1 97  ? 13.803  -5.889  -2.335  1.00 14.13 ? 103 ASN   B N   1 
ATOM   844  C CA  . ASN   A 1 97  ? 13.424  -5.068  -3.504  1.00 13.88 ? 103 ASN   B CA  1 
ATOM   845  C C   . ASN   A 1 97  ? 12.880  -3.693  -3.101  1.00 13.02 ? 103 ASN   B C   1 
ATOM   846  O O   . ASN   A 1 97  ? 12.506  -2.932  -3.982  1.00 14.18 ? 103 ASN   B O   1 
ATOM   847  C CB  . ASN   A 1 97  ? 12.398  -5.776  -4.398  1.00 14.47 ? 103 ASN   B CB  1 
ATOM   848  C CG  . ASN   A 1 97  ? 12.956  -6.947  -5.159  1.00 17.12 ? 103 ASN   B CG  1 
ATOM   849  O OD1 . ASN   A 1 97  ? 14.180  -7.038  -5.348  1.00 19.09 ? 103 ASN   B OD1 1 
ATOM   850  N ND2 . ASN   A 1 97  ? 12.099  -7.889  -5.523  1.00 18.21 ? 103 ASN   B ND2 1 
ATOM   851  N N   . GLY   A 1 98  ? 12.913  -3.320  -1.819  1.00 11.37 ? 104 GLY   B N   1 
ATOM   852  C CA  . GLY   A 1 98  ? 12.506  -1.981  -1.371  1.00 10.99 ? 104 GLY   B CA  1 
ATOM   853  C C   . GLY   A 1 98  ? 11.040  -1.842  -0.997  1.00 10.30 ? 104 GLY   B C   1 
ATOM   854  O O   . GLY   A 1 98  ? 10.528  -0.728  -1.000  1.00 10.95 ? 104 GLY   B O   1 
ATOM   855  N N   . PHE   A 1 99  ? 10.381  -2.945  -0.597  1.00 11.01 ? 105 PHE   B N   1 
ATOM   856  C CA  . PHE   A 1 99  ? 8.943   -2.910  -0.220  1.00 10.24 ? 105 PHE   B CA  1 
ATOM   857  C C   . PHE   A 1 99  ? 8.712   -3.472  1.177   1.00 9.62  ? 105 PHE   B C   1 
ATOM   858  O O   . PHE   A 1 99  ? 9.258   -4.561  1.468   1.00 11.06 ? 105 PHE   B O   1 
ATOM   859  C CB  . PHE   A 1 99  ? 8.078   -3.744  -1.176  1.00 10.79 ? 105 PHE   B CB  1 
ATOM   860  C CG  . PHE   A 1 99  ? 8.108   -3.266  -2.609  1.00 9.95  ? 105 PHE   B CG  1 
ATOM   861  C CD1 . PHE   A 1 99  ? 9.057   -3.764  -3.489  1.00 10.47 ? 105 PHE   B CD1 1 
ATOM   862  C CD2 . PHE   A 1 99  ? 7.165   -2.379  -3.084  1.00 10.60 ? 105 PHE   B CD2 1 
ATOM   863  C CE1 . PHE   A 1 99  ? 9.100   -3.314  -4.793  1.00 11.62 ? 105 PHE   B CE1 1 
ATOM   864  C CE2 . PHE   A 1 99  ? 7.185   -1.976  -4.401  1.00 11.86 ? 105 PHE   B CE2 1 
ATOM   865  C CZ  . PHE   A 1 99  ? 8.129   -2.472  -5.250  1.00 10.88 ? 105 PHE   B CZ  1 
ATOM   866  N N   . TRP   A 1 100 ? 7.852   -2.821  1.953   1.00 9.11  ? 106 TRP   B N   1 
ATOM   867  C CA  . TRP   A 1 100 ? 7.397   -3.256  3.304   1.00 8.84  ? 106 TRP   B CA  1 
ATOM   868  C C   . TRP   A 1 100 ? 5.882   -3.267  3.280   1.00 8.42  ? 106 TRP   B C   1 
ATOM   869  O O   . TRP   A 1 100 ? 5.243   -2.195  3.403   1.00 9.09  ? 106 TRP   B O   1 
ATOM   870  C CB  . TRP   A 1 100 ? 7.996   -2.382  4.423   1.00 9.24  ? 106 TRP   B CB  1 
ATOM   871  C CG  . TRP   A 1 100 ? 9.499   -2.500  4.458   1.00 9.47  ? 106 TRP   B CG  1 
ATOM   872  C CD1 . TRP   A 1 100 ? 10.274  -3.345  5.212   1.00 11.06 ? 106 TRP   B CD1 1 
ATOM   873  C CD2 . TRP   A 1 100 ? 10.426  -1.719  3.662   1.00 9.91  ? 106 TRP   B CD2 1 
ATOM   874  N NE1 . TRP   A 1 100 ? 11.604  -3.173  4.871   1.00 10.88 ? 106 TRP   B NE1 1 
ATOM   875  C CE2 . TRP   A 1 100 ? 11.715  -2.174  3.945   1.00 11.09 ? 106 TRP   B CE2 1 
ATOM   876  C CE3 . TRP   A 1 100 ? 10.245  -0.682  2.749   1.00 9.91  ? 106 TRP   B CE3 1 
ATOM   877  C CZ2 . TRP   A 1 100 ? 12.838  -1.636  3.285   1.00 12.12 ? 106 TRP   B CZ2 1 
ATOM   878  C CZ3 . TRP   A 1 100 ? 11.352  -0.142  2.126   1.00 12.42 ? 106 TRP   B CZ3 1 
ATOM   879  C CH2 . TRP   A 1 100 ? 12.612  -0.627  2.382   1.00 11.34 ? 106 TRP   B CH2 1 
ATOM   880  N N   . THR   A 1 101 ? 5.306   -4.457  3.016   1.00 9.40  ? 107 THR   B N   1 
ATOM   881  C CA  . THR   A 1 101 ? 3.888   -4.568  2.593   1.00 9.10  ? 107 THR   B CA  1 
ATOM   882  C C   . THR   A 1 101 ? 3.242   -5.798  3.266   1.00 9.20  ? 107 THR   B C   1 
ATOM   883  O O   . THR   A 1 101 ? 3.919   -6.750  3.628   1.00 9.23  ? 107 THR   B O   1 
ATOM   884  C CB  . THR   A 1 101 ? 3.749   -4.712  1.076   1.00 10.39 ? 107 THR   B CB  1 
ATOM   885  O OG1 . THR   A 1 101 ? 4.376   -5.903  0.642   1.00 10.68 ? 107 THR   B OG1 1 
ATOM   886  C CG2 . THR   A 1 101 ? 4.296   -3.503  0.353   1.00 10.61 ? 107 THR   B CG2 1 
ATOM   887  N N   . ILE   A 1 102 ? 1.916   -5.739  3.314   1.00 9.05  ? 108 ILE   B N   1 
ATOM   888  C CA  . ILE   A 1 102 ? 1.046   -6.922  3.573   1.00 9.46  ? 108 ILE   B CA  1 
ATOM   889  C C   . ILE   A 1 102 ? 0.030   -6.990  2.424   1.00 9.87  ? 108 ILE   B C   1 
ATOM   890  O O   . ILE   A 1 102 ? -0.165  -6.002  1.667   1.00 9.94  ? 108 ILE   B O   1 
ATOM   891  C CB  . ILE   A 1 102 ? 0.340   -6.861  4.939   1.00 10.49 ? 108 ILE   B CB  1 
ATOM   892  C CG1 . ILE   A 1 102 ? -0.708  -5.761  5.035   1.00 10.79 ? 108 ILE   B CG1 1 
ATOM   893  C CG2 . ILE   A 1 102 ? 1.371   -6.737  6.063   1.00 11.49 ? 108 ILE   B CG2 1 
ATOM   894  C CD1 . ILE   A 1 102 ? -1.599  -5.837  6.250   1.00 11.34 ? 108 ILE   B CD1 1 
ATOM   895  N N   . TRP   A 1 103 ? -0.612  -8.132  2.331   1.00 9.92  ? 109 TRP   B N   1 
ATOM   896  C CA  . TRP   A 1 103 ? -1.611  -8.328  1.261   1.00 10.35 ? 109 TRP   B CA  1 
ATOM   897  C C   . TRP   A 1 103 ? -2.667  -9.325  1.651   1.00 10.11 ? 109 TRP   B C   1 
ATOM   898  O O   . TRP   A 1 103 ? -2.518  -10.137 2.582   1.00 10.75 ? 109 TRP   B O   1 
ATOM   899  C CB  . TRP   A 1 103 ? -0.964  -8.704  -0.034  1.00 13.04 ? 109 TRP   B CB  1 
ATOM   900  C CG  . TRP   A 1 103 ? -0.257  -9.999  -0.070  1.00 15.15 ? 109 TRP   B CG  1 
ATOM   901  C CD1 . TRP   A 1 103 ? -0.815  -11.248 -0.119  1.00 15.09 ? 109 TRP   B CD1 1 
ATOM   902  C CD2 . TRP   A 1 103 ? 1.148   -10.159 -0.224  1.00 16.54 ? 109 TRP   B CD2 1 
ATOM   903  N NE1 . TRP   A 1 103 ? 0.164   -12.176 -0.287  1.00 18.69 ? 109 TRP   B NE1 1 
ATOM   904  C CE2 . TRP   A 1 103 ? 1.373   -11.544 -0.367  1.00 16.23 ? 109 TRP   B CE2 1 
ATOM   905  C CE3 . TRP   A 1 103 ? 2.219   -9.273  -0.285  1.00 17.19 ? 109 TRP   B CE3 1 
ATOM   906  C CZ2 . TRP   A 1 103 ? 2.650   -12.061 -0.536  1.00 20.00 ? 109 TRP   B CZ2 1 
ATOM   907  C CZ3 . TRP   A 1 103 ? 3.472   -9.792  -0.501  1.00 18.51 ? 109 TRP   B CZ3 1 
ATOM   908  C CH2 . TRP   A 1 103 ? 3.682   -11.153 -0.620  1.00 18.41 ? 109 TRP   B CH2 1 
ATOM   909  N N   . LEU   A 1 104 ? -3.778  -9.218  0.892   1.00 10.87 ? 110 LEU   B N   1 
ATOM   910  C CA  . LEU   A 1 104 ? -4.839  -10.235 0.854   1.00 10.73 ? 110 LEU   B CA  1 
ATOM   911  C C   . LEU   A 1 104 ? -4.811  -10.891 -0.521  1.00 9.77  ? 110 LEU   B C   1 
ATOM   912  O O   . LEU   A 1 104 ? -4.762  -10.182 -1.527  1.00 11.01 ? 110 LEU   B O   1 
ATOM   913  C CB  . LEU   A 1 104 ? -6.182  -9.555  1.058   1.00 10.96 ? 110 LEU   B CB  1 
ATOM   914  C CG  . LEU   A 1 104 ? -7.423  -10.442 0.867   1.00 11.39 ? 110 LEU   B CG  1 
ATOM   915  C CD1 . LEU   A 1 104 ? -7.459  -11.628 1.818   1.00 12.68 ? 110 LEU   B CD1 1 
ATOM   916  C CD2 . LEU   A 1 104 ? -8.693  -9.628  0.925   1.00 12.93 ? 110 LEU   B CD2 1 
ATOM   917  N N   . TRP   A 1 105 ? -4.902  -12.217 -0.544  1.00 11.71 ? 111 TRP   B N   1 
ATOM   918  C CA  . TRP   A 1 105 ? -4.954  -12.993 -1.795  1.00 13.53 ? 111 TRP   B CA  1 
ATOM   919  C C   . TRP   A 1 105 ? -5.603  -14.330 -1.506  1.00 15.41 ? 111 TRP   B C   1 
ATOM   920  O O   . TRP   A 1 105 ? -5.147  -15.003 -0.579  1.00 14.52 ? 111 TRP   B O   1 
ATOM   921  C CB  . TRP   A 1 105 ? -3.520  -13.180 -2.281  1.00 16.48 ? 111 TRP   B CB  1 
ATOM   922  C CG  . TRP   A 1 105 ? -3.383  -14.113 -3.421  1.00 20.65 ? 111 TRP   B CG  1 
ATOM   923  C CD1 . TRP   A 1 105 ? -2.836  -15.367 -3.439  1.00 22.10 ? 111 TRP   B CD1 1 
ATOM   924  C CD2 . TRP   A 1 105 ? -3.819  -13.821 -4.743  1.00 20.57 ? 111 TRP   B CD2 1 
ATOM   925  N NE1 . TRP   A 1 105 ? -2.923  -15.870 -4.699  1.00 22.19 ? 111 TRP   B NE1 1 
ATOM   926  C CE2 . TRP   A 1 105 ? -3.502  -14.948 -5.519  1.00 19.76 ? 111 TRP   B CE2 1 
ATOM   927  C CE3 . TRP   A 1 105 ? -4.420  -12.721 -5.344  1.00 20.82 ? 111 TRP   B CE3 1 
ATOM   928  C CZ2 . TRP   A 1 105 ? -3.776  -15.010 -6.875  1.00 24.95 ? 111 TRP   B CZ2 1 
ATOM   929  C CZ3 . TRP   A 1 105 ? -4.756  -12.798 -6.675  1.00 24.69 ? 111 TRP   B CZ3 1 
ATOM   930  C CH2 . TRP   A 1 105 ? -4.435  -13.928 -7.428  1.00 24.69 ? 111 TRP   B CH2 1 
ATOM   931  N N   . GLN   A 1 106 ? -6.686  -14.659 -2.241  1.00 13.96 ? 112 GLN   B N   1 
ATOM   932  C CA  . GLN   A 1 106 ? -7.322  -16.009 -2.093  1.00 14.29 ? 112 GLN   B CA  1 
ATOM   933  C C   . GLN   A 1 106 ? -7.625  -16.293 -0.640  1.00 15.14 ? 112 GLN   B C   1 
ATOM   934  O O   . GLN   A 1 106 ? -7.326  -17.454 -0.168  1.00 16.53 ? 112 GLN   B O   1 
ATOM   935  C CB  . GLN   A 1 106 ? -6.449  -17.058 -2.775  1.00 15.44 ? 112 GLN   B CB  1 
ATOM   936  C CG  . GLN   A 1 106 ? -6.310  -16.803 -4.270  1.00 16.62 ? 112 GLN   B CG  1 
ATOM   937  C CD  . GLN   A 1 106 ? -5.689  -17.898 -5.101  1.00 18.51 ? 112 GLN   B CD  1 
ATOM   938  O OE1 . GLN   A 1 106 ? -5.735  -17.880 -6.346  1.00 21.70 ? 112 GLN   B OE1 1 
ATOM   939  N NE2 . GLN   A 1 106 ? -5.101  -18.865 -4.434  1.00 17.70 ? 112 GLN   B NE2 1 
ATOM   940  N N   . ASP   A 1 107 ? -8.308  -15.385 0.016   1.00 15.55 ? 113 ASP   B N   1 
ATOM   941  C CA  . ASP   A 1 107 ? -8.856  -15.607 1.364   1.00 20.36 ? 113 ASP   B CA  1 
ATOM   942  C C   . ASP   A 1 107 ? -7.758  -15.804 2.423   1.00 20.10 ? 113 ASP   B C   1 
ATOM   943  O O   . ASP   A 1 107 ? -8.130  -16.192 3.560   1.00 27.26 ? 113 ASP   B O   1 
ATOM   944  C CB  . ASP   A 1 107 ? -9.709  -16.883 1.317   1.00 24.94 ? 113 ASP   B CB  1 
ATOM   945  C CG  . ASP   A 1 107 ? -10.834 -16.935 2.303   1.00 33.77 ? 113 ASP   B CG  1 
ATOM   946  O OD1 . ASP   A 1 107 ? -11.251 -15.866 2.810   1.00 39.08 ? 113 ASP   B OD1 1 
ATOM   947  O OD2 . ASP   A 1 107 ? -11.327 -18.078 2.518   1.00 49.84 ? 113 ASP   B OD2 1 
ATOM   948  N N   . SER   A 1 108 ? -6.505  -15.467 2.143   1.00 16.58 ? 114 SER   B N   1 
ATOM   949  C CA  . SER   A 1 108 ? -5.432  -15.462 3.180   1.00 18.06 ? 114 SER   B CA  1 
ATOM   950  C C   . SER   A 1 108 ? -4.674  -14.128 3.180   1.00 15.77 ? 114 SER   B C   1 
ATOM   951  O O   . SER   A 1 108 ? -4.473  -13.484 2.109   1.00 15.12 ? 114 SER   B O   1 
ATOM   952  C CB  . SER   A 1 108 ? -4.574  -16.680 3.047   1.00 23.18 ? 114 SER   B CB  1 
ATOM   953  O OG  . SER   A 1 108 ? -3.575  -16.510 2.092   1.00 32.38 ? 114 SER   B OG  1 
ATOM   954  N N   . TYR   A 1 109 ? -4.246  -13.724 4.359   1.00 13.25 ? 115 TYR   B N   1 
ATOM   955  C CA  . TYR   A 1 109 ? -3.458  -12.476 4.562   1.00 12.18 ? 115 TYR   B CA  1 
ATOM   956  C C   . TYR   A 1 109 ? -2.015  -12.880 4.793   1.00 11.36 ? 115 TYR   B C   1 
ATOM   957  O O   . TYR   A 1 109 ? -1.759  -13.834 5.549   1.00 12.14 ? 115 TYR   B O   1 
ATOM   958  C CB  . TYR   A 1 109 ? -4.002  -11.666 5.721   1.00 11.85 ? 115 TYR   B CB  1 
ATOM   959  C CG  . TYR   A 1 109 ? -5.432  -11.183 5.544   1.00 12.82 ? 115 TYR   B CG  1 
ATOM   960  C CD1 . TYR   A 1 109 ? -6.506  -11.941 5.971   1.00 13.68 ? 115 TYR   B CD1 1 
ATOM   961  C CD2 . TYR   A 1 109 ? -5.703  -9.942  5.000   1.00 12.43 ? 115 TYR   B CD2 1 
ATOM   962  C CE1 . TYR   A 1 109 ? -7.810  -11.478 5.869   1.00 14.40 ? 115 TYR   B CE1 1 
ATOM   963  C CE2 . TYR   A 1 109 ? -7.007  -9.480  4.857   1.00 12.22 ? 115 TYR   B CE2 1 
ATOM   964  C CZ  . TYR   A 1 109 ? -8.063  -10.259 5.299   1.00 12.96 ? 115 TYR   B CZ  1 
ATOM   965  O OH  . TYR   A 1 109 ? -9.375  -9.846  5.126   1.00 14.49 ? 115 TYR   B OH  1 
ATOM   966  N N   A GLU   A 1 110 ? -1.070  -12.192 4.137   0.25 11.87 ? 116 GLU   B N   1 
ATOM   967  N N   B GLU   A 1 110 ? -1.082  -12.205 4.105   0.25 11.43 ? 116 GLU   B N   1 
ATOM   968  C CA  A GLU   A 1 110 ? 0.379   -12.507 4.252   0.25 12.51 ? 116 GLU   B CA  1 
ATOM   969  C CA  B GLU   A 1 110 ? 0.378   -12.482 4.173   0.25 11.78 ? 116 GLU   B CA  1 
ATOM   970  C C   A GLU   A 1 110 ? 1.210   -11.224 4.267   0.25 11.09 ? 116 GLU   B C   1 
ATOM   971  C C   B GLU   A 1 110 ? 1.136   -11.166 4.391   0.25 10.52 ? 116 GLU   B C   1 
ATOM   972  O O   A GLU   A 1 110 ? 0.867   -10.259 3.567   0.25 11.36 ? 116 GLU   B O   1 
ATOM   973  O O   B GLU   A 1 110 ? 0.625   -10.092 4.021   0.25 10.09 ? 116 GLU   B O   1 
ATOM   974  C CB  A GLU   A 1 110 ? 0.833   -13.418 3.119   0.25 14.28 ? 116 GLU   B CB  1 
ATOM   975  C CB  B GLU   A 1 110 ? 0.870   -13.175 2.904   0.25 13.02 ? 116 GLU   B CB  1 
ATOM   976  C CG  A GLU   A 1 110 ? 0.100   -14.753 3.111   0.25 16.34 ? 116 GLU   B CG  1 
ATOM   977  C CG  B GLU   A 1 110 ? 0.187   -14.512 2.621   0.25 14.94 ? 116 GLU   B CG  1 
ATOM   978  C CD  A GLU   A 1 110 ? 0.436   -15.602 1.904   0.25 18.69 ? 116 GLU   B CD  1 
ATOM   979  C CD  B GLU   A 1 110 ? 0.762   -15.705 3.379   0.25 16.07 ? 116 GLU   B CD  1 
ATOM   980  O OE1 A GLU   A 1 110 ? 0.590   -15.018 0.809   0.25 20.26 ? 116 GLU   B OE1 1 
ATOM   981  O OE1 B GLU   A 1 110 ? 1.954   -15.680 3.726   0.25 20.00 ? 116 GLU   B OE1 1 
ATOM   982  O OE2 A GLU   A 1 110 ? 0.539   -16.834 2.063   0.25 19.43 ? 116 GLU   B OE2 1 
ATOM   983  O OE2 B GLU   A 1 110 ? 0.024   -16.677 3.574   0.25 21.39 ? 116 GLU   B OE2 1 
ATOM   984  N N   . ALA   A 1 111 ? 2.313   -11.252 5.020   1.00 10.67 ? 117 ALA   B N   1 
ATOM   985  C CA  . ALA   A 1 111 ? 3.314   -10.177 4.983   1.00 10.63 ? 117 ALA   B CA  1 
ATOM   986  C C   . ALA   A 1 111 ? 4.336   -10.470 3.898   1.00 11.16 ? 117 ALA   B C   1 
ATOM   987  O O   . ALA   A 1 111 ? 4.783   -11.617 3.711   1.00 11.25 ? 117 ALA   B O   1 
ATOM   988  C CB  . ALA   A 1 111 ? 4.009   -10.032 6.318   1.00 11.04 ? 117 ALA   B CB  1 
ATOM   989  N N   . GLY   A 1 112 ? 4.715   -9.417  3.176   1.00 11.21 ? 118 GLY   B N   1 
ATOM   990  C CA  . GLY   A 1 112 ? 5.676   -9.432  2.069   1.00 11.44 ? 118 GLY   B CA  1 
ATOM   991  C C   . GLY   A 1 112 ? 7.109   -9.583  2.512   1.00 12.20 ? 118 GLY   B C   1 
ATOM   992  O O   . GLY   A 1 112 ? 7.942   -8.799  2.131   1.00 13.95 ? 118 GLY   B O   1 
ATOM   993  N N   . THR   A 1 113 ? 7.416   -10.577 3.307   1.00 13.82 ? 119 THR   B N   1 
ATOM   994  C CA  . THR   A 1 113 ? 8.794   -11.036 3.539   1.00 15.36 ? 119 THR   B CA  1 
ATOM   995  C C   . THR   A 1 113 ? 9.220   -11.973 2.410   1.00 15.25 ? 119 THR   B C   1 
ATOM   996  O O   . THR   A 1 113 ? 8.362   -12.386 1.629   1.00 17.25 ? 119 THR   B O   1 
ATOM   997  C CB  . THR   A 1 113 ? 8.813   -11.674 4.915   1.00 12.84 ? 119 THR   B CB  1 
ATOM   998  O OG1 . THR   A 1 113 ? 7.818   -12.712 4.969   1.00 13.20 ? 119 THR   B OG1 1 
ATOM   999  C CG2 . THR   A 1 113 ? 8.578   -10.734 6.056   1.00 14.60 ? 119 THR   B CG2 1 
ATOM   1000 N N   . SER   A 1 114 ? 10.484  -12.405 2.387   1.00 18.64 ? 120 SER   B N   1 
ATOM   1001 C CA  . SER   A 1 114 ? 10.959  -13.394 1.401   1.00 21.11 ? 120 SER   B CA  1 
ATOM   1002 C C   . SER   A 1 114 ? 11.543  -14.604 2.130   1.00 23.20 ? 120 SER   B C   1 
ATOM   1003 O O   . SER   A 1 114 ? 12.579  -14.488 2.780   1.00 25.13 ? 120 SER   B O   1 
ATOM   1004 C CB  . SER   A 1 114 ? 11.982  -12.800 0.452   1.00 27.67 ? 120 SER   B CB  1 
ATOM   1005 O OG  . SER   A 1 114 ? 12.222  -13.746 -0.586  1.00 30.01 ? 120 SER   B OG  1 
ATOM   1006 N N   . PRO   A 1 115 ? 10.833  -15.750 2.192   1.00 21.66 ? 121 PRO   B N   1 
ATOM   1007 C CA  . PRO   A 1 115 ? 9.512   -15.915 1.608   1.00 21.48 ? 121 PRO   B CA  1 
ATOM   1008 C C   . PRO   A 1 115 ? 8.418   -15.289 2.485   1.00 17.17 ? 121 PRO   B C   1 
ATOM   1009 O O   . PRO   A 1 115 ? 8.671   -14.864 3.602   1.00 16.41 ? 121 PRO   B O   1 
ATOM   1010 C CB  . PRO   A 1 115 ? 9.327   -17.426 1.587   1.00 24.33 ? 121 PRO   B CB  1 
ATOM   1011 C CG  . PRO   A 1 115 ? 10.085  -17.893 2.805   1.00 24.08 ? 121 PRO   B CG  1 
ATOM   1012 C CD  . PRO   A 1 115 ? 11.274  -16.956 2.934   1.00 23.84 ? 121 PRO   B CD  1 
ATOM   1013 N N   . GLN   A 1 116 ? 7.217   -15.231 1.945   1.00 17.54 ? 122 GLN   B N   1 
ATOM   1014 C CA  . GLN   A 1 116 ? 6.080   -14.550 2.601   1.00 15.80 ? 122 GLN   B CA  1 
ATOM   1015 C C   . GLN   A 1 116 ? 5.713   -15.230 3.934   1.00 13.96 ? 122 GLN   B C   1 
ATOM   1016 O O   . GLN   A 1 116 ? 5.904   -16.451 4.093   1.00 15.73 ? 122 GLN   B O   1 
ATOM   1017 C CB  . GLN   A 1 116 ? 4.850   -14.431 1.704   1.00 20.77 ? 122 GLN   B CB  1 
ATOM   1018 C CG  . GLN   A 1 116 ? 4.136   -15.726 1.435   1.00 27.83 ? 122 GLN   B CG  1 
ATOM   1019 C CD  . GLN   A 1 116 ? 4.534   -16.132 0.045   1.00 38.57 ? 122 GLN   B CD  1 
ATOM   1020 O OE1 . GLN   A 1 116 ? 5.672   -16.542 -0.216  1.00 45.91 ? 122 GLN   B OE1 1 
ATOM   1021 N NE2 . GLN   A 1 116 ? 3.613   -15.907 -0.868  1.00 45.79 ? 122 GLN   B NE2 1 
ATOM   1022 N N   . THR   A 1 117 ? 5.147   -14.453 4.838   1.00 12.67 ? 123 THR   B N   1 
ATOM   1023 C CA  . THR   A 1 117 ? 4.779   -14.904 6.193   1.00 11.34 ? 123 THR   B CA  1 
ATOM   1024 C C   . THR   A 1 117 ? 3.267   -14.898 6.333   1.00 11.30 ? 123 THR   B C   1 
ATOM   1025 O O   . THR   A 1 117 ? 2.622   -13.849 6.140   1.00 12.50 ? 123 THR   B O   1 
ATOM   1026 C CB  . THR   A 1 117 ? 5.457   -13.992 7.234   1.00 11.16 ? 123 THR   B CB  1 
ATOM   1027 O OG1 . THR   A 1 117 ? 6.869   -14.061 7.073   1.00 12.57 ? 123 THR   B OG1 1 
ATOM   1028 C CG2 . THR   A 1 117 ? 5.086   -14.399 8.636   1.00 12.33 ? 123 THR   B CG2 1 
ATOM   1029 N N   . THR   A 1 118 ? 2.698   -16.002 6.811   1.00 12.20 ? 124 THR   B N   1 
ATOM   1030 C CA  . THR   A 1 118 ? 1.267   -16.111 7.133   1.00 13.27 ? 124 THR   B CA  1 
ATOM   1031 C C   . THR   A 1 118 ? 0.852   -15.163 8.246   1.00 12.55 ? 124 THR   B C   1 
ATOM   1032 O O   . THR   A 1 118 ? 1.569   -15.096 9.302   1.00 14.58 ? 124 THR   B O   1 
ATOM   1033 C CB  . THR   A 1 118 ? 1.003   -17.557 7.595   1.00 16.54 ? 124 THR   B CB  1 
ATOM   1034 O OG1 . THR   A 1 118 ? 1.296   -18.399 6.487   1.00 19.15 ? 124 THR   B OG1 1 
ATOM   1035 C CG2 . THR   A 1 118 ? -0.400  -17.743 8.116   1.00 20.20 ? 124 THR   B CG2 1 
ATOM   1036 N N   . LEU   A 1 119 ? -0.221  -14.395 8.068   1.00 11.85 ? 125 LEU   B N   1 
ATOM   1037 C CA  . LEU   A 1 119 ? -0.796  -13.522 9.106   1.00 11.01 ? 125 LEU   B CA  1 
ATOM   1038 C C   . LEU   A 1 119 ? -1.979  -14.253 9.751   1.00 13.61 ? 125 LEU   B C   1 
ATOM   1039 O O   . LEU   A 1 119 ? -2.542  -15.194 9.139   1.00 17.62 ? 125 LEU   B O   1 
ATOM   1040 C CB  . LEU   A 1 119 ? -1.226  -12.163 8.528   1.00 11.75 ? 125 LEU   B CB  1 
ATOM   1041 C CG  . LEU   A 1 119 ? -0.093  -11.379 7.866   1.00 11.35 ? 125 LEU   B CG  1 
ATOM   1042 C CD1 . LEU   A 1 119 ? -0.609  -10.119 7.188   1.00 12.23 ? 125 LEU   B CD1 1 
ATOM   1043 C CD2 . LEU   A 1 119 ? 1.018   -11.051 8.863   1.00 11.83 ? 125 LEU   B CD2 1 
ATOM   1044 N N   . HIS   A 1 120 ? -2.259  -13.911 10.979  1.00 13.13 ? 126 HIS   B N   1 
ATOM   1045 C CA  . HIS   A 1 120 ? -3.321  -14.551 11.801  1.00 13.46 ? 126 HIS   B CA  1 
ATOM   1046 C C   . HIS   A 1 120 ? -4.355  -13.478 12.106  1.00 14.51 ? 126 HIS   B C   1 
ATOM   1047 O O   . HIS   A 1 120 ? -4.157  -12.673 13.040  1.00 19.89 ? 126 HIS   B O   1 
ATOM   1048 C CB  . HIS   A 1 120 ? -2.661  -15.111 13.076  1.00 14.74 ? 126 HIS   B CB  1 
ATOM   1049 C CG  . HIS   A 1 120 ? -1.626  -16.161 12.827  1.00 16.63 ? 126 HIS   B CG  1 
ATOM   1050 N ND1 . HIS   A 1 120 ? -0.255  -15.875 12.812  1.00 19.46 ? 126 HIS   B ND1 1 
ATOM   1051 C CD2 . HIS   A 1 120 ? -1.728  -17.468 12.542  1.00 19.55 ? 126 HIS   B CD2 1 
ATOM   1052 C CE1 . HIS   A 1 120 ? 0.410   -16.982 12.526  1.00 20.40 ? 126 HIS   B CE1 1 
ATOM   1053 N NE2 . HIS   A 1 120 ? -0.459  -17.984 12.397  1.00 18.66 ? 126 HIS   B NE2 1 
ATOM   1054 N N   . ILE   A 1 121 ? -5.380  -13.372 11.295  1.00 16.97 ? 127 ILE   B N   1 
ATOM   1055 C CA  . ILE   A 1 121 ? -6.423  -12.321 11.434  1.00 19.40 ? 127 ILE   B CA  1 
ATOM   1056 C C   . ILE   A 1 121 ? -7.781  -13.033 11.676  1.00 19.60 ? 127 ILE   B C   1 
ATOM   1057 O O   . ILE   A 1 121 ? -8.209  -13.831 10.832  1.00 26.99 ? 127 ILE   B O   1 
ATOM   1058 C CB  . ILE   A 1 121 ? -6.404  -11.384 10.201  1.00 21.20 ? 127 ILE   B CB  1 
ATOM   1059 C CG1 . ILE   A 1 121 ? -5.030  -10.709 10.019  1.00 19.88 ? 127 ILE   B CG1 1 
ATOM   1060 C CG2 . ILE   A 1 121 ? -7.528  -10.367 10.349  1.00 25.74 ? 127 ILE   B CG2 1 
ATOM   1061 C CD1 . ILE   A 1 121 ? -4.933  -9.734  8.861   1.00 21.83 ? 127 ILE   B CD1 1 
ATOM   1062 N N   . GLN   A 1 122 ? -8.348  -12.851 12.848  1.00 23.50 ? 128 GLN   B N   1 
ATOM   1063 C CA  . GLN   A 1 122 ? -9.664  -13.466 13.204  1.00 25.16 ? 128 GLN   B CA  1 
ATOM   1064 C C   . GLN   A 1 122 ? -10.817 -12.605 12.654  1.00 22.75 ? 128 GLN   B C   1 
ATOM   1065 O O   . GLN   A 1 122 ? -11.845 -13.192 12.233  1.00 23.43 ? 128 GLN   B O   1 
ATOM   1066 C CB  . GLN   A 1 122 ? -9.746  -13.614 14.732  1.00 29.76 ? 128 GLN   B CB  1 
ATOM   1067 C CG  . GLN   A 1 122 ? -11.012 -14.312 15.231  1.00 39.76 ? 128 GLN   B CG  1 
ATOM   1068 C CD  . GLN   A 1 122 ? -11.184 -15.724 14.704  1.00 43.14 ? 128 GLN   B CD  1 
ATOM   1069 O OE1 . GLN   A 1 122 ? -10.226 -16.402 14.337  1.00 52.48 ? 128 GLN   B OE1 1 
ATOM   1070 N NE2 . GLN   A 1 122 ? -12.429 -16.175 14.637  1.00 48.40 ? 128 GLN   B NE2 1 
ATOM   1071 N N   . VAL   A 1 123 ? -10.636 -11.287 12.584  1.00 19.40 ? 129 VAL   B N   1 
ATOM   1072 C CA  . VAL   A 1 123 ? -11.701 -10.335 12.118  1.00 17.65 ? 129 VAL   B CA  1 
ATOM   1073 C C   . VAL   A 1 123 ? -11.255 -9.701  10.803  1.00 18.22 ? 129 VAL   B C   1 
ATOM   1074 O O   . VAL   A 1 123 ? -10.340 -8.876  10.840  1.00 16.82 ? 129 VAL   B O   1 
ATOM   1075 C CB  . VAL   A 1 123 ? -11.961 -9.255  13.166  1.00 19.90 ? 129 VAL   B CB  1 
ATOM   1076 C CG1 . VAL   A 1 123 ? -12.967 -8.191  12.696  1.00 20.53 ? 129 VAL   B CG1 1 
ATOM   1077 C CG2 . VAL   A 1 123 ? -12.447 -9.883  14.470  1.00 22.80 ? 129 VAL   B CG2 1 
ATOM   1078 N N   . PRO   A 1 124 ? -11.753 -10.134 9.620   1.00 16.91 ? 130 PRO   B N   1 
ATOM   1079 C CA  . PRO   A 1 124 ? -11.275 -9.588  8.347   1.00 17.08 ? 130 PRO   B CA  1 
ATOM   1080 C C   . PRO   A 1 124 ? -11.387 -8.076  8.394   1.00 16.05 ? 130 PRO   B C   1 
ATOM   1081 O O   . PRO   A 1 124 ? -12.417 -7.505  8.695   1.00 15.83 ? 130 PRO   B O   1 
ATOM   1082 C CB  . PRO   A 1 124 ? -12.234 -10.239 7.316   1.00 20.98 ? 130 PRO   B CB  1 
ATOM   1083 C CG  . PRO   A 1 124 ? -12.565 -11.593 7.974   1.00 21.20 ? 130 PRO   B CG  1 
ATOM   1084 C CD  . PRO   A 1 124 ? -12.730 -11.231 9.414   1.00 20.80 ? 130 PRO   B CD  1 
ATOM   1085 N N   . PRO   A 1 125 ? -10.293 -7.333  8.143   1.00 14.38 ? 131 PRO   B N   1 
ATOM   1086 C CA  . PRO   A 1 125 ? -10.313 -5.888  8.240   1.00 14.87 ? 131 PRO   B CA  1 
ATOM   1087 C C   . PRO   A 1 125 ? -11.058 -5.208  7.093   1.00 13.83 ? 131 PRO   B C   1 
ATOM   1088 O O   . PRO   A 1 125 ? -10.888 -5.624  5.945   1.00 14.73 ? 131 PRO   B O   1 
ATOM   1089 C CB  . PRO   A 1 125 ? -8.829  -5.498  8.279   1.00 15.89 ? 131 PRO   B CB  1 
ATOM   1090 C CG  . PRO   A 1 125 ? -8.115  -6.641  7.712   1.00 16.81 ? 131 PRO   B CG  1 
ATOM   1091 C CD  . PRO   A 1 125 ? -8.932  -7.866  7.983   1.00 15.13 ? 131 PRO   B CD  1 
ATOM   1092 N N   . CYS   A 1 126 ? -11.813 -4.189  7.445   1.00 13.92 ? 132 CYS   B N   1 
ATOM   1093 C CA  . CYS   A 1 126 ? -12.365 -3.246  6.434   1.00 15.09 ? 132 CYS   B CA  1 
ATOM   1094 C C   . CYS   A 1 126 ? -11.481 -1.992  6.328   1.00 13.33 ? 132 CYS   B C   1 
ATOM   1095 O O   . CYS   A 1 126 ? -11.537 -1.285  5.329   1.00 12.91 ? 132 CYS   B O   1 
ATOM   1096 C CB  . CYS   A 1 126 ? -13.784 -2.820  6.718   1.00 16.74 ? 132 CYS   B CB  1 
ATOM   1097 S SG  . CYS   A 1 126 ? -14.931 -4.226  6.716   1.00 23.55 ? 132 CYS   B SG  1 
ATOM   1098 N N   A GLN   A 1 127 ? -10.693 -1.659  7.363   0.25 13.52 ? 133 GLN   B N   1 
ATOM   1099 N N   B GLN   A 1 127 ? -10.641 -1.766  7.340   0.25 13.80 ? 133 GLN   B N   1 
ATOM   1100 C CA  A GLN   A 1 127 ? -9.709  -0.536  7.297   0.25 13.95 ? 133 GLN   B CA  1 
ATOM   1101 C CA  B GLN   A 1 127 ? -9.704  -0.621  7.347   0.25 14.66 ? 133 GLN   B CA  1 
ATOM   1102 C C   A GLN   A 1 127 ? -8.415  -0.961  8.003   0.25 13.17 ? 133 GLN   B C   1 
ATOM   1103 C C   B GLN   A 1 127 ? -8.377  -1.106  7.944   0.25 13.57 ? 133 GLN   B C   1 
ATOM   1104 O O   A GLN   A 1 127 ? -8.505  -1.563  9.108   0.25 11.85 ? 133 GLN   B O   1 
ATOM   1105 O O   B GLN   A 1 127 ? -8.380  -1.974  8.852   0.25 12.00 ? 133 GLN   B O   1 
ATOM   1106 C CB  A GLN   A 1 127 ? -10.170 0.774   7.950   0.25 15.41 ? 133 GLN   B CB  1 
ATOM   1107 C CB  B GLN   A 1 127 ? -10.297 0.573   8.096   0.25 16.90 ? 133 GLN   B CB  1 
ATOM   1108 C CG  A GLN   A 1 127 ? -11.362 1.452   7.301   0.25 16.55 ? 133 GLN   B CG  1 
ATOM   1109 C CG  B GLN   A 1 127 ? -11.651 1.018   7.575   0.25 18.63 ? 133 GLN   B CG  1 
ATOM   1110 C CD  A GLN   A 1 127 ? -12.641 0.939   7.909   0.25 18.27 ? 133 GLN   B CD  1 
ATOM   1111 C CD  B GLN   A 1 127 ? -12.049 2.386   8.071   0.25 20.08 ? 133 GLN   B CD  1 
ATOM   1112 O OE1 A GLN   A 1 127 ? -12.700 0.636   9.103   0.25 18.15 ? 133 GLN   B OE1 1 
ATOM   1113 O OE1 B GLN   A 1 127 ? -11.467 2.932   9.009   0.25 23.19 ? 133 GLN   B OE1 1 
ATOM   1114 N NE2 A GLN   A 1 127 ? -13.668 0.820   7.082   0.25 18.25 ? 133 GLN   B NE2 1 
ATOM   1115 N NE2 B GLN   A 1 127 ? -13.048 2.958   7.429   0.25 22.37 ? 133 GLN   B NE2 1 
ATOM   1116 N N   . ILE   A 1 128 ? -7.281  -0.610  7.380   1.00 12.64 ? 134 ILE   B N   1 
ATOM   1117 C CA  . ILE   A 1 128 ? -5.904  -0.980  7.798   1.00 11.96 ? 134 ILE   B CA  1 
ATOM   1118 C C   . ILE   A 1 128 ? -5.232  0.322   8.218   1.00 12.38 ? 134 ILE   B C   1 
ATOM   1119 O O   . ILE   A 1 128 ? -5.263  1.321   7.454   1.00 11.91 ? 134 ILE   B O   1 
ATOM   1120 C CB  . ILE   A 1 128 ? -5.164  -1.643  6.632   1.00 12.80 ? 134 ILE   B CB  1 
ATOM   1121 C CG1 . ILE   A 1 128 ? -5.806  -2.934  6.094   1.00 15.48 ? 134 ILE   B CG1 1 
ATOM   1122 C CG2 . ILE   A 1 128 ? -3.715  -1.889  7.048   1.00 13.19 ? 134 ILE   B CG2 1 
ATOM   1123 C CD1 . ILE   A 1 128 ? -5.695  -4.049  7.033   1.00 14.77 ? 134 ILE   B CD1 1 
ATOM   1124 N N   . GLY   A 1 129 ? -4.565  0.325   9.378   1.00 12.10 ? 135 GLY   B N   1 
ATOM   1125 C CA  . GLY   A 1 129 ? -3.697  1.422   9.796   1.00 11.82 ? 135 GLY   B CA  1 
ATOM   1126 C C   . GLY   A 1 129 ? -2.245  1.071   9.549   1.00 11.76 ? 135 GLY   B C   1 
ATOM   1127 O O   . GLY   A 1 129 ? -1.846  -0.062  9.756   1.00 11.87 ? 135 GLY   B O   1 
ATOM   1128 N N   . ILE   A 1 130 ? -1.483  2.009   8.962   1.00 11.40 ? 136 ILE   B N   1 
ATOM   1129 C CA  . ILE   A 1 130 ? -0.044  1.815   8.652   1.00 11.78 ? 136 ILE   B CA  1 
ATOM   1130 C C   . ILE   A 1 130 ? 0.766   2.857   9.423   1.00 11.73 ? 136 ILE   B C   1 
ATOM   1131 O O   . ILE   A 1 130 ? 0.488   4.053   9.336   1.00 12.20 ? 136 ILE   B O   1 
ATOM   1132 C CB  . ILE   A 1 130 ? 0.170   1.956   7.138   1.00 12.72 ? 136 ILE   B CB  1 
ATOM   1133 C CG1 . ILE   A 1 130 ? -0.657  0.918   6.383   1.00 14.04 ? 136 ILE   B CG1 1 
ATOM   1134 C CG2 . ILE   A 1 130 ? 1.655   1.872   6.787   1.00 13.82 ? 136 ILE   B CG2 1 
ATOM   1135 C CD1 . ILE   A 1 130 ? -0.650  1.052   4.923   1.00 17.37 ? 136 ILE   B CD1 1 
ATOM   1136 N N   . PHE   A 1 131 ? 1.732   2.377   10.158  1.00 11.38 ? 137 PHE   B N   1 
ATOM   1137 C CA  . PHE   A 1 131 ? 2.611   3.213   11.008  1.00 11.24 ? 137 PHE   B CA  1 
ATOM   1138 C C   . PHE   A 1 131 ? 4.042   3.016   10.550  1.00 11.00 ? 137 PHE   B C   1 
ATOM   1139 O O   . PHE   A 1 131 ? 4.518   1.878   10.449  1.00 11.70 ? 137 PHE   B O   1 
ATOM   1140 C CB  . PHE   A 1 131 ? 2.512   2.830   12.477  1.00 12.48 ? 137 PHE   B CB  1 
ATOM   1141 C CG  . PHE   A 1 131 ? 3.457   3.576   13.395  1.00 13.09 ? 137 PHE   B CG  1 
ATOM   1142 C CD1 . PHE   A 1 131 ? 3.302   4.934   13.585  1.00 15.06 ? 137 PHE   B CD1 1 
ATOM   1143 C CD2 . PHE   A 1 131 ? 4.469   2.912   14.069  1.00 15.42 ? 137 PHE   B CD2 1 
ATOM   1144 C CE1 . PHE   A 1 131 ? 4.142   5.618   14.459  1.00 18.15 ? 137 PHE   B CE1 1 
ATOM   1145 C CE2 . PHE   A 1 131 ? 5.340   3.606   14.896  1.00 16.91 ? 137 PHE   B CE2 1 
ATOM   1146 C CZ  . PHE   A 1 131 ? 5.157   4.946   15.098  1.00 15.57 ? 137 PHE   B CZ  1 
ATOM   1147 N N   . VAL   A 1 132 ? 4.744   4.119   10.278  1.00 11.37 ? 138 VAL   B N   1 
ATOM   1148 C CA  . VAL   A 1 132 ? 6.194   4.100   9.932   1.00 11.95 ? 138 VAL   B CA  1 
ATOM   1149 C C   . VAL   A 1 132 ? 6.972   4.948   10.947  1.00 11.16 ? 138 VAL   B C   1 
ATOM   1150 O O   . VAL   A 1 132 ? 6.637   6.101   11.180  1.00 12.73 ? 138 VAL   B O   1 
ATOM   1151 C CB  . VAL   A 1 132 ? 6.450   4.592   8.504   1.00 12.11 ? 138 VAL   B CB  1 
ATOM   1152 C CG1 . VAL   A 1 132 ? 7.949   4.527   8.175   1.00 13.76 ? 138 VAL   B CG1 1 
ATOM   1153 C CG2 . VAL   A 1 132 ? 5.627   3.775   7.506   1.00 13.38 ? 138 VAL   B CG2 1 
ATOM   1154 N N   . ASP   A 1 133 ? 7.960   4.328   11.557  1.00 11.37 ? 139 ASP   B N   1 
ATOM   1155 C CA  . ASP   A 1 133 ? 8.967   5.067   12.372  1.00 13.40 ? 139 ASP   B CA  1 
ATOM   1156 C C   . ASP   A 1 133 ? 10.285  4.984   11.604  1.00 11.32 ? 139 ASP   B C   1 
ATOM   1157 O O   . ASP   A 1 133 ? 10.961  3.932   11.595  1.00 12.07 ? 139 ASP   B O   1 
ATOM   1158 C CB  . ASP   A 1 133 ? 9.035   4.526   13.782  1.00 12.75 ? 139 ASP   B CB  1 
ATOM   1159 C CG  . ASP   A 1 133 ? 9.974   5.309   14.700  1.00 16.05 ? 139 ASP   B CG  1 
ATOM   1160 O OD1 . ASP   A 1 133 ? 10.912  5.988   14.178  1.00 16.61 ? 139 ASP   B OD1 1 
ATOM   1161 O OD2 . ASP   A 1 133 ? 9.751   5.158   15.925  1.00 20.20 ? 139 ASP   B OD2 1 
ATOM   1162 N N   . TYR   A 1 134 ? 10.654  6.092   10.944  1.00 12.78 ? 140 TYR   B N   1 
ATOM   1163 C CA  . TYR   A 1 134 ? 11.834  6.094   10.054  1.00 12.13 ? 140 TYR   B CA  1 
ATOM   1164 C C   . TYR   A 1 134 ? 13.113  5.790   10.847  1.00 13.80 ? 140 TYR   B C   1 
ATOM   1165 O O   . TYR   A 1 134 ? 13.872  4.913   10.507  1.00 15.43 ? 140 TYR   B O   1 
ATOM   1166 C CB  . TYR   A 1 134 ? 11.930  7.414   9.286   1.00 12.73 ? 140 TYR   B CB  1 
ATOM   1167 C CG  . TYR   A 1 134 ? 12.846  7.242   8.094   1.00 13.05 ? 140 TYR   B CG  1 
ATOM   1168 C CD1 . TYR   A 1 134 ? 14.230  7.179   8.230   1.00 13.35 ? 140 TYR   B CD1 1 
ATOM   1169 C CD2 . TYR   A 1 134 ? 12.340  7.034   6.821   1.00 13.07 ? 140 TYR   B CD2 1 
ATOM   1170 C CE1 . TYR   A 1 134 ? 15.073  6.942   7.158   1.00 13.81 ? 140 TYR   B CE1 1 
ATOM   1171 C CE2 . TYR   A 1 134 ? 13.176  6.813   5.732   1.00 12.60 ? 140 TYR   B CE2 1 
ATOM   1172 C CZ  . TYR   A 1 134 ? 14.560  6.772   5.879   1.00 12.19 ? 140 TYR   B CZ  1 
ATOM   1173 O OH  . TYR   A 1 134 ? 15.401  6.509   4.831   1.00 13.06 ? 140 TYR   B OH  1 
ATOM   1174 N N   . GLU   A 1 135 ? 13.298  6.511   11.928  1.00 15.20 ? 141 GLU   B N   1 
ATOM   1175 C CA  . GLU   A 1 135 ? 14.545  6.389   12.718  1.00 16.28 ? 141 GLU   B CA  1 
ATOM   1176 C C   . GLU   A 1 135 ? 14.671  5.013   13.333  1.00 15.34 ? 141 GLU   B C   1 
ATOM   1177 O O   . GLU   A 1 135 ? 15.772  4.438   13.294  1.00 17.84 ? 141 GLU   B O   1 
ATOM   1178 C CB  . GLU   A 1 135 ? 14.621  7.478   13.786  1.00 17.73 ? 141 GLU   B CB  1 
ATOM   1179 C CG  . GLU   A 1 135 ? 15.181  8.769   13.201  1.00 25.03 ? 141 GLU   B CG  1 
ATOM   1180 C CD  . GLU   A 1 135 ? 14.235  9.442   12.265  1.00 27.19 ? 141 GLU   B CD  1 
ATOM   1181 O OE1 . GLU   A 1 135 ? 14.705  10.040  11.338  1.00 24.18 ? 141 GLU   B OE1 1 
ATOM   1182 O OE2 . GLU   A 1 135 ? 12.990  9.319   12.468  1.00 29.81 ? 141 GLU   B OE2 1 
ATOM   1183 N N   . ALA   A 1 136 ? 13.588  4.440   13.843  1.00 14.21 ? 142 ALA   B N   1 
ATOM   1184 C CA  . ALA   A 1 136 ? 13.595  3.127   14.494  1.00 15.53 ? 142 ALA   B CA  1 
ATOM   1185 C C   . ALA   A 1 136 ? 13.697  2.002   13.463  1.00 15.18 ? 142 ALA   B C   1 
ATOM   1186 O O   . ALA   A 1 136 ? 14.087  0.880   13.842  1.00 17.82 ? 142 ALA   B O   1 
ATOM   1187 C CB  . ALA   A 1 136 ? 12.359  2.993   15.348  1.00 16.57 ? 142 ALA   B CB  1 
ATOM   1188 N N   . GLY   A 1 137 ? 13.398  2.242   12.192  1.00 12.94 ? 143 GLY   B N   1 
ATOM   1189 C CA  . GLY   A 1 137 ? 13.364  1.174   11.202  1.00 11.66 ? 143 GLY   B CA  1 
ATOM   1190 C C   . GLY   A 1 137 ? 12.161  0.233   11.393  1.00 11.27 ? 143 GLY   B C   1 
ATOM   1191 O O   . GLY   A 1 137 ? 12.385  -0.990  11.368  1.00 12.28 ? 143 GLY   B O   1 
ATOM   1192 N N   . VAL   A 1 138 ? 10.974  0.796   11.584  1.00 11.50 ? 144 VAL   B N   1 
ATOM   1193 C CA  . VAL   A 1 138 ? 9.739   0.013   11.896  1.00 11.80 ? 144 VAL   B CA  1 
ATOM   1194 C C   . VAL   A 1 138 ? 8.646   0.377   10.898  1.00 11.32 ? 144 VAL   B C   1 
ATOM   1195 O O   . VAL   A 1 138 ? 8.362   1.574   10.669  1.00 11.83 ? 144 VAL   B O   1 
ATOM   1196 C CB  . VAL   A 1 138 ? 9.278   0.296   13.329  1.00 13.08 ? 144 VAL   B CB  1 
ATOM   1197 C CG1 . VAL   A 1 138 ? 7.879   -0.281  13.603  1.00 13.16 ? 144 VAL   B CG1 1 
ATOM   1198 C CG2 . VAL   A 1 138 ? 10.321  -0.247  14.298  1.00 14.21 ? 144 VAL   B CG2 1 
ATOM   1199 N N   . VAL   A 1 139 ? 7.974   -0.655  10.387  1.00 10.77 ? 145 VAL   B N   1 
ATOM   1200 C CA  . VAL   A 1 139 ? 6.672   -0.500  9.676   1.00 10.00 ? 145 VAL   B CA  1 
ATOM   1201 C C   . VAL   A 1 139 ? 5.666   -1.448  10.343  1.00 9.62  ? 145 VAL   B C   1 
ATOM   1202 O O   . VAL   A 1 139 ? 5.932   -2.673  10.325  1.00 11.33 ? 145 VAL   B O   1 
ATOM   1203 C CB  . VAL   A 1 139 ? 6.808   -0.809  8.173   1.00 10.28 ? 145 VAL   B CB  1 
ATOM   1204 C CG1 . VAL   A 1 139 ? 5.467   -0.531  7.485   1.00 11.02 ? 145 VAL   B CG1 1 
ATOM   1205 C CG2 . VAL   A 1 139 ? 7.947   -0.021  7.549   1.00 11.01 ? 145 VAL   B CG2 1 
ATOM   1206 N N   . SER   A 1 140 ? 4.570   -0.927  10.867  1.00 9.68  ? 146 SER   B N   1 
ATOM   1207 C CA  . SER   A 1 140 ? 3.554   -1.755  11.536  1.00 10.41 ? 146 SER   B CA  1 
ATOM   1208 C C   . SER   A 1 140 ? 2.182   -1.539  10.901  1.00 10.33 ? 146 SER   B C   1 
ATOM   1209 O O   . SER   A 1 140 ? 1.860   -0.456  10.409  1.00 11.29 ? 146 SER   B O   1 
ATOM   1210 C CB  . SER   A 1 140 ? 3.482   -1.432  13.016  1.00 10.92 ? 146 SER   B CB  1 
ATOM   1211 O OG  . SER   A 1 140 ? 4.693   -1.813  13.682  1.00 12.25 ? 146 SER   B OG  1 
ATOM   1212 N N   . PHE   A 1 141 ? 1.380   -2.587  10.972  1.00 9.50  ? 147 PHE   B N   1 
ATOM   1213 C CA  . PHE   A 1 141 ? 0.048   -2.659  10.352  1.00 9.74  ? 147 PHE   B CA  1 
ATOM   1214 C C   . PHE   A 1 141 ? -0.944  -3.006  11.459  1.00 10.53 ? 147 PHE   B C   1 
ATOM   1215 O O   . PHE   A 1 141 ? -0.714  -3.984  12.244  1.00 10.80 ? 147 PHE   B O   1 
ATOM   1216 C CB  . PHE   A 1 141 ? -0.008  -3.710  9.218   1.00 9.82  ? 147 PHE   B CB  1 
ATOM   1217 C CG  . PHE   A 1 141 ? 0.908   -3.396  8.068   1.00 9.38  ? 147 PHE   B CG  1 
ATOM   1218 C CD1 . PHE   A 1 141 ? 2.265   -3.722  8.123   1.00 9.71  ? 147 PHE   B CD1 1 
ATOM   1219 C CD2 . PHE   A 1 141 ? 0.408   -2.754  6.934   1.00 10.01 ? 147 PHE   B CD2 1 
ATOM   1220 C CE1 . PHE   A 1 141 ? 3.107   -3.369  7.072   1.00 10.28 ? 147 PHE   B CE1 1 
ATOM   1221 C CE2 . PHE   A 1 141 ? 1.271   -2.393  5.894   1.00 9.41  ? 147 PHE   B CE2 1 
ATOM   1222 C CZ  . PHE   A 1 141 ? 2.604   -2.747  5.952   1.00 9.23  ? 147 PHE   B CZ  1 
ATOM   1223 N N   . TYR   A 1 142 ? -2.095  -2.335  11.439  1.00 10.39 ? 148 TYR   B N   1 
ATOM   1224 C CA  . TYR   A 1 142 ? -3.133  -2.448  12.495  1.00 12.12 ? 148 TYR   B CA  1 
ATOM   1225 C C   . TYR   A 1 142 ? -4.491  -2.714  11.855  1.00 12.82 ? 148 TYR   B C   1 
ATOM   1226 O O   . TYR   A 1 142 ? -4.851  -2.174  10.841  1.00 12.35 ? 148 TYR   B O   1 
ATOM   1227 C CB  . TYR   A 1 142 ? -3.136  -1.213  13.399  1.00 12.35 ? 148 TYR   B CB  1 
ATOM   1228 C CG  . TYR   A 1 142 ? -1.834  -1.011  14.137  1.00 13.05 ? 148 TYR   B CG  1 
ATOM   1229 C CD1 . TYR   A 1 142 ? -1.573  -1.664  15.321  1.00 13.47 ? 148 TYR   B CD1 1 
ATOM   1230 C CD2 . TYR   A 1 142 ? -0.823  -0.222  13.616  1.00 13.77 ? 148 TYR   B CD2 1 
ATOM   1231 C CE1 . TYR   A 1 142 ? -0.357  -1.535  15.976  1.00 13.99 ? 148 TYR   B CE1 1 
ATOM   1232 C CE2 . TYR   A 1 142 ? 0.401   -0.066  14.257  1.00 13.97 ? 148 TYR   B CE2 1 
ATOM   1233 C CZ  . TYR   A 1 142 ? 0.622   -0.700  15.466  1.00 14.33 ? 148 TYR   B CZ  1 
ATOM   1234 O OH  . TYR   A 1 142 ? 1.845   -0.604  16.097  1.00 16.53 ? 148 TYR   B OH  1 
ATOM   1235 N N   . ASN   A 1 143 ? -5.304  -3.521  12.548  1.00 13.44 ? 149 ASN   B N   1 
ATOM   1236 C CA  . ASN   A 1 143 ? -6.687  -3.903  12.123  1.00 13.01 ? 149 ASN   B CA  1 
ATOM   1237 C C   . ASN   A 1 143 ? -7.652  -2.898  12.746  1.00 13.21 ? 149 ASN   B C   1 
ATOM   1238 O O   . ASN   A 1 143 ? -8.024  -3.059  13.943  1.00 14.86 ? 149 ASN   B O   1 
ATOM   1239 C CB  . ASN   A 1 143 ? -6.954  -5.344  12.546  1.00 13.05 ? 149 ASN   B CB  1 
ATOM   1240 C CG  . ASN   A 1 143 ? -8.298  -5.866  12.052  1.00 13.35 ? 149 ASN   B CG  1 
ATOM   1241 O OD1 . ASN   A 1 143 ? -9.148  -5.058  11.678  1.00 15.18 ? 149 ASN   B OD1 1 
ATOM   1242 N ND2 . ASN   A 1 143 ? -8.443  -7.151  11.999  1.00 14.95 ? 149 ASN   B ND2 1 
ATOM   1243 N N   . ILE   A 1 144 ? -8.084  -1.873  12.031  1.00 14.51 ? 150 ILE   B N   1 
ATOM   1244 C CA  . ILE   A 1 144 ? -8.916  -0.800  12.627  1.00 15.52 ? 150 ILE   B CA  1 
ATOM   1245 C C   . ILE   A 1 144 ? -10.285 -1.422  12.971  1.00 17.65 ? 150 ILE   B C   1 
ATOM   1246 O O   . ILE   A 1 144 ? -10.904 -0.963  13.959  1.00 18.81 ? 150 ILE   B O   1 
ATOM   1247 C CB  . ILE   A 1 144 ? -9.018  0.392   11.665  1.00 16.77 ? 150 ILE   B CB  1 
ATOM   1248 C CG1 . ILE   A 1 144 ? -7.644  0.966   11.280  1.00 17.62 ? 150 ILE   B CG1 1 
ATOM   1249 C CG2 . ILE   A 1 144 ? -9.945  1.485   12.199  1.00 17.92 ? 150 ILE   B CG2 1 
ATOM   1250 C CD1 . ILE   A 1 144 ? -6.715  1.155   12.435  1.00 22.88 ? 150 ILE   B CD1 1 
ATOM   1251 N N   . THR   A 1 145 ? -10.761 -2.385  12.192  1.00 16.41 ? 151 THR   B N   1 
ATOM   1252 C CA  . THR   A 1 145 ? -12.096 -3.045  12.410  1.00 16.86 ? 151 THR   B CA  1 
ATOM   1253 C C   . THR   A 1 145 ? -12.086 -3.784  13.745  1.00 20.08 ? 151 THR   B C   1 
ATOM   1254 O O   . THR   A 1 145 ? -13.149 -3.794  14.410  1.00 23.71 ? 151 THR   B O   1 
ATOM   1255 C CB  . THR   A 1 145 ? -12.378 -4.030  11.266  1.00 15.81 ? 151 THR   B CB  1 
ATOM   1256 O OG1 . THR   A 1 145 ? -12.226 -3.298  10.059  1.00 16.64 ? 151 THR   B OG1 1 
ATOM   1257 C CG2 . THR   A 1 145 ? -13.779 -4.599  11.361  1.00 19.45 ? 151 THR   B CG2 1 
ATOM   1258 N N   . ASP   A 1 146 ? -10.934 -4.293  14.183  1.00 19.62 ? 152 ASP   B N   1 
ATOM   1259 C CA  . ASP   A 1 146 ? -10.771 -5.058  15.461  1.00 19.41 ? 152 ASP   B CA  1 
ATOM   1260 C C   . ASP   A 1 146 ? -10.049 -4.200  16.509  1.00 20.04 ? 152 ASP   B C   1 
ATOM   1261 O O   . ASP   A 1 146 ? -9.038  -4.669  17.026  1.00 20.89 ? 152 ASP   B O   1 
ATOM   1262 C CB  . ASP   A 1 146 ? -10.142 -6.400  15.168  1.00 18.44 ? 152 ASP   B CB  1 
ATOM   1263 C CG  . ASP   A 1 146 ? -9.967  -7.286  16.382  1.00 24.74 ? 152 ASP   B CG  1 
ATOM   1264 O OD1 . ASP   A 1 146 ? -10.925 -7.361  17.171  1.00 24.06 ? 152 ASP   B OD1 1 
ATOM   1265 O OD2 . ASP   A 1 146 ? -8.856  -7.844  16.536  1.00 22.77 ? 152 ASP   B OD2 1 
ATOM   1266 N N   . HIS   A 1 147 ? -10.543 -2.999  16.791  1.00 21.26 ? 153 HIS   B N   1 
ATOM   1267 C CA  . HIS   A 1 147 ? -10.074 -2.128  17.906  1.00 24.61 ? 153 HIS   B CA  1 
ATOM   1268 C C   . HIS   A 1 147 ? -8.566  -1.905  17.752  1.00 24.45 ? 153 HIS   B C   1 
ATOM   1269 O O   . HIS   A 1 147 ? -7.850  -1.800  18.753  1.00 24.54 ? 153 HIS   B O   1 
ATOM   1270 C CB  . HIS   A 1 147 ? -10.320 -2.748  19.299  1.00 30.50 ? 153 HIS   B CB  1 
ATOM   1271 C CG  . HIS   A 1 147 ? -11.671 -3.338  19.563  1.00 36.20 ? 153 HIS   B CG  1 
ATOM   1272 N ND1 . HIS   A 1 147 ? -12.780 -2.559  19.838  1.00 42.95 ? 153 HIS   B ND1 1 
ATOM   1273 C CD2 . HIS   A 1 147 ? -12.074 -4.630  19.644  1.00 41.17 ? 153 HIS   B CD2 1 
ATOM   1274 C CE1 . HIS   A 1 147 ? -13.826 -3.344  20.042  1.00 44.88 ? 153 HIS   B CE1 1 
ATOM   1275 N NE2 . HIS   A 1 147 ? -13.415 -4.622  19.944  1.00 43.47 ? 153 HIS   B NE2 1 
ATOM   1276 N N   . GLY   A 1 148 ? -8.056  -1.881  16.526  1.00 19.36 ? 154 GLY   B N   1 
ATOM   1277 C CA  . GLY   A 1 148 ? -6.658  -1.445  16.362  1.00 16.41 ? 154 GLY   B CA  1 
ATOM   1278 C C   . GLY   A 1 148 ? -5.656  -2.550  16.614  1.00 15.16 ? 154 GLY   B C   1 
ATOM   1279 O O   . GLY   A 1 148 ? -4.505  -2.218  16.860  1.00 15.63 ? 154 GLY   B O   1 
ATOM   1280 N N   . SER   A 1 149 ? -6.065  -3.802  16.608  1.00 14.94 ? 155 SER   B N   1 
ATOM   1281 C CA  . SER   A 1 149 ? -5.164  -4.919  16.968  1.00 13.47 ? 155 SER   B CA  1 
ATOM   1282 C C   . SER   A 1 149 ? -3.979  -5.001  16.005  1.00 14.33 ? 155 SER   B C   1 
ATOM   1283 O O   . SER   A 1 149 ? -4.125  -4.766  14.780  1.00 13.88 ? 155 SER   B O   1 
ATOM   1284 C CB  . SER   A 1 149 ? -5.891  -6.223  17.046  1.00 14.56 ? 155 SER   B CB  1 
ATOM   1285 O OG  . SER   A 1 149 ? -6.592  -6.596  15.862  1.00 15.83 ? 155 SER   B OG  1 
ATOM   1286 N N   . LEU   A 1 150 ? -2.825  -5.399  16.489  1.00 13.34 ? 156 LEU   B N   1 
ATOM   1287 C CA  . LEU   A 1 150 ? -1.631  -5.537  15.624  1.00 12.47 ? 156 LEU   B CA  1 
ATOM   1288 C C   . LEU   A 1 150 ? -1.817  -6.669  14.633  1.00 11.68 ? 156 LEU   B C   1 
ATOM   1289 O O   . LEU   A 1 150 ? -2.182  -7.816  14.995  1.00 12.42 ? 156 LEU   B O   1 
ATOM   1290 C CB  . LEU   A 1 150 ? -0.386  -5.788  16.480  1.00 12.64 ? 156 LEU   B CB  1 
ATOM   1291 C CG  . LEU   A 1 150 ? 0.940   -5.955  15.743  1.00 12.53 ? 156 LEU   B CG  1 
ATOM   1292 C CD1 . LEU   A 1 150 ? 1.402   -4.670  15.073  1.00 13.07 ? 156 LEU   B CD1 1 
ATOM   1293 C CD2 . LEU   A 1 150 ? 2.021   -6.427  16.767  1.00 12.99 ? 156 LEU   B CD2 1 
ATOM   1294 N N   . ILE   A 1 151 ? -1.491  -6.397  13.375  1.00 10.64 ? 157 ILE   B N   1 
ATOM   1295 C CA  . ILE   A 1 151 ? -1.416  -7.392  12.296  1.00 11.22 ? 157 ILE   B CA  1 
ATOM   1296 C C   . ILE   A 1 151 ? 0.031   -7.876  12.115  1.00 10.54 ? 157 ILE   B C   1 
ATOM   1297 O O   . ILE   A 1 151 ? 0.307   -9.077  12.023  1.00 10.95 ? 157 ILE   B O   1 
ATOM   1298 C CB  . ILE   A 1 151 ? -2.025  -6.827  11.002  1.00 11.26 ? 157 ILE   B CB  1 
ATOM   1299 C CG1 . ILE   A 1 151 ? -3.510  -6.542  11.153  1.00 11.62 ? 157 ILE   B CG1 1 
ATOM   1300 C CG2 . ILE   A 1 151 ? -1.768  -7.783  9.842   1.00 11.22 ? 157 ILE   B CG2 1 
ATOM   1301 C CD1 . ILE   A 1 151 ? -4.095  -5.770  9.974   1.00 11.80 ? 157 ILE   B CD1 1 
ATOM   1302 N N   . TYR   A 1 152 ? 0.969   -6.932  11.929  1.00 10.22 ? 158 TYR   B N   1 
ATOM   1303 C CA  . TYR   A 1 152 ? 2.358   -7.334  11.600  1.00 9.15  ? 158 TYR   B CA  1 
ATOM   1304 C C   . TYR   A 1 152 ? 3.277   -6.133  11.850  1.00 9.63  ? 158 TYR   B C   1 
ATOM   1305 O O   . TYR   A 1 152 ? 2.880   -4.995  11.564  1.00 10.10 ? 158 TYR   B O   1 
ATOM   1306 C CB  . TYR   A 1 152 ? 2.522   -7.734  10.109  1.00 10.11 ? 158 TYR   B CB  1 
ATOM   1307 C CG  . TYR   A 1 152 ? 3.829   -8.385  9.805   1.00 10.09 ? 158 TYR   B CG  1 
ATOM   1308 C CD1 . TYR   A 1 152 ? 4.041   -9.732  10.096  1.00 10.81 ? 158 TYR   B CD1 1 
ATOM   1309 C CD2 . TYR   A 1 152 ? 4.887   -7.662  9.261   1.00 9.88  ? 158 TYR   B CD2 1 
ATOM   1310 C CE1 . TYR   A 1 152 ? 5.280   -10.315 9.902   1.00 11.29 ? 158 TYR   B CE1 1 
ATOM   1311 C CE2 . TYR   A 1 152 ? 6.118   -8.259  9.042   1.00 10.95 ? 158 TYR   B CE2 1 
ATOM   1312 C CZ  . TYR   A 1 152 ? 6.316   -9.574  9.367   1.00 11.16 ? 158 TYR   B CZ  1 
ATOM   1313 O OH  . TYR   A 1 152 ? 7.530   -10.175 9.213   1.00 13.07 ? 158 TYR   B OH  1 
ATOM   1314 N N   . THR   A 1 153 ? 4.499   -6.425  12.313  1.00 9.76  ? 159 THR   B N   1 
ATOM   1315 C CA  . THR   A 1 153 ? 5.607   -5.451  12.463  1.00 10.36 ? 159 THR   B CA  1 
ATOM   1316 C C   . THR   A 1 153 ? 6.830   -5.953  11.725  1.00 10.21 ? 159 THR   B C   1 
ATOM   1317 O O   . THR   A 1 153 ? 7.400   -6.992  12.059  1.00 11.24 ? 159 THR   B O   1 
ATOM   1318 C CB  . THR   A 1 153 ? 5.935   -5.179  13.937  1.00 11.13 ? 159 THR   B CB  1 
ATOM   1319 O OG1 . THR   A 1 153 ? 4.837   -4.484  14.506  1.00 11.71 ? 159 THR   B OG1 1 
ATOM   1320 C CG2 . THR   A 1 153 ? 7.189   -4.349  14.092  1.00 12.53 ? 159 THR   B CG2 1 
ATOM   1321 N N   . PHE   A 1 154 ? 7.282   -5.160  10.737  1.00 10.73 ? 160 PHE   B N   1 
ATOM   1322 C CA  . PHE   A 1 154 ? 8.634   -5.267  10.155  1.00 10.45 ? 160 PHE   B CA  1 
ATOM   1323 C C   . PHE   A 1 154 ? 9.561   -4.400  11.033  1.00 11.39 ? 160 PHE   B C   1 
ATOM   1324 O O   . PHE   A 1 154 ? 9.311   -3.206  11.199  1.00 10.91 ? 160 PHE   B O   1 
ATOM   1325 C CB  . PHE   A 1 154 ? 8.713   -4.667  8.757   1.00 11.16 ? 160 PHE   B CB  1 
ATOM   1326 C CG  . PHE   A 1 154 ? 7.980   -5.406  7.661   1.00 9.16  ? 160 PHE   B CG  1 
ATOM   1327 C CD1 . PHE   A 1 154 ? 6.649   -5.120  7.378   1.00 9.06  ? 160 PHE   B CD1 1 
ATOM   1328 C CD2 . PHE   A 1 154 ? 8.646   -6.299  6.859   1.00 9.58  ? 160 PHE   B CD2 1 
ATOM   1329 C CE1 . PHE   A 1 154 ? 6.018   -5.753  6.317   1.00 9.42  ? 160 PHE   B CE1 1 
ATOM   1330 C CE2 . PHE   A 1 154 ? 7.995   -6.952  5.821   1.00 9.80  ? 160 PHE   B CE2 1 
ATOM   1331 C CZ  . PHE   A 1 154 ? 6.683   -6.651  5.554   1.00 9.69  ? 160 PHE   B CZ  1 
ATOM   1332 N N   . SER   A 1 155 ? 10.570  -5.051  11.605  1.00 12.67 ? 161 SER   B N   1 
ATOM   1333 C CA  . SER   A 1 155 ? 11.575  -4.313  12.382  1.00 14.31 ? 161 SER   B CA  1 
ATOM   1334 C C   . SER   A 1 155 ? 12.953  -4.548  11.774  1.00 13.84 ? 161 SER   B C   1 
ATOM   1335 O O   . SER   A 1 155 ? 13.123  -5.345  10.844  1.00 15.16 ? 161 SER   B O   1 
ATOM   1336 C CB  . SER   A 1 155 ? 11.463  -4.723  13.833  1.00 16.43 ? 161 SER   B CB  1 
ATOM   1337 O OG  . SER   A 1 155 ? 11.907  -6.042  13.988  1.00 18.66 ? 161 SER   B OG  1 
ATOM   1338 N N   . GLU   A 1 156 ? 13.910  -3.727  12.242  1.00 16.03 ? 162 GLU   B N   1 
ATOM   1339 C CA  . GLU   A 1 156 ? 15.289  -3.700  11.662  1.00 18.44 ? 162 GLU   B CA  1 
ATOM   1340 C C   . GLU   A 1 156 ? 15.209  -3.410  10.159  1.00 16.19 ? 162 GLU   B C   1 
ATOM   1341 O O   . GLU   A 1 156 ? 15.970  -4.007  9.350   1.00 17.09 ? 162 GLU   B O   1 
ATOM   1342 C CB  . GLU   A 1 156 ? 16.017  -5.022  11.883  1.00 21.54 ? 162 GLU   B CB  1 
ATOM   1343 C CG  . GLU   A 1 156 ? 15.909  -5.591  13.289  1.00 27.16 ? 162 GLU   B CG  1 
ATOM   1344 C CD  . GLU   A 1 156 ? 16.802  -6.807  13.453  1.00 38.96 ? 162 GLU   B CD  1 
ATOM   1345 O OE1 . GLU   A 1 156 ? 16.490  -7.875  12.854  1.00 42.28 ? 162 GLU   B OE1 1 
ATOM   1346 O OE2 . GLU   A 1 156 ? 17.842  -6.664  14.126  1.00 51.51 ? 162 GLU   B OE2 1 
ATOM   1347 N N   . CYS   A 1 157 ? 14.295  -2.517  9.775   1.00 14.07 ? 163 CYS   B N   1 
ATOM   1348 C CA  . CYS   A 1 157 ? 14.116  -2.190  8.350   1.00 13.05 ? 163 CYS   B CA  1 
ATOM   1349 C C   . CYS   A 1 157 ? 15.335  -1.393  7.846   1.00 14.63 ? 163 CYS   B C   1 
ATOM   1350 O O   . CYS   A 1 157 ? 15.768  -0.452  8.582   1.00 16.11 ? 163 CYS   B O   1 
ATOM   1351 C CB  . CYS   A 1 157 ? 12.859  -1.372  8.045   1.00 12.18 ? 163 CYS   B CB  1 
ATOM   1352 S SG  . CYS   A 1 157 ? 11.320  -2.273  8.413   1.00 13.17 ? 163 CYS   B SG  1 
ATOM   1353 N N   . VAL   A 1 158 ? 15.802  -1.706  6.653   1.00 14.09 ? 164 VAL   B N   1 
ATOM   1354 C CA  . VAL   A 1 158 ? 16.899  -0.922  6.039   1.00 14.70 ? 164 VAL   B CA  1 
ATOM   1355 C C   . VAL   A 1 158 ? 16.259  -0.156  4.887   1.00 13.31 ? 164 VAL   B C   1 
ATOM   1356 O O   . VAL   A 1 158 ? 16.224  -0.626  3.729   1.00 15.82 ? 164 VAL   B O   1 
ATOM   1357 C CB  . VAL   A 1 158 ? 18.089  -1.846  5.705   1.00 17.51 ? 164 VAL   B CB  1 
ATOM   1358 C CG1 . VAL   A 1 158 ? 19.182  -1.013  5.028   1.00 18.40 ? 164 VAL   B CG1 1 
ATOM   1359 C CG2 . VAL   A 1 158 ? 18.619  -2.529  6.965   1.00 19.13 ? 164 VAL   B CG2 1 
ATOM   1360 N N   . PHE   A 1 159 ? 15.675  1.004   5.160   1.00 12.67 ? 165 PHE   B N   1 
ATOM   1361 C CA  . PHE   A 1 159 ? 14.903  1.788   4.169   1.00 13.36 ? 165 PHE   B CA  1 
ATOM   1362 C C   . PHE   A 1 159 ? 15.804  2.180   2.995   1.00 15.41 ? 165 PHE   B C   1 
ATOM   1363 O O   . PHE   A 1 159 ? 15.406  2.034   1.817   1.00 14.90 ? 165 PHE   B O   1 
ATOM   1364 C CB  . PHE   A 1 159 ? 14.154  2.942   4.822   1.00 13.08 ? 165 PHE   B CB  1 
ATOM   1365 C CG  . PHE   A 1 159 ? 13.127  2.515   5.842   1.00 11.82 ? 165 PHE   B CG  1 
ATOM   1366 C CD1 . PHE   A 1 159 ? 12.201  1.520   5.533   1.00 11.71 ? 165 PHE   B CD1 1 
ATOM   1367 C CD2 . PHE   A 1 159 ? 13.073  3.116   7.090   1.00 13.47 ? 165 PHE   B CD2 1 
ATOM   1368 C CE1 . PHE   A 1 159 ? 11.242  1.170   6.477   1.00 11.57 ? 165 PHE   B CE1 1 
ATOM   1369 C CE2 . PHE   A 1 159 ? 12.120  2.750   8.023   1.00 13.41 ? 165 PHE   B CE2 1 
ATOM   1370 C CZ  . PHE   A 1 159 ? 11.202  1.796   7.700   1.00 12.03 ? 165 PHE   B CZ  1 
ATOM   1371 N N   . ALA   A 1 160 ? 16.987  2.715   3.295   1.00 13.47 ? 166 ALA   B N   1 
ATOM   1372 C CA  . ALA   A 1 160 ? 18.033  3.019   2.287   1.00 13.63 ? 166 ALA   B CA  1 
ATOM   1373 C C   . ALA   A 1 160 ? 17.586  4.104   1.304   1.00 13.41 ? 166 ALA   B C   1 
ATOM   1374 O O   . ALA   A 1 160 ? 18.139  4.134   0.165   1.00 14.95 ? 166 ALA   B O   1 
ATOM   1375 C CB  . ALA   A 1 160 ? 18.501  1.781   1.601   1.00 13.70 ? 166 ALA   B CB  1 
ATOM   1376 N N   . GLY   A 1 161 ? 16.679  4.980   1.687   1.00 14.17 ? 167 GLY   B N   1 
ATOM   1377 C CA  . GLY   A 1 161 ? 16.215  6.109   0.869   1.00 14.39 ? 167 GLY   B CA  1 
ATOM   1378 C C   . GLY   A 1 161 ? 14.899  6.663   1.351   1.00 13.06 ? 167 GLY   B C   1 
ATOM   1379 O O   . GLY   A 1 161 ? 14.333  6.158   2.346   1.00 13.65 ? 167 GLY   B O   1 
ATOM   1380 N N   . PRO   A 1 162 ? 14.367  7.675   0.676   1.00 12.24 ? 168 PRO   B N   1 
ATOM   1381 C CA  . PRO   A 1 162 ? 13.051  8.220   0.972   1.00 11.86 ? 168 PRO   B CA  1 
ATOM   1382 C C   . PRO   A 1 162 ? 12.007  7.109   0.768   1.00 12.16 ? 168 PRO   B C   1 
ATOM   1383 O O   . PRO   A 1 162 ? 12.145  6.265   -0.121  1.00 12.48 ? 168 PRO   B O   1 
ATOM   1384 C CB  . PRO   A 1 162 ? 12.835  9.374   0.007   1.00 13.01 ? 168 PRO   B CB  1 
ATOM   1385 C CG  . PRO   A 1 162 ? 14.239  9.666   -0.510  1.00 13.03 ? 168 PRO   B CG  1 
ATOM   1386 C CD  . PRO   A 1 162 ? 14.988  8.369   -0.462  1.00 11.58 ? 168 PRO   B CD  1 
ATOM   1387 N N   . LEU   A 1 163 ? 10.956  7.191   1.568   1.00 12.08 ? 169 LEU   B N   1 
ATOM   1388 C CA  . LEU   A 1 163 ? 9.819   6.231   1.497   1.00 11.31 ? 169 LEU   B CA  1 
ATOM   1389 C C   . LEU   A 1 163 ? 8.592   6.915   0.917   1.00 12.15 ? 169 LEU   B C   1 
ATOM   1390 O O   . LEU   A 1 163 ? 8.334   8.087   1.199   1.00 13.42 ? 169 LEU   B O   1 
ATOM   1391 C CB  . LEU   A 1 163 ? 9.488   5.683   2.893   1.00 11.84 ? 169 LEU   B CB  1 
ATOM   1392 C CG  . LEU   A 1 163 ? 10.499  4.742   3.550   1.00 12.10 ? 169 LEU   B CG  1 
ATOM   1393 C CD1 . LEU   A 1 163 ? 10.043  4.405   4.945   1.00 13.17 ? 169 LEU   B CD1 1 
ATOM   1394 C CD2 . LEU   A 1 163 ? 10.705  3.478   2.712   1.00 12.79 ? 169 LEU   B CD2 1 
ATOM   1395 N N   . ARG   A 1 164 ? 7.794   6.142   0.171   1.00 11.13 ? 170 ARG   B N   1 
ATOM   1396 C CA  . ARG   A 1 164 ? 6.493   6.579   -0.349  1.00 10.83 ? 170 ARG   B CA  1 
ATOM   1397 C C   . ARG   A 1 164 ? 5.405   5.586   0.065   1.00 9.78  ? 170 ARG   B C   1 
ATOM   1398 O O   . ARG   A 1 164 ? 5.653   4.381   0.050   1.00 10.78 ? 170 ARG   B O   1 
ATOM   1399 C CB  . ARG   A 1 164 ? 6.564   6.695   -1.876  1.00 11.95 ? 170 ARG   B CB  1 
ATOM   1400 C CG  . ARG   A 1 164 ? 7.548   7.805   -2.261  1.00 14.45 ? 170 ARG   B CG  1 
ATOM   1401 C CD  . ARG   A 1 164 ? 7.659   8.098   -3.725  1.00 15.70 ? 170 ARG   B CD  1 
ATOM   1402 N NE  . ARG   A 1 164 ? 6.422   8.688   -4.166  1.00 15.54 ? 170 ARG   B NE  1 
ATOM   1403 C CZ  . ARG   A 1 164 ? 6.226   9.080   -5.408  1.00 15.27 ? 170 ARG   B CZ  1 
ATOM   1404 N NH1 . ARG   A 1 164 ? 7.220   9.017   -6.263  1.00 16.44 ? 170 ARG   B NH1 1 
ATOM   1405 N NH2 . ARG   A 1 164 ? 5.067   9.586   -5.766  1.00 15.09 ? 170 ARG   B NH2 1 
ATOM   1406 N N   . PRO   A 1 165 ? 4.188   6.070   0.373   1.00 9.79  ? 171 PRO   B N   1 
ATOM   1407 C CA  . PRO   A 1 165 ? 3.050   5.153   0.574   1.00 9.92  ? 171 PRO   B CA  1 
ATOM   1408 C C   . PRO   A 1 165 ? 2.862   4.341   -0.718  1.00 9.29  ? 171 PRO   B C   1 
ATOM   1409 O O   . PRO   A 1 165 ? 3.021   4.853   -1.814  1.00 9.50  ? 171 PRO   B O   1 
ATOM   1410 C CB  . PRO   A 1 165 ? 1.864   6.074   0.824   1.00 10.35 ? 171 PRO   B CB  1 
ATOM   1411 C CG  . PRO   A 1 165 ? 2.508   7.361   1.360   1.00 12.12 ? 171 PRO   B CG  1 
ATOM   1412 C CD  . PRO   A 1 165 ? 3.782   7.473   0.561   1.00 12.39 ? 171 PRO   B CD  1 
ATOM   1413 N N   . PHE   A 1 166 ? 2.555   3.051   -0.566  1.00 9.14  ? 172 PHE   B N   1 
ATOM   1414 C CA  . PHE   A 1 166 ? 2.432   2.087   -1.679  1.00 9.64  ? 172 PHE   B CA  1 
ATOM   1415 C C   . PHE   A 1 166 ? 1.060   1.406   -1.642  1.00 8.64  ? 172 PHE   B C   1 
ATOM   1416 O O   . PHE   A 1 166 ? 0.580   0.993   -0.586  1.00 8.94  ? 172 PHE   B O   1 
ATOM   1417 C CB  . PHE   A 1 166 ? 3.507   1.019   -1.531  1.00 10.11 ? 172 PHE   B CB  1 
ATOM   1418 C CG  . PHE   A 1 166 ? 3.391   -0.092  -2.542  1.00 10.46 ? 172 PHE   B CG  1 
ATOM   1419 C CD1 . PHE   A 1 166 ? 3.826   0.089   -3.850  1.00 11.06 ? 172 PHE   B CD1 1 
ATOM   1420 C CD2 . PHE   A 1 166 ? 2.798   -1.297  -2.196  1.00 10.82 ? 172 PHE   B CD2 1 
ATOM   1421 C CE1 . PHE   A 1 166 ? 3.680   -0.937  -4.780  1.00 11.25 ? 172 PHE   B CE1 1 
ATOM   1422 C CE2 . PHE   A 1 166 ? 2.625   -2.297  -3.140  1.00 10.49 ? 172 PHE   B CE2 1 
ATOM   1423 C CZ  . PHE   A 1 166 ? 3.059   -2.111  -4.422  1.00 10.96 ? 172 PHE   B CZ  1 
ATOM   1424 N N   . PHE   A 1 167 ? 0.452   1.233   -2.833  1.00 8.71  ? 173 PHE   B N   1 
ATOM   1425 C CA  . PHE   A 1 167 ? -0.911  0.674   -2.986  1.00 9.07  ? 173 PHE   B CA  1 
ATOM   1426 C C   . PHE   A 1 167 ? -0.924  -0.261  -4.199  1.00 9.53  ? 173 PHE   B C   1 
ATOM   1427 O O   . PHE   A 1 167 ? -0.387  0.105   -5.247  1.00 9.88  ? 173 PHE   B O   1 
ATOM   1428 C CB  . PHE   A 1 167 ? -1.954  1.778   -3.226  1.00 9.64  ? 173 PHE   B CB  1 
ATOM   1429 C CG  . PHE   A 1 167 ? -1.902  2.884   -2.185  1.00 9.47  ? 173 PHE   B CG  1 
ATOM   1430 C CD1 . PHE   A 1 167 ? -1.020  3.939   -2.334  1.00 9.39  ? 173 PHE   B CD1 1 
ATOM   1431 C CD2 . PHE   A 1 167 ? -2.731  2.870   -1.063  1.00 11.10 ? 173 PHE   B CD2 1 
ATOM   1432 C CE1 . PHE   A 1 167 ? -0.900  4.947   -1.379  1.00 9.94  ? 173 PHE   B CE1 1 
ATOM   1433 C CE2 . PHE   A 1 167 ? -2.656  3.906   -0.142  1.00 11.01 ? 173 PHE   B CE2 1 
ATOM   1434 C CZ  . PHE   A 1 167 ? -1.741  4.926   -0.304  1.00 10.90 ? 173 PHE   B CZ  1 
ATOM   1435 N N   . ASN   A 1 168 ? -1.666  -1.344  -4.091  1.00 9.49  ? 174 ASN   B N   1 
ATOM   1436 C CA  . ASN   A 1 168 ? -2.025  -2.202  -5.234  1.00 9.20  ? 174 ASN   B CA  1 
ATOM   1437 C C   . ASN   A 1 168 ? -3.503  -2.523  -5.083  1.00 9.14  ? 174 ASN   B C   1 
ATOM   1438 O O   . ASN   A 1 168 ? -3.869  -3.173  -4.099  1.00 10.11 ? 174 ASN   B O   1 
ATOM   1439 C CB  . ASN   A 1 168 ? -1.182  -3.479  -5.282  1.00 9.40  ? 174 ASN   B CB  1 
ATOM   1440 C CG  . ASN   A 1 168 ? -1.417  -4.306  -6.530  1.00 11.36 ? 174 ASN   B CG  1 
ATOM   1441 O OD1 . ASN   A 1 168 ? -2.284  -4.021  -7.336  1.00 11.80 ? 174 ASN   B OD1 1 
ATOM   1442 N ND2 . ASN   A 1 168 ? -0.600  -5.325  -6.701  1.00 13.11 ? 174 ASN   B ND2 1 
ATOM   1443 N N   . VAL   A 1 169 ? -4.326  -2.117  -6.055  1.00 9.63  ? 175 VAL   B N   1 
ATOM   1444 C CA  . VAL   A 1 169 ? -5.790  -2.395  -5.992  1.00 9.86  ? 175 VAL   B CA  1 
ATOM   1445 C C   . VAL   A 1 169 ? -6.088  -3.855  -6.361  1.00 10.71 ? 175 VAL   B C   1 
ATOM   1446 O O   . VAL   A 1 169 ? -7.253  -4.286  -6.221  1.00 11.17 ? 175 VAL   B O   1 
ATOM   1447 C CB  . VAL   A 1 169 ? -6.645  -1.421  -6.830  1.00 11.04 ? 175 VAL   B CB  1 
ATOM   1448 C CG1 . VAL   A 1 169 ? -6.516  -0.006  -6.334  1.00 11.42 ? 175 VAL   B CG1 1 
ATOM   1449 C CG2 . VAL   A 1 169 ? -6.313  -1.518  -8.311  1.00 11.54 ? 175 VAL   B CG2 1 
ATOM   1450 N N   . GLY   A 1 170 ? -5.111  -4.541  -6.959  1.00 10.71 ? 176 GLY   B N   1 
ATOM   1451 C CA  . GLY   A 1 170 ? -5.307  -5.911  -7.486  1.00 11.03 ? 176 GLY   B CA  1 
ATOM   1452 C C   . GLY   A 1 170 ? -6.055  -5.964  -8.798  1.00 10.68 ? 176 GLY   B C   1 
ATOM   1453 O O   . GLY   A 1 170 ? -6.694  -5.011  -9.234  1.00 10.78 ? 176 GLY   B O   1 
ATOM   1454 N N   . PHE   A 1 171 ? -5.878  -7.102  -9.484  1.00 12.42 ? 177 PHE   B N   1 
ATOM   1455 C CA  . PHE   A 1 171 ? -6.648  -7.391  -10.720 1.00 11.89 ? 177 PHE   B CA  1 
ATOM   1456 C C   . PHE   A 1 171 ? -8.093  -7.665  -10.365 1.00 11.85 ? 177 PHE   B C   1 
ATOM   1457 O O   . PHE   A 1 171 ? -8.439  -7.912  -9.213  1.00 11.41 ? 177 PHE   B O   1 
ATOM   1458 C CB  . PHE   A 1 171 ? -6.016  -8.521  -11.539 1.00 12.38 ? 177 PHE   B CB  1 
ATOM   1459 C CG  . PHE   A 1 171 ? -4.660  -8.184  -12.120 1.00 13.15 ? 177 PHE   B CG  1 
ATOM   1460 C CD1 . PHE   A 1 171 ? -4.547  -7.415  -13.267 1.00 15.65 ? 177 PHE   B CD1 1 
ATOM   1461 C CD2 . PHE   A 1 171 ? -3.511  -8.639  -11.504 1.00 14.63 ? 177 PHE   B CD2 1 
ATOM   1462 C CE1 . PHE   A 1 171 ? -3.282  -7.075  -13.762 1.00 16.14 ? 177 PHE   B CE1 1 
ATOM   1463 C CE2 . PHE   A 1 171 ? -2.261  -8.325  -12.021 1.00 16.30 ? 177 PHE   B CE2 1 
ATOM   1464 C CZ  . PHE   A 1 171 ? -2.164  -7.592  -13.164 1.00 15.52 ? 177 PHE   B CZ  1 
ATOM   1465 N N   . ASN   A 1 172 ? -8.921  -7.672  -11.397 1.00 11.84 ? 178 ASN   B N   1 
ATOM   1466 C CA  . ASN   A 1 172 ? -10.356 -7.989  -11.210 1.00 10.28 ? 178 ASN   B CA  1 
ATOM   1467 C C   . ASN   A 1 172 ? -10.745 -9.034  -12.272 1.00 11.02 ? 178 ASN   B C   1 
ATOM   1468 O O   . ASN   A 1 172 ? -11.770 -8.880  -12.973 1.00 13.05 ? 178 ASN   B O   1 
ATOM   1469 C CB  . ASN   A 1 172 ? -11.208 -6.747  -11.305 1.00 11.52 ? 178 ASN   B CB  1 
ATOM   1470 C CG  . ASN   A 1 172 ? -12.657 -7.002  -10.981 1.00 11.44 ? 178 ASN   B CG  1 
ATOM   1471 O OD1 . ASN   A 1 172 ? -13.011 -7.885  -10.201 1.00 11.55 ? 178 ASN   B OD1 1 
ATOM   1472 N ND2 . ASN   A 1 172 ? -13.522 -6.158  -11.533 1.00 13.03 ? 178 ASN   B ND2 1 
ATOM   1473 N N   . TYR   A 1 173 ? -10.040 -10.143 -12.307 1.00 11.61 ? 179 TYR   B N   1 
ATOM   1474 C CA  . TYR   A 1 173 ? -10.418 -11.268 -13.211 1.00 11.18 ? 179 TYR   B CA  1 
ATOM   1475 C C   . TYR   A 1 173 ? -11.757 -11.875 -12.769 1.00 12.70 ? 179 TYR   B C   1 
ATOM   1476 O O   . TYR   A 1 173 ? -12.518 -12.435 -13.620 1.00 13.74 ? 179 TYR   B O   1 
ATOM   1477 C CB  . TYR   A 1 173 ? -9.346  -12.360 -13.185 1.00 12.07 ? 179 TYR   B CB  1 
ATOM   1478 C CG  . TYR   A 1 173 ? -8.012  -11.967 -13.747 1.00 14.31 ? 179 TYR   B CG  1 
ATOM   1479 C CD1 . TYR   A 1 173 ? -7.846  -11.849 -15.113 1.00 18.25 ? 179 TYR   B CD1 1 
ATOM   1480 C CD2 . TYR   A 1 173 ? -6.910  -11.793 -12.919 1.00 16.36 ? 179 TYR   B CD2 1 
ATOM   1481 C CE1 . TYR   A 1 173 ? -6.636  -11.428 -15.659 1.00 19.41 ? 179 TYR   B CE1 1 
ATOM   1482 C CE2 . TYR   A 1 173 ? -5.692  -11.368 -13.457 1.00 17.74 ? 179 TYR   B CE2 1 
ATOM   1483 C CZ  . TYR   A 1 173 ? -5.560  -11.217 -14.818 1.00 19.02 ? 179 TYR   B CZ  1 
ATOM   1484 O OH  . TYR   A 1 173 ? -4.341  -10.853 -15.352 1.00 25.17 ? 179 TYR   B OH  1 
ATOM   1485 N N   . SER   A 1 174 ? -12.086 -11.879 -11.484 1.00 11.61 ? 180 SER   B N   1 
ATOM   1486 C CA  . SER   A 1 174 ? -13.253 -12.574 -10.877 1.00 12.47 ? 180 SER   B CA  1 
ATOM   1487 C C   . SER   A 1 174 ? -14.537 -11.748 -11.040 1.00 12.34 ? 180 SER   B C   1 
ATOM   1488 O O   . SER   A 1 174 ? -15.629 -12.301 -10.831 1.00 13.59 ? 180 SER   B O   1 
ATOM   1489 C CB  . SER   A 1 174 ? -13.068 -12.857 -9.419  1.00 12.72 ? 180 SER   B CB  1 
ATOM   1490 O OG  . SER   A 1 174 ? -12.954 -11.611 -8.718  1.00 13.54 ? 180 SER   B OG  1 
ATOM   1491 N N   . GLY   A 1 175 ? -14.424 -10.444 -11.244 1.00 11.77 ? 181 GLY   B N   1 
ATOM   1492 C CA  . GLY   A 1 175 ? -15.598 -9.551  -11.155 1.00 12.10 ? 181 GLY   B CA  1 
ATOM   1493 C C   . GLY   A 1 175 ? -15.984 -9.254  -9.728  1.00 13.17 ? 181 GLY   B C   1 
ATOM   1494 O O   . GLY   A 1 175 ? -16.978 -8.558  -9.535  1.00 16.07 ? 181 GLY   B O   1 
ATOM   1495 N N   . GLY   A 1 176 ? -15.228 -9.744  -8.732  1.00 12.45 ? 182 GLY   B N   1 
ATOM   1496 C CA  . GLY   A 1 176 ? -15.508 -9.493  -7.317  1.00 12.14 ? 182 GLY   B CA  1 
ATOM   1497 C C   . GLY   A 1 176 ? -14.496 -8.542  -6.666  1.00 12.67 ? 182 GLY   B C   1 
ATOM   1498 O O   . GLY   A 1 176 ? -14.627 -8.353  -5.432  1.00 14.35 ? 182 GLY   B O   1 
ATOM   1499 N N   . ASN   A 1 177 ? -13.604 -7.941  -7.435  1.00 10.53 ? 183 ASN   B N   1 
ATOM   1500 C CA  . ASN   A 1 177 ? -12.567 -7.067  -6.841  1.00 10.61 ? 183 ASN   B CA  1 
ATOM   1501 C C   . ASN   A 1 177 ? -12.558 -5.665  -7.449  1.00 10.82 ? 183 ASN   B C   1 
ATOM   1502 O O   . ASN   A 1 177 ? -11.505 -5.019  -7.429  1.00 11.80 ? 183 ASN   B O   1 
ATOM   1503 C CB  . ASN   A 1 177 ? -11.187 -7.721  -6.948  1.00 10.57 ? 183 ASN   B CB  1 
ATOM   1504 C CG  . ASN   A 1 177 ? -10.179 -7.084  -6.026  1.00 10.96 ? 183 ASN   B CG  1 
ATOM   1505 O OD1 . ASN   A 1 177 ? -10.529 -6.738  -4.915  1.00 11.05 ? 183 ASN   B OD1 1 
ATOM   1506 N ND2 . ASN   A 1 177 ? -8.951  -6.961  -6.507  1.00 10.79 ? 183 ASN   B ND2 1 
ATOM   1507 N N   . ALA   A 1 178 ? -13.684 -5.135  -7.882  1.00 11.55 ? 184 ALA   B N   1 
ATOM   1508 C CA  . ALA   A 1 178 ? -13.739 -3.786  -8.489  1.00 12.28 ? 184 ALA   B CA  1 
ATOM   1509 C C   . ALA   A 1 178 ? -13.655 -2.667  -7.440  1.00 11.89 ? 184 ALA   B C   1 
ATOM   1510 O O   . ALA   A 1 178 ? -13.378 -1.527  -7.835  1.00 13.53 ? 184 ALA   B O   1 
ATOM   1511 C CB  . ALA   A 1 178 ? -15.047 -3.634  -9.283  1.00 12.70 ? 184 ALA   B CB  1 
ATOM   1512 N N   . ALA   A 1 179 ? -13.928 -2.971  -6.172  1.00 11.79 ? 185 ALA   B N   1 
ATOM   1513 C CA  . ALA   A 1 179 ? -14.042 -1.889  -5.162  1.00 12.05 ? 185 ALA   B CA  1 
ATOM   1514 C C   . ALA   A 1 179 ? -12.712 -1.120  -5.056  1.00 12.49 ? 185 ALA   B C   1 
ATOM   1515 O O   . ALA   A 1 179 ? -11.619 -1.681  -5.217  1.00 11.46 ? 185 ALA   B O   1 
ATOM   1516 C CB  . ALA   A 1 179 ? -14.442 -2.439  -3.825  1.00 12.35 ? 185 ALA   B CB  1 
ATOM   1517 N N   . PRO   A 1 180 ? -12.770 0.177   -4.692  1.00 11.68 ? 186 PRO   B N   1 
ATOM   1518 C CA  . PRO   A 1 180 ? -11.567 1.004   -4.567  1.00 11.55 ? 186 PRO   B CA  1 
ATOM   1519 C C   . PRO   A 1 180 ? -10.795 0.761   -3.250  1.00 10.46 ? 186 PRO   B C   1 
ATOM   1520 O O   . PRO   A 1 180 ? -11.359 0.227   -2.271  1.00 11.42 ? 186 PRO   B O   1 
ATOM   1521 C CB  . PRO   A 1 180 ? -12.139 2.427   -4.531  1.00 12.60 ? 186 PRO   B CB  1 
ATOM   1522 C CG  . PRO   A 1 180 ? -13.461 2.264   -3.864  1.00 12.85 ? 186 PRO   B CG  1 
ATOM   1523 C CD  . PRO   A 1 180 ? -13.995 0.952   -4.449  1.00 13.47 ? 186 PRO   B CD  1 
ATOM   1524 N N   . LEU   A 1 181 ? -9.541  1.195   -3.247  1.00 11.11 ? 187 LEU   B N   1 
ATOM   1525 C CA  . LEU   A 1 181 ? -8.831  1.569   -2.015  1.00 10.84 ? 187 LEU   B CA  1 
ATOM   1526 C C   . LEU   A 1 181 ? -9.148  3.034   -1.740  1.00 10.77 ? 187 LEU   B C   1 
ATOM   1527 O O   . LEU   A 1 181 ? -9.069  3.865   -2.681  1.00 12.59 ? 187 LEU   B O   1 
ATOM   1528 C CB  . LEU   A 1 181 ? -7.344  1.336   -2.204  1.00 10.92 ? 187 LEU   B CB  1 
ATOM   1529 C CG  . LEU   A 1 181 ? -6.877  -0.116  -2.370  1.00 11.69 ? 187 LEU   B CG  1 
ATOM   1530 C CD1 . LEU   A 1 181 ? -5.380  -0.181  -2.663  1.00 12.47 ? 187 LEU   B CD1 1 
ATOM   1531 C CD2 . LEU   A 1 181 ? -7.187  -0.960  -1.148  1.00 13.12 ? 187 LEU   B CD2 1 
ATOM   1532 N N   . LYS   A 1 182 ? -9.437  3.363   -0.484  1.00 11.41 ? 188 LYS   B N   1 
ATOM   1533 C CA  . LYS   A 1 182 ? -9.740  4.768   -0.109  1.00 11.84 ? 188 LYS   B CA  1 
ATOM   1534 C C   . LYS   A 1 182 ? -8.886  5.189   1.069   1.00 12.43 ? 188 LYS   B C   1 
ATOM   1535 O O   . LYS   A 1 182 ? -8.872  4.458   2.090   1.00 13.08 ? 188 LYS   B O   1 
ATOM   1536 C CB  . LYS   A 1 182 ? -11.215 4.966   0.253   1.00 14.08 ? 188 LYS   B CB  1 
ATOM   1537 C CG  . LYS   A 1 182 ? -12.231 4.485   -0.746  1.00 17.24 ? 188 LYS   B CG  1 
ATOM   1538 C CD  . LYS   A 1 182 ? -13.651 4.917   -0.343  1.00 20.65 ? 188 LYS   B CD  1 
ATOM   1539 C CE  . LYS   A 1 182 ? -14.740 4.283   -1.158  1.00 25.25 ? 188 LYS   B CE  1 
ATOM   1540 N NZ  . LYS   A 1 182 ? -16.057 4.595   -0.538  1.00 31.48 ? 188 LYS   B NZ  1 
ATOM   1541 N N   . LEU   A 1 183 ? -8.284  6.349   0.994   1.00 12.72 ? 189 LEU   B N   1 
ATOM   1542 C CA  . LEU   A 1 183 ? -7.587  6.953   2.161   1.00 12.63 ? 189 LEU   B CA  1 
ATOM   1543 C C   . LEU   A 1 183 ? -8.631  7.547   3.102   1.00 14.54 ? 189 LEU   B C   1 
ATOM   1544 O O   . LEU   A 1 183 ? -9.403  8.410   2.637   1.00 17.76 ? 189 LEU   B O   1 
ATOM   1545 C CB  . LEU   A 1 183 ? -6.563  7.971   1.676   1.00 13.95 ? 189 LEU   B CB  1 
ATOM   1546 C CG  . LEU   A 1 183 ? -5.312  7.295   1.112   1.00 15.05 ? 189 LEU   B CG  1 
ATOM   1547 C CD1 . LEU   A 1 183 ? -4.602  8.082   0.035   1.00 20.00 ? 189 LEU   B CD1 1 
ATOM   1548 C CD2 . LEU   A 1 183 ? -4.387  6.825   2.246   1.00 12.93 ? 189 LEU   B CD2 1 
ATOM   1549 N N   . CYS   A 1 184 ? -8.689  7.044   4.323   1.00 15.77 ? 190 CYS   B N   1 
ATOM   1550 C CA  . CYS   A 1 184 ? -9.746  7.429   5.308   1.00 17.48 ? 190 CYS   B CA  1 
ATOM   1551 C C   . CYS   A 1 184 ? -9.407  8.762   5.935   1.00 19.10 ? 190 CYS   B C   1 
ATOM   1552 O O   . CYS   A 1 184 ? -8.255  9.079   6.187   1.00 19.59 ? 190 CYS   B O   1 
ATOM   1553 C CB  . CYS   A 1 184 ? -9.807  6.499   6.502   1.00 19.43 ? 190 CYS   B CB  1 
ATOM   1554 S SG  . CYS   A 1 184 ? -9.819  4.759   6.091   1.00 21.28 ? 190 CYS   B SG  1 
ATOM   1555 N N   . PRO   A 1 185 ? -10.430 9.576   6.256   1.00 23.23 ? 191 PRO   B N   1 
ATOM   1556 C CA  . PRO   A 1 185 ? -10.197 10.850  6.900   1.00 27.01 ? 191 PRO   B CA  1 
ATOM   1557 C C   . PRO   A 1 185 ? -9.637  10.642  8.308   1.00 26.48 ? 191 PRO   B C   1 
ATOM   1558 O O   . PRO   A 1 185 ? -9.955  9.622   8.936   1.00 28.93 ? 191 PRO   B O   1 
ATOM   1559 C CB  . PRO   A 1 185 ? -11.600 11.496  6.883   1.00 28.38 ? 191 PRO   B CB  1 
ATOM   1560 C CG  . PRO   A 1 185 ? -12.561 10.351  6.802   1.00 28.06 ? 191 PRO   B CG  1 
ATOM   1561 C CD  . PRO   A 1 185 ? -11.849 9.304   5.985   1.00 26.12 ? 191 PRO   B CD  1 
ATOM   1562 N N   . LEU   A 1 186 ? -8.819  11.616  8.702   1.00 32.41 ? 192 LEU   B N   1 
ATOM   1563 C CA  . LEU   A 1 186 ? -8.231  11.894  10.043  1.00 36.09 ? 192 LEU   B CA  1 
ATOM   1564 C C   . LEU   A 1 186 ? -9.327  12.276  11.039  1.00 41.74 ? 192 LEU   B C   1 
ATOM   1565 O O   . LEU   A 1 186 ? -9.068  12.124  12.247  1.00 44.48 ? 192 LEU   B O   1 
ATOM   1566 C CB  . LEU   A 1 186 ? -7.242  13.058  9.903   1.00 37.53 ? 192 LEU   B CB  1 
HETATM 1567 C C1  . EDO   B 2 .   ? -8.420  -8.007  -14.876 1.00 29.14 ? 201 EDO   B C1  1 
HETATM 1568 O O1  . EDO   B 2 .   ? -8.364  -6.870  -14.049 1.00 20.67 ? 201 EDO   B O1  1 
HETATM 1569 C C2  . EDO   B 2 .   ? -7.368  -8.143  -15.940 1.00 33.94 ? 201 EDO   B C2  1 
HETATM 1570 O O2  . EDO   B 2 .   ? -7.167  -6.995  -16.748 1.00 40.11 ? 201 EDO   B O2  1 
HETATM 1571 N N1  . A1BDJ C 3 .   ? -17.661 -2.479  -4.521  0.72 44.69 ? 202 A1BDJ B N1  1 
HETATM 1572 C C4  . A1BDJ C 3 .   ? -17.459 -0.039  -7.270  0.72 40.87 ? 202 A1BDJ B C4  1 
HETATM 1573 C C5  . A1BDJ C 3 .   ? -17.042 -0.479  -8.669  0.72 41.60 ? 202 A1BDJ B C5  1 
HETATM 1574 C C6  . A1BDJ C 3 .   ? -17.133 0.650   -9.665  0.72 40.42 ? 202 A1BDJ B C6  1 
HETATM 1575 C C7  . A1BDJ C 3 .   ? -18.692 1.834   -8.375  0.72 38.86 ? 202 A1BDJ B C7  1 
HETATM 1576 C C8  . A1BDJ C 3 .   ? -18.742 0.782   -7.295  0.72 40.34 ? 202 A1BDJ B C8  1 
HETATM 1577 N N   . A1BDJ C 3 .   ? -17.622 -1.211  -6.420  0.72 41.03 ? 202 A1BDJ B N   1 
HETATM 1578 C C   . A1BDJ C 3 .   ? -17.474 -1.518  -2.374  0.72 41.10 ? 202 A1BDJ B C   1 
HETATM 1579 O O   . A1BDJ C 3 .   ? -18.426 1.248   -9.646  0.72 39.50 ? 202 A1BDJ B O   1 
HETATM 1580 C C1  . A1BDJ C 3 .   ? -17.374 -0.255  -2.891  0.72 40.88 ? 202 A1BDJ B C1  1 
HETATM 1581 C C2  . A1BDJ C 3 .   ? -17.428 -0.099  -4.265  0.72 38.95 ? 202 A1BDJ B C2  1 
HETATM 1582 C C3  . A1BDJ C 3 .   ? -17.566 -1.244  -5.055  0.72 41.75 ? 202 A1BDJ B C3  1 
HETATM 1583 C C9  . A1BDJ C 3 .   ? -17.616 -2.600  -3.185  0.72 43.76 ? 202 A1BDJ B C9  1 
HETATM 1584 F F   . A1BDJ C 3 .   ? -17.396 -1.706  -1.026  0.72 40.29 ? 202 A1BDJ B F   1 
HETATM 1585 C C1  . EDO   D 2 .   ? 7.698   -9.907  -21.610 1.00 35.72 ? 203 EDO   B C1  1 
HETATM 1586 O O1  . EDO   D 2 .   ? 7.381   -8.935  -20.626 1.00 28.66 ? 203 EDO   B O1  1 
HETATM 1587 C C2  . EDO   D 2 .   ? 7.266   -11.249 -21.212 1.00 35.65 ? 203 EDO   B C2  1 
HETATM 1588 O O2  . EDO   D 2 .   ? 5.870   -11.370 -21.317 1.00 44.52 ? 203 EDO   B O2  1 
HETATM 1589 S S   . SO4   E 4 .   ? 12.346  -11.002 -7.809  1.00 39.32 ? 204 SO4   B S   1 
HETATM 1590 O O1  . SO4   E 4 .   ? 11.916  -9.639  -7.933  1.00 25.03 ? 204 SO4   B O1  1 
HETATM 1591 O O2  . SO4   E 4 .   ? 13.279  -11.306 -8.851  1.00 43.52 ? 204 SO4   B O2  1 
HETATM 1592 O O3  . SO4   E 4 .   ? 12.973  -11.173 -6.517  1.00 43.40 ? 204 SO4   B O3  1 
HETATM 1593 O O4  . SO4   E 4 .   ? 11.213  -11.903 -7.911  1.00 39.44 ? 204 SO4   B O4  1 
HETATM 1594 O O   . HOH   F 5 .   ? -13.903 -1.149  10.169  1.00 25.39 ? 301 HOH   B O   1 
HETATM 1595 O O   . HOH   F 5 .   ? -15.899 -12.102 -3.251  1.00 27.84 ? 302 HOH   B O   1 
HETATM 1596 O O   . HOH   F 5 .   ? -11.646 -5.173  -18.725 1.00 35.28 ? 303 HOH   B O   1 
HETATM 1597 O O   . HOH   F 5 .   ? -13.309 -0.695  -10.397 1.00 17.94 ? 304 HOH   B O   1 
HETATM 1598 O O   . HOH   F 5 .   ? -16.309 -8.957  -3.468  1.00 32.80 ? 305 HOH   B O   1 
HETATM 1599 O O   . HOH   F 5 .   ? -9.579  -7.332  4.223   1.00 13.96 ? 306 HOH   B O   1 
HETATM 1600 O O   . HOH   F 5 .   ? -9.368  -4.264  -8.870  1.00 14.36 ? 307 HOH   B O   1 
HETATM 1601 O O   . HOH   F 5 .   ? -16.969 -1.179  5.474   1.00 24.45 ? 308 HOH   B O   1 
HETATM 1602 O O   . HOH   F 5 .   ? -5.274  12.096  -22.658 1.00 27.67 ? 309 HOH   B O   1 
HETATM 1603 O O   . HOH   F 5 .   ? -12.541 10.625  -0.788  1.00 24.77 ? 310 HOH   B O   1 
HETATM 1604 O O   . HOH   F 5 .   ? -9.658  -13.061 -1.054  1.00 15.44 ? 311 HOH   B O   1 
HETATM 1605 O O   . HOH   F 5 .   ? -7.373  15.693  -1.081  1.00 29.83 ? 312 HOH   B O   1 
HETATM 1606 O O   . HOH   F 5 .   ? -13.863 -0.368  -1.031  1.00 23.99 ? 313 HOH   B O   1 
HETATM 1607 O O   . HOH   F 5 .   ? -11.462 8.785   0.797   1.00 28.15 ? 314 HOH   B O   1 
HETATM 1608 O O   . HOH   F 5 .   ? -10.145 -1.704  -7.960  1.00 12.94 ? 315 HOH   B O   1 
HETATM 1609 O O   . HOH   F 5 .   ? -13.120 -19.834 1.235   1.00 40.37 ? 316 HOH   B O   1 
HETATM 1610 O O   . HOH   F 5 .   ? -13.152 -10.200 0.488   1.00 42.46 ? 317 HOH   B O   1 
HETATM 1611 O O   . HOH   F 5 .   ? -12.552 -3.786  -12.784 1.00 32.42 ? 318 HOH   B O   1 
HETATM 1612 O O   . HOH   F 5 .   ? -16.206 -0.115  7.996   1.00 30.52 ? 319 HOH   B O   1 
HETATM 1613 O O   . HOH   F 5 .   ? -10.442 -6.576  1.714   1.00 12.83 ? 320 HOH   B O   1 
HETATM 1614 O O   . HOH   F 5 .   ? -14.904 -5.521  -4.874  1.00 15.94 ? 321 HOH   B O   1 
HETATM 1615 O O   . HOH   F 5 .   ? -10.112 -4.778  -15.044 1.00 26.70 ? 322 HOH   B O   1 
HETATM 1616 O O   . HOH   F 5 .   ? -7.985  -13.608 -4.628  1.00 20.13 ? 323 HOH   B O   1 
HETATM 1617 O O   . HOH   F 5 .   ? -11.407 6.368   -8.049  1.00 22.86 ? 324 HOH   B O   1 
HETATM 1618 O O   . HOH   F 5 .   ? -16.496 -6.268  -7.774  1.00 16.03 ? 325 HOH   B O   1 
HETATM 1619 O O   . HOH   F 5 .   ? -13.152 5.242   -6.295  1.00 22.62 ? 326 HOH   B O   1 
HETATM 1620 O O   . HOH   F 5 .   ? -13.501 11.997  -9.185  1.00 31.85 ? 327 HOH   B O   1 
HETATM 1621 O O   . HOH   F 5 .   ? -11.053 -11.952 3.749   1.00 30.24 ? 328 HOH   B O   1 
HETATM 1622 O O   . HOH   F 5 .   ? -16.468 -6.262  -12.232 1.00 22.07 ? 329 HOH   B O   1 
HETATM 1623 O O   . HOH   F 5 .   ? -13.030 13.252  -5.420  1.00 29.69 ? 330 HOH   B O   1 
HETATM 1624 O O   . HOH   F 5 .   ? -13.249 2.085   -16.941 1.00 29.69 ? 331 HOH   B O   1 
HETATM 1625 O O   . HOH   F 5 .   ? -4.859  -9.611  -7.921  1.00 13.79 ? 332 HOH   B O   1 
HETATM 1626 O O   . HOH   F 5 .   ? -10.761 11.544  2.767   1.00 35.45 ? 333 HOH   B O   1 
HETATM 1627 O O   . HOH   F 5 .   ? -12.137 5.602   -19.762 1.00 31.50 ? 334 HOH   B O   1 
HETATM 1628 O O   . HOH   F 5 .   ? -11.270 -12.618 1.252   1.00 28.68 ? 335 HOH   B O   1 
HETATM 1629 O O   . HOH   F 5 .   ? -11.143 17.640  -4.798  1.00 29.14 ? 336 HOH   B O   1 
HETATM 1630 O O   . HOH   F 5 .   ? 15.652  12.790  13.896  1.00 31.30 ? 337 HOH   B O   1 
HETATM 1631 O O   . HOH   F 5 .   ? -13.546 7.973   2.287   1.00 36.19 ? 338 HOH   B O   1 
# 
